data_7E59
#
_entry.id   7E59
#
_cell.length_a   90.874
_cell.length_b   137.312
_cell.length_c   203.308
_cell.angle_alpha   90.000
_cell.angle_beta   90.000
_cell.angle_gamma   90.000
#
_symmetry.space_group_name_H-M   'P 2 21 21'
#
_entity_poly.entity_id   1
_entity_poly.type   'polypeptide(L)'
_entity_poly.pdbx_seq_one_letter_code
;SMALEIHMSDPMCLIENFNEQLKVNQEALEILSAITQPVVVVAIVGLYRTGKSYLMNKLAGKNKGFSVASTVQSHTKGIW
IWCVPHPNWPNHTLVLLDTEGLGDVEKADNKNDIQIFALALLLSSTFVYNTVNKIDQGAIDLLHNVTELTDLLKARNSPD
LDRVEDPADSASFFPDLVWTLRDFCLGLEIDGQLVTPDEYLENSLRPKQGSDQRVQNFNLPRLCIQKFFPKKKCFIFDLP
AHQKKLAQLETLPDDELEPEFVQQVTEFCSYIFSHSMTKTLPGGIMVNGSRLKNLVLTYVNAISSGDLPCIENAVLALAQ
RENSAAVQKAIAHYDQQMGQKVQLPMETLQELLDLHATSEREAIEVFMKNSFKDVDQSFQKELETLLDAKQNDICKRNLE
ASSDYCSALLKDIFGPLEEAVKQGIYSKPGGHNLFIQKTEELKAKYYREPRKGIQAEEVLQKYLKSKESVSHAILQTDQA
LTETEKK
;
_entity_poly.pdbx_strand_id   G,A,B,C
#
# COMPACT_ATOMS: atom_id res chain seq x y z
N MET A 2 11.94 4.18 -7.77
CA MET A 2 11.51 3.28 -6.70
C MET A 2 10.69 4.03 -5.65
N ALA A 3 9.39 3.74 -5.61
CA ALA A 3 8.49 4.36 -4.65
C ALA A 3 7.75 3.28 -3.90
N LEU A 4 7.82 3.34 -2.56
CA LEU A 4 7.15 2.39 -1.68
C LEU A 4 6.08 3.14 -0.90
N GLU A 5 4.82 2.91 -1.25
CA GLU A 5 3.70 3.50 -0.54
C GLU A 5 3.22 2.56 0.55
N ILE A 6 3.11 3.07 1.78
CA ILE A 6 2.77 2.28 2.95
C ILE A 6 1.48 2.81 3.53
N HIS A 7 0.56 1.90 3.87
CA HIS A 7 -0.68 2.23 4.55
C HIS A 7 -0.83 1.31 5.76
N MET A 8 -0.75 1.88 6.96
CA MET A 8 -0.88 1.12 8.19
C MET A 8 -2.28 1.29 8.77
N SER A 9 -2.78 0.23 9.40
CA SER A 9 -4.16 0.22 9.86
C SER A 9 -4.33 0.88 11.23
N ASP A 10 -3.31 0.82 12.08
CA ASP A 10 -3.41 1.33 13.44
C ASP A 10 -2.16 2.13 13.77
N PRO A 11 -2.27 3.12 14.64
CA PRO A 11 -1.09 3.93 14.99
C PRO A 11 -0.13 3.16 15.88
N MET A 12 1.11 3.62 15.87
CA MET A 12 2.20 3.04 16.66
C MET A 12 2.80 4.09 17.56
N CYS A 13 3.58 3.64 18.54
CA CYS A 13 4.33 4.54 19.39
C CYS A 13 5.62 4.96 18.69
N LEU A 14 5.92 6.25 18.73
CA LEU A 14 7.11 6.79 18.08
C LEU A 14 8.17 7.19 19.10
N ILE A 15 7.82 8.06 20.05
CA ILE A 15 8.74 8.49 21.10
C ILE A 15 8.16 8.04 22.44
N GLU A 16 9.02 7.51 23.31
CA GLU A 16 8.62 7.01 24.61
C GLU A 16 9.23 7.89 25.70
N ASN A 17 8.38 8.39 26.60
CA ASN A 17 8.83 9.12 27.77
C ASN A 17 8.64 8.30 29.05
N PHE A 18 8.53 6.99 28.92
CA PHE A 18 8.43 6.12 30.08
C PHE A 18 9.74 6.17 30.87
N ASN A 19 9.62 6.01 32.19
CA ASN A 19 10.74 6.19 33.13
C ASN A 19 11.17 7.65 33.03
N GLU A 20 12.39 7.95 32.60
CA GLU A 20 12.83 9.35 32.53
C GLU A 20 13.48 9.68 31.18
N GLN A 21 14.03 8.67 30.52
CA GLN A 21 14.74 8.88 29.27
C GLN A 21 13.78 8.86 28.09
N LEU A 22 14.12 9.64 27.06
CA LEU A 22 13.35 9.66 25.82
C LEU A 22 13.85 8.54 24.92
N LYS A 23 13.06 7.49 24.80
CA LYS A 23 13.41 6.34 23.99
C LYS A 23 12.65 6.39 22.67
N VAL A 24 13.34 6.02 21.59
CA VAL A 24 12.77 6.06 20.24
C VAL A 24 12.43 4.62 19.83
N ASN A 25 11.19 4.42 19.39
CA ASN A 25 10.76 3.12 18.91
C ASN A 25 11.37 2.87 17.54
N GLN A 26 12.29 1.89 17.46
CA GLN A 26 12.97 1.64 16.20
C GLN A 26 12.04 1.06 15.15
N GLU A 27 11.05 0.25 15.56
CA GLU A 27 10.14 -0.33 14.60
C GLU A 27 9.32 0.73 13.88
N ALA A 28 8.97 1.81 14.59
CA ALA A 28 8.25 2.90 13.95
C ALA A 28 9.14 3.68 12.99
N LEU A 29 10.47 3.62 13.16
CA LEU A 29 11.37 4.32 12.26
C LEU A 29 11.56 3.58 10.94
N GLU A 30 11.56 2.25 10.96
CA GLU A 30 11.69 1.50 9.71
C GLU A 30 10.49 1.72 8.81
N ILE A 31 9.29 1.81 9.40
CA ILE A 31 8.10 2.09 8.61
C ILE A 31 8.14 3.52 8.08
N LEU A 32 8.61 4.46 8.90
CA LEU A 32 8.67 5.86 8.48
C LEU A 32 9.76 6.06 7.43
N SER A 33 10.91 5.42 7.60
CA SER A 33 12.02 5.63 6.66
C SER A 33 11.70 5.11 5.27
N ALA A 34 10.91 4.04 5.17
CA ALA A 34 10.59 3.46 3.87
C ALA A 34 9.61 4.31 3.07
N ILE A 35 8.99 5.32 3.69
CA ILE A 35 8.07 6.20 2.97
C ILE A 35 8.87 7.12 2.05
N THR A 36 8.51 7.11 0.76
CA THR A 36 9.21 7.90 -0.24
C THR A 36 8.44 9.14 -0.67
N GLN A 37 7.14 9.19 -0.44
CA GLN A 37 6.35 10.34 -0.82
C GLN A 37 6.60 11.50 0.16
N PRO A 38 6.31 12.73 -0.25
CA PRO A 38 6.36 13.84 0.70
C PRO A 38 5.30 13.69 1.77
N VAL A 39 5.62 14.16 2.97
CA VAL A 39 4.79 13.94 4.15
C VAL A 39 4.19 15.28 4.61
N VAL A 40 2.93 15.23 5.00
CA VAL A 40 2.25 16.35 5.63
C VAL A 40 2.05 15.96 7.09
N VAL A 41 2.86 16.53 7.98
CA VAL A 41 2.88 16.14 9.38
C VAL A 41 2.02 17.13 10.16
N VAL A 42 0.85 16.67 10.60
CA VAL A 42 -0.02 17.45 11.49
C VAL A 42 0.02 16.78 12.86
N ALA A 43 0.49 17.53 13.85
CA ALA A 43 0.63 17.02 15.21
C ALA A 43 -0.58 17.42 16.04
N ILE A 44 -1.14 16.46 16.78
CA ILE A 44 -2.30 16.68 17.61
C ILE A 44 -1.83 16.61 19.07
N VAL A 45 -1.93 17.73 19.77
CA VAL A 45 -1.56 17.83 21.18
C VAL A 45 -2.82 18.17 21.96
N GLY A 46 -3.27 17.25 22.80
CA GLY A 46 -4.46 17.45 23.59
C GLY A 46 -4.18 17.62 25.07
N LEU A 47 -4.37 18.83 25.59
CA LEU A 47 -4.09 19.10 26.98
C LEU A 47 -5.28 18.73 27.86
N TYR A 48 -5.01 18.61 29.17
CA TYR A 48 -6.03 18.35 30.18
C TYR A 48 -6.77 17.04 29.93
N ARG A 49 -8.04 17.14 29.54
CA ARG A 49 -8.88 15.96 29.38
C ARG A 49 -8.41 15.12 28.20
N THR A 50 -8.45 13.79 28.39
CA THR A 50 -8.15 12.88 27.31
C THR A 50 -9.27 12.86 26.28
N GLY A 51 -8.89 12.77 25.01
CA GLY A 51 -9.86 12.78 23.93
C GLY A 51 -9.89 11.50 23.13
N LYS A 52 -9.48 10.40 23.76
CA LYS A 52 -9.42 9.05 23.18
C LYS A 52 -8.91 9.04 21.74
N SER A 53 -8.07 10.01 21.38
CA SER A 53 -7.54 10.14 20.03
C SER A 53 -8.65 10.21 18.99
N TYR A 54 -9.70 10.97 19.29
CA TYR A 54 -10.85 11.04 18.40
C TYR A 54 -10.52 11.82 17.13
N LEU A 55 -9.83 12.96 17.27
CA LEU A 55 -9.47 13.74 16.09
C LEU A 55 -8.48 12.99 15.20
N MET A 56 -7.65 12.13 15.79
CA MET A 56 -6.68 11.39 14.99
C MET A 56 -7.38 10.36 14.11
N ASN A 57 -8.46 9.76 14.60
CA ASN A 57 -9.16 8.75 13.81
C ASN A 57 -9.92 9.37 12.66
N LYS A 58 -10.50 10.57 12.87
CA LYS A 58 -11.23 11.24 11.80
C LYS A 58 -10.28 11.70 10.70
N LEU A 59 -9.06 12.12 11.07
CA LEU A 59 -8.09 12.53 10.07
C LEU A 59 -7.51 11.34 9.31
N ALA A 60 -7.55 10.14 9.89
CA ALA A 60 -7.00 8.95 9.25
C ALA A 60 -7.96 8.29 8.29
N GLY A 61 -9.24 8.67 8.30
CA GLY A 61 -10.22 8.12 7.38
C GLY A 61 -11.09 7.01 7.93
N LYS A 62 -11.20 6.88 9.25
CA LYS A 62 -12.07 5.85 9.84
C LYS A 62 -12.37 6.18 11.29
N GLN A 73 -6.48 2.25 24.88
CA GLN A 73 -5.34 2.94 24.30
C GLN A 73 -5.26 4.37 24.83
N SER A 74 -4.05 4.81 25.18
CA SER A 74 -3.84 6.15 25.73
C SER A 74 -2.50 6.68 25.25
N HIS A 75 -2.51 7.87 24.66
CA HIS A 75 -1.30 8.47 24.09
C HIS A 75 -0.76 9.57 25.01
N THR A 76 -0.45 9.18 26.25
CA THR A 76 -0.03 10.16 27.25
C THR A 76 1.46 10.46 27.16
N LYS A 77 2.28 9.72 27.90
CA LYS A 77 3.71 10.02 28.02
C LYS A 77 4.45 9.50 26.79
N GLY A 78 4.29 10.21 25.68
CA GLY A 78 4.95 9.85 24.45
C GLY A 78 4.16 10.33 23.25
N ILE A 79 4.78 10.20 22.08
CA ILE A 79 4.19 10.59 20.81
C ILE A 79 3.84 9.33 20.03
N TRP A 80 2.66 9.34 19.42
CA TRP A 80 2.20 8.24 18.57
C TRP A 80 2.09 8.71 17.13
N ILE A 81 2.53 7.86 16.20
CA ILE A 81 2.57 8.21 14.78
C ILE A 81 1.63 7.31 14.01
N TRP A 82 1.05 7.85 12.94
CA TRP A 82 0.12 7.09 12.10
C TRP A 82 0.20 7.66 10.68
N CYS A 83 0.60 6.82 9.74
CA CYS A 83 0.82 7.23 8.36
C CYS A 83 -0.32 6.71 7.49
N VAL A 84 -1.03 7.63 6.84
CA VAL A 84 -2.11 7.27 5.93
C VAL A 84 -1.96 8.09 4.65
N PRO A 85 -2.45 7.60 3.51
CA PRO A 85 -2.41 8.42 2.29
C PRO A 85 -3.33 9.61 2.38
N HIS A 86 -2.86 10.74 1.89
CA HIS A 86 -3.65 11.96 1.91
C HIS A 86 -4.90 11.78 1.06
N PRO A 87 -6.09 12.11 1.58
CA PRO A 87 -7.32 11.87 0.80
C PRO A 87 -7.50 12.80 -0.38
N ASN A 88 -7.00 14.03 -0.31
CA ASN A 88 -7.17 15.00 -1.38
C ASN A 88 -5.92 15.18 -2.23
N TRP A 89 -4.74 14.88 -1.69
CA TRP A 89 -3.48 15.12 -2.38
C TRP A 89 -2.89 13.81 -2.86
N PRO A 90 -2.91 13.52 -4.16
CA PRO A 90 -2.33 12.26 -4.64
C PRO A 90 -0.81 12.25 -4.49
N ASN A 91 -0.27 11.06 -4.29
CA ASN A 91 1.16 10.84 -4.09
C ASN A 91 1.70 11.63 -2.89
N HIS A 92 0.86 11.81 -1.87
CA HIS A 92 1.26 12.48 -0.64
C HIS A 92 0.83 11.63 0.55
N THR A 93 1.72 11.54 1.53
CA THR A 93 1.49 10.74 2.73
C THR A 93 1.12 11.65 3.89
N LEU A 94 -0.02 11.39 4.52
CA LEU A 94 -0.44 12.13 5.70
C LEU A 94 0.12 11.45 6.93
N VAL A 95 0.93 12.19 7.70
CA VAL A 95 1.55 11.69 8.92
C VAL A 95 0.89 12.36 10.10
N LEU A 96 0.27 11.56 10.97
CA LEU A 96 -0.46 12.06 12.13
C LEU A 96 0.36 11.81 13.39
N LEU A 97 0.52 12.83 14.21
CA LEU A 97 1.20 12.73 15.50
C LEU A 97 0.21 13.10 16.59
N ASP A 98 0.02 12.20 17.56
CA ASP A 98 -0.92 12.42 18.64
C ASP A 98 -0.21 12.31 19.99
N THR A 99 -0.52 13.24 20.89
CA THR A 99 0.07 13.25 22.22
C THR A 99 -0.89 14.00 23.15
N GLU A 100 -1.02 13.52 24.38
CA GLU A 100 -1.85 14.17 25.38
C GLU A 100 -1.11 14.19 26.71
N GLY A 101 -1.50 15.14 27.56
CA GLY A 101 -0.89 15.28 28.87
C GLY A 101 -1.88 15.61 29.97
N ALA A 108 -0.65 22.22 37.45
CA ALA A 108 0.45 22.58 36.56
C ALA A 108 1.19 21.35 36.06
N ASP A 109 1.15 21.13 34.75
CA ASP A 109 1.84 19.99 34.16
C ASP A 109 3.34 20.15 34.27
N ASN A 110 4.03 19.03 34.44
CA ASN A 110 5.47 19.05 34.69
C ASN A 110 6.24 19.41 33.41
N LYS A 111 7.57 19.42 33.53
CA LYS A 111 8.45 19.82 32.45
C LYS A 111 8.73 18.70 31.46
N ASN A 112 8.44 17.45 31.80
CA ASN A 112 8.76 16.34 30.90
C ASN A 112 7.82 16.30 29.70
N ASP A 113 6.57 16.73 29.88
CA ASP A 113 5.62 16.76 28.77
C ASP A 113 5.86 17.93 27.83
N ILE A 114 6.54 18.99 28.30
CA ILE A 114 6.84 20.11 27.42
C ILE A 114 7.88 19.72 26.38
N GLN A 115 8.79 18.80 26.72
CA GLN A 115 9.80 18.38 25.77
C GLN A 115 9.18 17.60 24.60
N ILE A 116 8.21 16.73 24.89
CA ILE A 116 7.59 15.96 23.82
C ILE A 116 6.60 16.82 23.05
N PHE A 117 6.03 17.85 23.67
CA PHE A 117 5.16 18.76 22.93
C PHE A 117 5.95 19.61 21.95
N ALA A 118 7.10 20.12 22.38
CA ALA A 118 7.97 20.86 21.47
C ALA A 118 8.53 19.94 20.39
N LEU A 119 8.71 18.65 20.70
CA LEU A 119 9.11 17.69 19.68
C LEU A 119 8.05 17.58 18.60
N ALA A 120 6.78 17.35 19.00
CA ALA A 120 5.70 17.28 18.04
C ALA A 120 5.54 18.59 17.28
N LEU A 121 5.87 19.72 17.92
CA LEU A 121 5.83 21.00 17.22
C LEU A 121 6.96 21.12 16.20
N LEU A 122 8.12 20.55 16.51
CA LEU A 122 9.26 20.63 15.58
C LEU A 122 9.05 19.72 14.38
N LEU A 123 8.48 18.54 14.59
CA LEU A 123 8.31 17.58 13.50
C LEU A 123 7.10 17.86 12.63
N SER A 124 6.25 18.81 13.01
CA SER A 124 4.98 19.00 12.33
C SER A 124 5.02 20.19 11.37
N SER A 125 4.11 20.16 10.40
CA SER A 125 3.78 21.32 9.60
C SER A 125 2.46 21.97 10.03
N THR A 126 1.69 21.31 10.88
CA THR A 126 0.46 21.86 11.45
C THR A 126 0.36 21.41 12.90
N PHE A 127 0.17 22.38 13.80
CA PHE A 127 0.11 22.12 15.24
C PHE A 127 -1.32 22.32 15.71
N VAL A 128 -1.98 21.22 16.05
CA VAL A 128 -3.37 21.24 16.52
C VAL A 128 -3.35 21.28 18.04
N TYR A 129 -3.64 22.44 18.61
CA TYR A 129 -3.71 22.62 20.05
C TYR A 129 -5.13 22.31 20.50
N ASN A 130 -5.30 21.22 21.23
CA ASN A 130 -6.63 20.73 21.63
C ASN A 130 -6.76 20.86 23.14
N THR A 131 -7.40 21.95 23.58
CA THR A 131 -7.65 22.19 25.00
C THR A 131 -9.14 22.00 25.29
N VAL A 132 -9.61 22.60 26.38
CA VAL A 132 -10.99 22.45 26.83
C VAL A 132 -11.49 23.78 27.36
N ASN A 133 -12.82 23.87 27.49
CA ASN A 133 -13.50 25.06 28.00
C ASN A 133 -13.19 26.28 27.14
N LYS A 134 -12.47 27.25 27.70
CA LYS A 134 -12.10 28.47 27.00
C LYS A 134 -10.60 28.69 27.15
N ILE A 135 -10.11 29.75 26.51
CA ILE A 135 -8.68 30.05 26.49
C ILE A 135 -8.33 30.80 27.77
N ASP A 136 -7.64 30.12 28.68
CA ASP A 136 -7.19 30.72 29.92
C ASP A 136 -5.71 31.07 29.83
N GLN A 137 -5.22 31.74 30.88
CA GLN A 137 -3.80 32.11 30.92
C GLN A 137 -2.92 30.87 31.04
N GLY A 138 -3.41 29.82 31.69
CA GLY A 138 -2.60 28.62 31.85
C GLY A 138 -2.31 27.92 30.53
N ALA A 139 -3.32 27.81 29.66
CA ALA A 139 -3.10 27.20 28.36
C ALA A 139 -2.21 28.05 27.47
N ILE A 140 -2.29 29.38 27.60
CA ILE A 140 -1.42 30.25 26.80
C ILE A 140 0.01 30.17 27.32
N ASP A 141 0.19 30.14 28.64
CA ASP A 141 1.53 29.99 29.19
C ASP A 141 2.14 28.64 28.81
N LEU A 142 1.30 27.60 28.74
CA LEU A 142 1.80 26.28 28.35
C LEU A 142 2.24 26.27 26.90
N LEU A 143 1.42 26.83 26.01
CA LEU A 143 1.80 26.92 24.60
C LEU A 143 3.02 27.80 24.42
N HIS A 144 3.13 28.87 25.22
CA HIS A 144 4.31 29.71 25.17
C HIS A 144 5.56 28.95 25.61
N ASN A 145 5.42 28.04 26.57
CA ASN A 145 6.58 27.31 27.07
C ASN A 145 7.13 26.34 26.02
N VAL A 146 6.25 25.71 25.25
CA VAL A 146 6.73 24.72 24.28
C VAL A 146 7.43 25.41 23.11
N THR A 147 7.06 26.66 22.81
CA THR A 147 7.72 27.38 21.72
C THR A 147 9.13 27.81 22.09
N GLU A 148 9.48 27.80 23.38
CA GLU A 148 10.81 28.21 23.79
C GLU A 148 11.83 27.07 23.62
N LEU A 149 11.39 25.83 23.79
CA LEU A 149 12.30 24.70 23.58
C LEU A 149 12.69 24.57 22.12
N THR A 150 11.76 24.85 21.21
CA THR A 150 12.05 24.92 19.78
C THR A 150 12.46 26.36 19.48
N ASP A 151 13.76 26.62 19.52
CA ASP A 151 14.27 27.98 19.43
C ASP A 151 13.89 28.61 18.08
N LEU A 152 13.54 29.89 18.13
CA LEU A 152 13.20 30.66 16.94
C LEU A 152 14.14 31.83 16.70
N LEU A 153 15.20 31.94 17.49
CA LEU A 153 16.17 33.02 17.39
C LEU A 153 15.51 34.39 17.54
N ALA A 171 11.30 31.03 5.20
CA ALA A 171 10.43 32.09 5.70
C ALA A 171 9.11 31.51 6.20
N SER A 172 8.47 30.70 5.36
CA SER A 172 7.17 30.11 5.67
C SER A 172 7.28 28.65 6.13
N PHE A 173 8.39 28.29 6.78
CA PHE A 173 8.55 26.94 7.29
C PHE A 173 8.01 26.77 8.71
N PHE A 174 7.55 27.86 9.33
CA PHE A 174 6.89 27.75 10.62
C PHE A 174 5.53 27.07 10.46
N PRO A 175 5.17 26.15 11.35
CA PRO A 175 3.87 25.50 11.26
C PRO A 175 2.75 26.43 11.71
N ASP A 176 1.55 26.16 11.19
CA ASP A 176 0.37 26.94 11.53
C ASP A 176 -0.31 26.33 12.75
N LEU A 177 -1.05 27.18 13.47
CA LEU A 177 -1.71 26.79 14.71
C LEU A 177 -3.20 26.58 14.45
N VAL A 178 -3.72 25.44 14.90
CA VAL A 178 -5.14 25.14 14.86
C VAL A 178 -5.57 24.90 16.30
N TRP A 179 -6.20 25.90 16.91
CA TRP A 179 -6.63 25.83 18.30
C TRP A 179 -8.08 25.33 18.33
N THR A 180 -8.29 24.15 18.88
CA THR A 180 -9.61 23.57 19.02
C THR A 180 -10.06 23.65 20.47
N LEU A 181 -11.32 24.04 20.68
CA LEU A 181 -11.90 24.18 22.01
C LEU A 181 -13.11 23.27 22.12
N ARG A 182 -13.14 22.45 23.17
CA ARG A 182 -14.19 21.46 23.38
C ARG A 182 -15.19 21.97 24.42
N ASP A 183 -16.48 21.68 24.17
CA ASP A 183 -17.57 22.03 25.06
C ASP A 183 -17.62 23.54 25.31
N PHE A 184 -18.07 24.25 24.28
CA PHE A 184 -18.21 25.71 24.32
C PHE A 184 -16.91 26.39 24.68
N GLN A 193 -23.52 41.42 19.77
CA GLN A 193 -22.14 41.02 20.02
C GLN A 193 -21.91 39.56 19.65
N LEU A 194 -22.13 39.23 18.39
CA LEU A 194 -21.93 37.87 17.88
C LEU A 194 -20.49 37.75 17.38
N VAL A 195 -19.74 36.84 17.97
CA VAL A 195 -18.33 36.65 17.68
C VAL A 195 -18.12 35.26 17.10
N THR A 196 -17.30 35.17 16.03
CA THR A 196 -16.91 33.95 15.36
C THR A 196 -15.69 33.33 16.04
N PRO A 197 -15.55 32.00 15.99
CA PRO A 197 -14.39 31.36 16.64
C PRO A 197 -13.05 31.92 16.21
N ASP A 198 -12.91 32.33 14.95
CA ASP A 198 -11.64 32.91 14.50
C ASP A 198 -11.39 34.25 15.17
N GLU A 199 -12.43 35.10 15.27
CA GLU A 199 -12.27 36.37 15.98
C GLU A 199 -12.03 36.16 17.46
N TYR A 200 -12.55 35.08 18.03
CA TYR A 200 -12.32 34.80 19.44
C TYR A 200 -10.85 34.50 19.71
N LEU A 201 -10.24 33.67 18.87
CA LEU A 201 -8.82 33.36 19.03
C LEU A 201 -7.97 34.61 18.82
N GLU A 202 -8.34 35.45 17.84
CA GLU A 202 -7.62 36.69 17.61
C GLU A 202 -7.87 37.70 18.72
N ASN A 203 -8.99 37.60 19.43
CA ASN A 203 -9.28 38.48 20.55
C ASN A 203 -8.70 37.95 21.86
N SER A 204 -8.57 36.62 21.99
CA SER A 204 -7.93 36.04 23.16
C SER A 204 -6.42 36.29 23.19
N LEU A 205 -5.85 36.77 22.10
CA LEU A 205 -4.43 37.10 22.03
C LEU A 205 -4.18 38.60 21.95
N ARG A 206 -5.22 39.41 21.93
CA ARG A 206 -5.06 40.86 21.85
C ARG A 206 -4.48 41.40 23.16
N PRO A 207 -3.31 42.01 23.14
CA PRO A 207 -2.71 42.50 24.39
C PRO A 207 -3.30 43.83 24.82
N LYS A 208 -3.15 44.10 26.12
CA LYS A 208 -3.59 45.34 26.72
C LYS A 208 -2.40 46.27 26.95
N GLN A 209 -2.61 47.56 26.71
CA GLN A 209 -1.55 48.54 26.87
C GLN A 209 -1.16 48.67 28.34
N GLY A 210 0.12 48.91 28.57
CA GLY A 210 0.63 49.06 29.91
C GLY A 210 2.10 48.69 29.95
N SER A 211 2.68 48.84 31.14
CA SER A 211 4.10 48.54 31.31
C SER A 211 4.45 47.94 32.67
N ASP A 212 3.50 47.69 33.56
CA ASP A 212 3.81 47.03 34.82
C ASP A 212 4.21 45.58 34.58
N GLN A 213 4.87 44.99 35.59
CA GLN A 213 5.36 43.62 35.48
C GLN A 213 4.27 42.57 35.64
N ARG A 214 3.00 42.97 35.54
CA ARG A 214 1.89 42.03 35.49
C ARG A 214 1.02 42.19 34.26
N VAL A 215 1.17 43.28 33.51
CA VAL A 215 0.59 43.38 32.18
C VAL A 215 1.60 42.96 31.11
N GLN A 216 2.88 43.26 31.32
CA GLN A 216 3.92 42.78 30.42
C GLN A 216 4.00 41.25 30.44
N ASN A 217 3.87 40.65 31.63
CA ASN A 217 3.80 39.20 31.72
C ASN A 217 2.48 38.64 31.21
N PHE A 218 1.47 39.49 31.02
CA PHE A 218 0.23 39.08 30.38
C PHE A 218 0.30 39.17 28.87
N ASN A 219 1.14 40.08 28.34
CA ASN A 219 1.28 40.26 26.90
C ASN A 219 2.42 39.44 26.31
N LEU A 220 3.45 39.15 27.10
CA LEU A 220 4.62 38.45 26.57
C LEU A 220 4.28 37.07 26.01
N PRO A 221 3.53 36.21 26.71
CA PRO A 221 3.19 34.91 26.08
C PRO A 221 2.20 35.04 24.94
N ARG A 222 1.28 36.01 25.01
CA ARG A 222 0.29 36.18 23.95
C ARG A 222 0.86 36.86 22.72
N LEU A 223 1.96 37.59 22.85
CA LEU A 223 2.65 38.15 21.69
C LEU A 223 3.74 37.23 21.15
N CYS A 224 4.29 36.35 22.00
CA CYS A 224 5.31 35.43 21.51
C CYS A 224 4.73 34.38 20.57
N ILE A 225 3.47 33.99 20.78
CA ILE A 225 2.81 33.04 19.88
C ILE A 225 2.08 33.74 18.74
N GLN A 226 1.88 35.06 18.83
CA GLN A 226 1.28 35.80 17.71
C GLN A 226 2.21 35.82 16.51
N LYS A 227 3.50 36.03 16.73
CA LYS A 227 4.48 36.02 15.66
C LYS A 227 5.04 34.63 15.39
N PHE A 228 4.96 33.72 16.37
CA PHE A 228 5.45 32.36 16.14
C PHE A 228 4.60 31.63 15.11
N PHE A 229 3.27 31.72 15.25
CA PHE A 229 2.35 31.08 14.32
C PHE A 229 1.77 32.14 13.38
N PRO A 230 2.25 32.22 12.13
CA PRO A 230 1.71 33.26 11.23
C PRO A 230 0.27 33.01 10.82
N LYS A 231 -0.11 31.75 10.63
CA LYS A 231 -1.47 31.38 10.24
C LYS A 231 -2.15 30.67 11.40
N LYS A 232 -3.30 31.20 11.82
CA LYS A 232 -4.04 30.65 12.95
C LYS A 232 -5.47 30.31 12.53
N LYS A 233 -6.00 29.26 13.15
CA LYS A 233 -7.37 28.84 12.90
C LYS A 233 -7.95 28.30 14.20
N CYS A 234 -9.21 28.62 14.45
CA CYS A 234 -9.89 28.20 15.67
C CYS A 234 -11.16 27.43 15.33
N PHE A 235 -11.44 26.41 16.13
CA PHE A 235 -12.66 25.61 15.99
C PHE A 235 -13.29 25.41 17.36
N ILE A 236 -14.62 25.37 17.38
CA ILE A 236 -15.39 25.18 18.61
C ILE A 236 -16.21 23.90 18.45
N PHE A 237 -15.98 22.94 19.35
CA PHE A 237 -16.73 21.69 19.36
C PHE A 237 -17.73 21.69 20.51
N ASP A 238 -18.59 20.67 20.50
CA ASP A 238 -19.60 20.52 21.55
C ASP A 238 -19.50 19.15 22.21
N LEU A 257 -25.05 9.74 17.52
CA LEU A 257 -24.27 10.94 17.86
C LEU A 257 -25.01 12.19 17.36
N GLU A 258 -24.70 13.32 17.97
CA GLU A 258 -25.36 14.58 17.62
C GLU A 258 -25.10 14.92 16.16
N PRO A 259 -26.14 15.20 15.37
CA PRO A 259 -25.92 15.52 13.95
C PRO A 259 -25.22 16.85 13.73
N GLU A 260 -25.22 17.76 14.70
CA GLU A 260 -24.56 19.05 14.54
C GLU A 260 -23.11 19.04 15.03
N PHE A 261 -22.76 18.10 15.93
CA PHE A 261 -21.38 18.03 16.39
C PHE A 261 -20.45 17.54 15.29
N VAL A 262 -20.90 16.57 14.48
CA VAL A 262 -20.07 16.08 13.39
C VAL A 262 -19.87 17.12 12.32
N GLN A 263 -20.74 18.14 12.26
CA GLN A 263 -20.55 19.21 11.29
C GLN A 263 -19.27 20.00 11.55
N GLN A 264 -18.97 20.26 12.83
CA GLN A 264 -17.75 20.99 13.16
C GLN A 264 -16.51 20.11 13.07
N VAL A 265 -16.65 18.80 13.30
CA VAL A 265 -15.49 17.92 13.23
C VAL A 265 -15.14 17.58 11.79
N THR A 266 -16.08 17.70 10.85
CA THR A 266 -15.77 17.46 9.44
C THR A 266 -15.14 18.70 8.81
N GLU A 267 -15.65 19.89 9.11
CA GLU A 267 -15.04 21.10 8.59
C GLU A 267 -13.66 21.32 9.19
N PHE A 268 -13.41 20.78 10.39
CA PHE A 268 -12.05 20.75 10.91
C PHE A 268 -11.17 19.84 10.06
N CYS A 269 -11.68 18.67 9.66
CA CYS A 269 -10.92 17.79 8.78
C CYS A 269 -10.78 18.40 7.39
N SER A 270 -11.82 19.09 6.92
CA SER A 270 -11.73 19.75 5.62
C SER A 270 -10.70 20.87 5.63
N TYR A 271 -10.52 21.53 6.78
CA TYR A 271 -9.49 22.57 6.87
C TYR A 271 -8.11 21.95 6.91
N ILE A 272 -7.96 20.81 7.59
CA ILE A 272 -6.66 20.16 7.67
C ILE A 272 -6.27 19.59 6.30
N PHE A 273 -7.22 18.98 5.59
CA PHE A 273 -6.92 18.36 4.31
C PHE A 273 -6.69 19.38 3.21
N SER A 274 -7.18 20.60 3.36
CA SER A 274 -7.08 21.62 2.32
C SER A 274 -6.00 22.65 2.57
N HIS A 275 -5.58 22.85 3.82
CA HIS A 275 -4.61 23.88 4.16
C HIS A 275 -3.24 23.34 4.53
N SER A 276 -3.17 22.24 5.29
CA SER A 276 -1.89 21.73 5.75
C SER A 276 -0.99 21.41 4.57
N MET A 277 0.22 21.95 4.59
CA MET A 277 1.18 21.80 3.49
C MET A 277 2.23 20.76 3.83
N THR A 278 3.00 20.39 2.80
CA THR A 278 4.14 19.49 3.00
C THR A 278 5.17 20.17 3.90
N LYS A 279 5.66 19.42 4.88
CA LYS A 279 6.66 19.98 5.79
C LYS A 279 7.94 20.30 5.04
N THR A 280 8.50 21.47 5.34
CA THR A 280 9.72 21.93 4.69
C THR A 280 10.73 22.35 5.76
N LEU A 281 11.96 22.55 5.32
CA LEU A 281 13.07 23.00 6.15
C LEU A 281 13.65 24.28 5.57
N PRO A 282 14.39 25.07 6.38
CA PRO A 282 15.00 26.29 5.85
C PRO A 282 15.85 26.06 4.61
N GLY A 283 15.40 26.61 3.48
CA GLY A 283 16.10 26.45 2.22
C GLY A 283 15.24 25.83 1.14
N GLY A 284 13.93 25.80 1.36
CA GLY A 284 13.01 25.18 0.43
C GLY A 284 13.28 23.70 0.25
N ILE A 285 13.32 22.98 1.36
CA ILE A 285 13.72 21.58 1.39
C ILE A 285 12.51 20.74 1.77
N MET A 286 11.94 20.03 0.81
CA MET A 286 10.80 19.17 1.09
C MET A 286 11.24 17.96 1.91
N VAL A 287 10.36 17.53 2.81
CA VAL A 287 10.65 16.44 3.74
C VAL A 287 9.79 15.24 3.37
N ASN A 288 10.43 14.07 3.27
CA ASN A 288 9.74 12.81 3.06
C ASN A 288 9.93 11.93 4.29
N GLY A 289 9.62 10.64 4.14
CA GLY A 289 9.69 9.74 5.28
C GLY A 289 11.11 9.53 5.79
N SER A 290 12.08 9.49 4.89
CA SER A 290 13.46 9.26 5.31
C SER A 290 14.01 10.46 6.07
N ARG A 291 13.76 11.67 5.59
CA ARG A 291 14.31 12.85 6.22
C ARG A 291 13.65 13.15 7.56
N LEU A 292 12.37 12.78 7.71
CA LEU A 292 11.72 12.95 9.00
C LEU A 292 12.31 12.00 10.04
N LYS A 293 12.76 10.82 9.62
CA LYS A 293 13.44 9.91 10.54
C LYS A 293 14.70 10.53 11.11
N ASN A 294 15.51 11.18 10.25
CA ASN A 294 16.73 11.81 10.73
C ASN A 294 16.44 13.03 11.58
N LEU A 295 15.33 13.73 11.30
CA LEU A 295 14.95 14.86 12.14
C LEU A 295 14.61 14.40 13.55
N VAL A 296 13.93 13.26 13.67
CA VAL A 296 13.60 12.73 14.99
C VAL A 296 14.87 12.35 15.74
N LEU A 297 15.75 11.59 15.09
CA LEU A 297 16.99 11.17 15.75
C LEU A 297 17.87 12.37 16.12
N THR A 298 17.85 13.43 15.30
CA THR A 298 18.63 14.61 15.63
C THR A 298 18.01 15.37 16.80
N TYR A 299 16.69 15.56 16.78
CA TYR A 299 16.04 16.33 17.83
C TYR A 299 15.98 15.56 19.15
N VAL A 300 15.72 14.26 19.09
CA VAL A 300 15.62 13.47 20.32
C VAL A 300 16.99 13.38 21.01
N ASN A 301 18.02 13.05 20.24
CA ASN A 301 19.37 13.00 20.81
C ASN A 301 19.84 14.37 21.29
N ALA A 302 19.21 15.45 20.81
CA ALA A 302 19.52 16.78 21.32
C ALA A 302 18.86 17.01 22.67
N ILE A 303 17.61 16.59 22.83
CA ILE A 303 16.91 16.78 24.11
C ILE A 303 17.44 15.80 25.15
N SER A 304 17.65 14.55 24.77
CA SER A 304 18.12 13.54 25.72
C SER A 304 19.55 13.81 26.19
N SER A 305 20.29 14.65 25.48
CA SER A 305 21.65 15.02 25.88
C SER A 305 21.70 16.34 26.64
N GLY A 306 20.57 17.02 26.81
CA GLY A 306 20.52 18.25 27.55
C GLY A 306 20.68 19.51 26.73
N ASP A 307 20.85 19.40 25.42
CA ASP A 307 21.04 20.55 24.55
C ASP A 307 19.69 21.07 24.05
N LEU A 308 19.70 22.32 23.61
CA LEU A 308 18.51 22.90 22.99
C LEU A 308 18.53 22.62 21.49
N PRO A 309 17.44 22.09 20.92
CA PRO A 309 17.47 21.67 19.52
C PRO A 309 17.62 22.83 18.55
N CYS A 310 18.74 22.87 17.84
CA CYS A 310 19.00 23.88 16.81
C CYS A 310 18.63 23.29 15.45
N ILE A 311 17.94 24.10 14.65
CA ILE A 311 17.44 23.59 13.37
C ILE A 311 18.51 23.64 12.29
N GLU A 312 19.47 24.57 12.40
CA GLU A 312 20.53 24.63 11.41
C GLU A 312 21.49 23.45 11.52
N ASN A 313 21.56 22.82 12.69
CA ASN A 313 22.34 21.60 12.86
C ASN A 313 21.57 20.36 12.46
N ALA A 314 20.24 20.42 12.43
CA ALA A 314 19.45 19.28 11.99
C ALA A 314 19.54 19.11 10.48
N VAL A 315 19.56 20.22 9.74
CA VAL A 315 19.65 20.13 8.28
C VAL A 315 21.06 19.72 7.86
N LEU A 316 22.08 20.11 8.62
CA LEU A 316 23.44 19.68 8.29
C LEU A 316 23.63 18.20 8.60
N ALA A 317 23.06 17.73 9.71
CA ALA A 317 23.12 16.31 10.02
C ALA A 317 22.35 15.48 8.99
N LEU A 318 21.22 15.99 8.53
CA LEU A 318 20.47 15.31 7.48
C LEU A 318 21.26 15.29 6.18
N ALA A 319 21.94 16.39 5.86
CA ALA A 319 22.75 16.43 4.64
C ALA A 319 23.92 15.47 4.70
N GLN A 320 24.57 15.37 5.87
CA GLN A 320 25.71 14.46 6.01
C GLN A 320 25.29 13.00 5.95
N ARG A 321 24.04 12.68 6.25
CA ARG A 321 23.57 11.31 6.16
C ARG A 321 23.10 10.95 4.75
N GLU A 322 22.40 11.86 4.08
CA GLU A 322 22.00 11.58 2.70
C GLU A 322 23.19 11.53 1.76
N ASN A 323 24.28 12.21 2.10
CA ASN A 323 25.50 12.11 1.29
C ASN A 323 26.22 10.80 1.54
N SER A 324 26.26 10.34 2.79
CA SER A 324 26.85 9.04 3.08
C SER A 324 26.05 7.93 2.43
N ALA A 325 24.72 8.07 2.39
CA ALA A 325 23.90 7.11 1.66
C ALA A 325 24.13 7.19 0.16
N ALA A 326 24.52 8.37 -0.34
CA ALA A 326 24.71 8.52 -1.78
C ALA A 326 25.96 7.80 -2.26
N VAL A 327 27.07 7.90 -1.52
CA VAL A 327 28.29 7.21 -1.92
C VAL A 327 28.13 5.70 -1.81
N GLN A 328 27.19 5.22 -0.99
CA GLN A 328 26.96 3.79 -0.89
C GLN A 328 26.10 3.28 -2.05
N LYS A 329 25.09 4.06 -2.45
CA LYS A 329 24.30 3.67 -3.61
C LYS A 329 25.13 3.71 -4.88
N ALA A 330 26.14 4.57 -4.94
CA ALA A 330 27.02 4.62 -6.11
C ALA A 330 27.94 3.40 -6.15
N ILE A 331 28.51 3.04 -5.01
CA ILE A 331 29.36 1.85 -4.96
C ILE A 331 28.53 0.60 -5.19
N ALA A 332 27.30 0.57 -4.66
CA ALA A 332 26.42 -0.57 -4.88
C ALA A 332 26.12 -0.75 -6.36
N HIS A 333 25.83 0.35 -7.06
CA HIS A 333 25.58 0.26 -8.49
C HIS A 333 26.84 -0.15 -9.24
N TYR A 334 28.00 0.39 -8.83
CA TYR A 334 29.26 0.01 -9.46
C TYR A 334 29.55 -1.47 -9.26
N ASP A 335 29.35 -1.97 -8.05
CA ASP A 335 29.61 -3.39 -7.78
C ASP A 335 28.68 -4.28 -8.59
N GLN A 336 27.42 -3.89 -8.73
CA GLN A 336 26.48 -4.70 -9.50
C GLN A 336 26.87 -4.72 -10.98
N GLN A 337 27.14 -3.56 -11.56
CA GLN A 337 27.50 -3.51 -12.97
C GLN A 337 28.83 -4.23 -13.23
N MET A 338 29.78 -4.09 -12.31
CA MET A 338 31.08 -4.71 -12.52
C MET A 338 31.02 -6.22 -12.29
N GLY A 339 30.23 -6.66 -11.31
CA GLY A 339 30.11 -8.07 -11.03
C GLY A 339 29.32 -8.84 -12.07
N GLN A 340 28.50 -8.16 -12.86
CA GLN A 340 27.65 -8.83 -13.84
C GLN A 340 28.21 -8.82 -15.25
N LYS A 341 29.21 -7.98 -15.54
CA LYS A 341 29.73 -7.84 -16.89
C LYS A 341 31.17 -8.28 -17.05
N VAL A 342 31.81 -8.77 -15.99
CA VAL A 342 33.24 -9.04 -16.00
C VAL A 342 33.49 -10.50 -15.62
N GLN A 343 34.06 -11.27 -16.55
CA GLN A 343 34.72 -12.52 -16.24
C GLN A 343 36.22 -12.27 -16.22
N LEU A 344 36.87 -12.67 -15.13
CA LEU A 344 38.22 -12.18 -14.84
C LEU A 344 39.23 -12.47 -15.94
N PRO A 345 39.34 -13.68 -16.50
CA PRO A 345 40.28 -13.88 -17.61
C PRO A 345 39.87 -13.11 -18.86
N MET A 346 40.07 -11.79 -18.84
CA MET A 346 39.64 -10.95 -19.95
C MET A 346 40.60 -11.08 -21.13
N GLU A 347 40.09 -10.75 -22.31
CA GLU A 347 40.90 -10.82 -23.52
C GLU A 347 42.05 -9.82 -23.47
N THR A 348 41.72 -8.53 -23.32
CA THR A 348 42.70 -7.47 -23.28
C THR A 348 42.44 -6.56 -22.09
N LEU A 349 43.50 -5.88 -21.63
CA LEU A 349 43.36 -4.97 -20.50
C LEU A 349 42.47 -3.79 -20.85
N GLN A 350 42.48 -3.35 -22.12
CA GLN A 350 41.66 -2.20 -22.51
C GLN A 350 40.17 -2.52 -22.41
N GLU A 351 39.77 -3.77 -22.71
CA GLU A 351 38.37 -4.13 -22.59
C GLU A 351 37.91 -4.15 -21.14
N LEU A 352 38.82 -4.43 -20.21
CA LEU A 352 38.47 -4.36 -18.79
C LEU A 352 38.34 -2.91 -18.34
N LEU A 353 39.20 -2.03 -18.83
CA LEU A 353 39.14 -0.63 -18.44
C LEU A 353 37.93 0.07 -19.03
N ASP A 354 37.49 -0.34 -20.23
CA ASP A 354 36.27 0.22 -20.80
C ASP A 354 35.05 -0.19 -19.99
N LEU A 355 35.05 -1.42 -19.47
CA LEU A 355 33.98 -1.84 -18.57
C LEU A 355 33.99 -1.03 -17.28
N HIS A 356 35.18 -0.71 -16.78
CA HIS A 356 35.28 0.10 -15.56
C HIS A 356 34.80 1.52 -15.79
N ALA A 357 35.14 2.11 -16.95
CA ALA A 357 34.73 3.48 -17.23
C ALA A 357 33.22 3.61 -17.34
N THR A 358 32.57 2.63 -17.98
CA THR A 358 31.12 2.66 -18.10
C THR A 358 30.46 2.53 -16.72
N SER A 359 30.98 1.65 -15.86
CA SER A 359 30.44 1.52 -14.52
C SER A 359 30.78 2.73 -13.65
N GLU A 360 31.92 3.37 -13.91
CA GLU A 360 32.32 4.52 -13.10
C GLU A 360 31.39 5.71 -13.36
N ARG A 361 31.16 6.03 -14.64
CA ARG A 361 30.32 7.18 -14.96
C ARG A 361 28.88 6.97 -14.51
N GLU A 362 28.40 5.72 -14.50
CA GLU A 362 27.07 5.45 -13.96
C GLU A 362 27.03 5.62 -12.46
N ALA A 363 28.09 5.18 -11.76
CA ALA A 363 28.15 5.35 -10.32
C ALA A 363 28.20 6.83 -9.93
N ILE A 364 28.97 7.63 -10.68
CA ILE A 364 29.04 9.07 -10.39
C ILE A 364 27.67 9.71 -10.59
N GLU A 365 26.93 9.28 -11.61
CA GLU A 365 25.59 9.83 -11.84
C GLU A 365 24.63 9.42 -10.74
N VAL A 366 24.74 8.18 -10.24
CA VAL A 366 23.90 7.75 -9.13
C VAL A 366 24.16 8.61 -7.90
N PHE A 367 25.42 9.01 -7.69
CA PHE A 367 25.74 9.88 -6.56
C PHE A 367 25.11 11.25 -6.72
N MET A 368 25.25 11.86 -7.90
CA MET A 368 24.74 13.21 -8.09
C MET A 368 23.21 13.27 -8.03
N LYS A 369 22.54 12.19 -8.41
CA LYS A 369 21.08 12.16 -8.33
C LYS A 369 20.56 11.88 -6.93
N ASN A 370 21.43 11.53 -5.98
CA ASN A 370 21.04 11.26 -4.61
C ASN A 370 21.77 12.10 -3.58
N SER A 371 22.73 12.94 -4.00
CA SER A 371 23.41 13.82 -3.08
C SER A 371 22.49 14.98 -2.69
N PHE A 372 22.89 15.69 -1.63
CA PHE A 372 22.10 16.80 -1.11
C PHE A 372 23.03 17.76 -0.39
N LYS A 373 23.33 18.88 -1.03
CA LYS A 373 24.23 19.91 -0.49
C LYS A 373 25.59 19.29 -0.12
N ASP A 374 26.30 18.86 -1.16
CA ASP A 374 27.62 18.27 -0.99
C ASP A 374 28.61 19.35 -0.56
N VAL A 375 29.00 19.32 0.72
CA VAL A 375 29.87 20.36 1.27
C VAL A 375 31.28 20.17 0.72
N ASP A 376 31.76 21.16 -0.04
CA ASP A 376 33.11 21.21 -0.58
C ASP A 376 33.44 20.01 -1.45
N GLN A 377 32.42 19.34 -2.00
CA GLN A 377 32.61 18.12 -2.79
C GLN A 377 33.42 17.08 -2.02
N SER A 378 33.25 17.03 -0.70
CA SER A 378 34.03 16.11 0.11
C SER A 378 33.57 14.67 -0.10
N PHE A 379 32.26 14.47 -0.26
CA PHE A 379 31.75 13.12 -0.50
C PHE A 379 31.98 12.65 -1.93
N GLN A 380 32.01 13.57 -2.90
CA GLN A 380 32.27 13.18 -4.28
C GLN A 380 33.73 12.78 -4.46
N LYS A 381 34.67 13.55 -3.88
CA LYS A 381 36.06 13.15 -3.93
C LYS A 381 36.30 11.85 -3.18
N GLU A 382 35.56 11.63 -2.09
CA GLU A 382 35.66 10.35 -1.37
C GLU A 382 35.20 9.20 -2.25
N LEU A 383 34.15 9.42 -3.04
CA LEU A 383 33.66 8.36 -3.93
C LEU A 383 34.66 8.09 -5.06
N GLU A 384 35.30 9.14 -5.58
CA GLU A 384 36.22 8.96 -6.69
C GLU A 384 37.49 8.22 -6.26
N THR A 385 37.92 8.38 -5.01
CA THR A 385 39.08 7.64 -4.53
C THR A 385 38.74 6.18 -4.30
N LEU A 386 37.51 5.87 -3.88
CA LEU A 386 37.10 4.48 -3.73
C LEU A 386 36.98 3.78 -5.07
N LEU A 387 36.54 4.50 -6.11
CA LEU A 387 36.44 3.89 -7.44
C LEU A 387 37.81 3.62 -8.03
N ASP A 388 38.79 4.49 -7.77
CA ASP A 388 40.14 4.26 -8.25
C ASP A 388 40.78 3.07 -7.54
N ALA A 389 40.47 2.89 -6.25
CA ALA A 389 40.97 1.72 -5.53
C ALA A 389 40.37 0.43 -6.09
N LYS A 390 39.13 0.48 -6.55
CA LYS A 390 38.52 -0.70 -7.17
C LYS A 390 39.09 -0.95 -8.56
N GLN A 391 39.57 0.11 -9.23
CA GLN A 391 40.23 -0.09 -10.52
C GLN A 391 41.58 -0.78 -10.36
N ASN A 392 42.34 -0.39 -9.33
CA ASN A 392 43.61 -1.06 -9.07
C ASN A 392 43.39 -2.49 -8.57
N ASP A 393 42.29 -2.73 -7.87
CA ASP A 393 42.04 -4.08 -7.35
C ASP A 393 41.60 -5.02 -8.47
N ILE A 394 40.76 -4.55 -9.39
CA ILE A 394 40.27 -5.42 -10.45
C ILE A 394 41.37 -5.70 -11.47
N CYS A 395 42.31 -4.78 -11.65
CA CYS A 395 43.43 -5.04 -12.54
C CYS A 395 44.41 -6.02 -11.90
N LYS A 396 44.59 -5.94 -10.59
CA LYS A 396 45.40 -6.93 -9.88
C LYS A 396 44.72 -8.29 -9.90
N ARG A 397 43.39 -8.33 -9.73
CA ARG A 397 42.67 -9.59 -9.80
C ARG A 397 42.67 -10.16 -11.22
N ASN A 398 42.80 -9.29 -12.23
CA ASN A 398 42.81 -9.78 -13.60
C ASN A 398 44.12 -10.48 -13.94
N LEU A 399 45.24 -9.96 -13.43
CA LEU A 399 46.52 -10.62 -13.67
C LEU A 399 46.63 -11.92 -12.89
N GLU A 400 46.18 -11.92 -11.64
CA GLU A 400 46.22 -13.15 -10.84
C GLU A 400 45.34 -14.23 -11.46
N ALA A 401 44.16 -13.84 -11.96
CA ALA A 401 43.29 -14.81 -12.60
C ALA A 401 43.88 -15.34 -13.90
N SER A 402 44.63 -14.50 -14.61
CA SER A 402 45.29 -14.96 -15.83
C SER A 402 46.45 -15.90 -15.51
N SER A 403 47.19 -15.61 -14.44
CA SER A 403 48.31 -16.47 -14.07
C SER A 403 47.83 -17.79 -13.50
N ASP A 404 46.78 -17.77 -12.67
CA ASP A 404 46.28 -19.00 -12.09
C ASP A 404 45.60 -19.88 -13.14
N TYR A 405 44.91 -19.27 -14.10
CA TYR A 405 44.26 -20.04 -15.14
C TYR A 405 45.27 -20.64 -16.11
N CYS A 406 46.26 -19.84 -16.52
CA CYS A 406 47.28 -20.35 -17.46
C CYS A 406 48.15 -21.41 -16.80
N SER A 407 48.34 -21.34 -15.48
CA SER A 407 49.10 -22.38 -14.80
C SER A 407 48.36 -23.71 -14.83
N ALA A 408 47.03 -23.70 -14.79
CA ALA A 408 46.27 -24.93 -14.91
C ALA A 408 46.27 -25.48 -16.32
N LEU A 409 46.51 -24.63 -17.33
CA LEU A 409 46.58 -25.11 -18.71
C LEU A 409 47.87 -25.89 -18.94
N LEU A 410 48.98 -25.45 -18.34
CA LEU A 410 50.24 -26.15 -18.53
C LEU A 410 50.25 -27.50 -17.80
N LYS A 411 49.50 -27.62 -16.71
CA LYS A 411 49.44 -28.89 -16.00
C LYS A 411 48.69 -29.96 -16.78
N ASP A 412 47.85 -29.57 -17.74
CA ASP A 412 47.12 -30.52 -18.56
C ASP A 412 47.70 -30.67 -19.96
N ILE A 413 48.23 -29.59 -20.54
CA ILE A 413 48.84 -29.69 -21.86
C ILE A 413 50.22 -30.34 -21.77
N PHE A 414 51.03 -29.95 -20.78
CA PHE A 414 52.34 -30.53 -20.55
C PHE A 414 52.32 -31.62 -19.49
N GLY A 415 51.14 -32.00 -19.01
CA GLY A 415 51.02 -33.05 -18.03
C GLY A 415 51.53 -34.38 -18.54
N PRO A 416 50.90 -34.90 -19.59
CA PRO A 416 51.40 -36.16 -20.19
C PRO A 416 52.81 -36.04 -20.77
N LEU A 417 53.27 -34.83 -21.06
CA LEU A 417 54.62 -34.67 -21.61
C LEU A 417 55.68 -34.91 -20.55
N GLU A 418 55.56 -34.20 -19.41
CA GLU A 418 56.52 -34.40 -18.32
C GLU A 418 56.34 -35.74 -17.64
N GLU A 419 55.19 -36.40 -17.83
CA GLU A 419 55.01 -37.75 -17.33
C GLU A 419 55.64 -38.78 -18.27
N ALA A 420 55.71 -38.48 -19.57
CA ALA A 420 56.33 -39.39 -20.51
C ALA A 420 57.85 -39.40 -20.35
N VAL A 421 58.45 -38.23 -20.14
CA VAL A 421 59.89 -38.16 -19.94
C VAL A 421 60.32 -38.82 -18.63
N LYS A 422 59.41 -38.95 -17.67
CA LYS A 422 59.74 -39.61 -16.42
C LYS A 422 59.96 -41.11 -16.63
N GLN A 423 59.25 -41.71 -17.57
CA GLN A 423 59.43 -43.12 -17.90
C GLN A 423 60.50 -43.34 -18.96
N GLY A 424 61.28 -42.31 -19.30
CA GLY A 424 62.36 -42.47 -20.25
C GLY A 424 61.91 -42.82 -21.65
N ILE A 425 60.74 -42.33 -22.07
CA ILE A 425 60.24 -42.65 -23.40
C ILE A 425 61.04 -41.95 -24.49
N TYR A 426 61.81 -40.92 -24.14
CA TYR A 426 62.66 -40.23 -25.09
C TYR A 426 64.13 -40.59 -24.94
N SER A 427 64.44 -41.65 -24.18
CA SER A 427 65.82 -42.09 -23.96
C SER A 427 66.26 -42.96 -25.14
N LYS A 428 66.32 -42.33 -26.31
CA LYS A 428 66.72 -43.02 -27.53
C LYS A 428 68.23 -42.85 -27.75
N GLY A 431 65.27 -39.10 -30.35
CA GLY A 431 65.13 -39.02 -28.91
C GLY A 431 64.90 -37.61 -28.42
N HIS A 432 65.98 -36.82 -28.36
CA HIS A 432 65.87 -35.43 -27.95
C HIS A 432 65.28 -34.55 -29.05
N ASN A 433 65.56 -34.89 -30.32
CA ASN A 433 64.94 -34.15 -31.42
C ASN A 433 63.45 -34.36 -31.48
N LEU A 434 62.96 -35.49 -30.98
CA LEU A 434 61.52 -35.73 -30.87
C LEU A 434 60.91 -35.13 -29.61
N PHE A 435 61.74 -34.74 -28.64
CA PHE A 435 61.22 -34.08 -27.44
C PHE A 435 61.03 -32.59 -27.66
N ILE A 436 61.96 -31.96 -28.38
CA ILE A 436 61.83 -30.52 -28.65
C ILE A 436 60.67 -30.26 -29.62
N GLN A 437 60.44 -31.16 -30.57
CA GLN A 437 59.33 -30.97 -31.51
C GLN A 437 57.99 -31.28 -30.88
N LYS A 438 57.96 -32.13 -29.85
CA LYS A 438 56.71 -32.39 -29.14
C LYS A 438 56.36 -31.24 -28.20
N THR A 439 57.36 -30.64 -27.55
CA THR A 439 57.12 -29.46 -26.74
C THR A 439 56.69 -28.28 -27.61
N GLU A 440 57.27 -28.16 -28.79
CA GLU A 440 56.84 -27.12 -29.74
C GLU A 440 55.41 -27.36 -30.20
N GLU A 441 55.01 -28.63 -30.35
CA GLU A 441 53.64 -28.93 -30.75
C GLU A 441 52.65 -28.55 -29.65
N LEU A 442 53.04 -28.74 -28.39
CA LEU A 442 52.16 -28.38 -27.28
C LEU A 442 52.05 -26.88 -27.07
N LYS A 443 53.03 -26.10 -27.55
CA LYS A 443 52.93 -24.66 -27.43
C LYS A 443 51.95 -24.09 -28.45
N ALA A 444 51.75 -24.78 -29.57
CA ALA A 444 50.72 -24.34 -30.53
C ALA A 444 49.33 -24.58 -29.98
N LYS A 445 49.14 -25.67 -29.23
CA LYS A 445 47.86 -25.92 -28.58
C LYS A 445 47.62 -24.94 -27.43
N TYR A 446 48.70 -24.51 -26.76
CA TYR A 446 48.55 -23.57 -25.66
C TYR A 446 48.25 -22.17 -26.15
N TYR A 447 48.89 -21.76 -27.25
CA TYR A 447 48.66 -20.42 -27.78
C TYR A 447 47.30 -20.30 -28.44
N ARG A 448 46.74 -21.40 -28.93
CA ARG A 448 45.45 -21.40 -29.58
C ARG A 448 44.29 -21.70 -28.62
N GLU A 449 44.53 -21.63 -27.31
CA GLU A 449 43.44 -21.68 -26.36
C GLU A 449 42.57 -20.43 -26.52
N PRO A 450 41.27 -20.53 -26.33
CA PRO A 450 40.35 -19.41 -26.63
C PRO A 450 40.47 -18.06 -25.89
N ARG A 451 40.51 -18.04 -24.57
CA ARG A 451 40.79 -16.83 -23.81
C ARG A 451 41.56 -17.23 -22.55
N LYS A 452 42.83 -16.86 -22.50
CA LYS A 452 43.69 -17.20 -21.37
C LYS A 452 44.23 -15.98 -20.63
N GLY A 453 43.83 -14.78 -21.01
CA GLY A 453 44.30 -13.59 -20.34
C GLY A 453 45.54 -13.01 -20.99
N ILE A 454 46.09 -11.99 -20.31
CA ILE A 454 47.27 -11.29 -20.83
C ILE A 454 48.56 -11.78 -20.18
N GLN A 455 48.49 -12.62 -19.15
CA GLN A 455 49.66 -13.20 -18.51
C GLN A 455 50.03 -14.56 -19.09
N ALA A 456 49.65 -14.85 -20.32
CA ALA A 456 49.88 -16.18 -20.89
C ALA A 456 51.32 -16.36 -21.32
N GLU A 457 51.95 -15.32 -21.86
CA GLU A 457 53.31 -15.46 -22.36
C GLU A 457 54.33 -15.55 -21.22
N GLU A 458 54.11 -14.79 -20.15
CA GLU A 458 55.08 -14.76 -19.06
C GLU A 458 55.07 -16.07 -18.28
N VAL A 459 53.90 -16.68 -18.11
CA VAL A 459 53.83 -17.92 -17.34
C VAL A 459 54.36 -19.10 -18.15
N LEU A 460 54.23 -19.05 -19.48
CA LEU A 460 54.75 -20.13 -20.32
C LEU A 460 56.27 -20.13 -20.33
N GLN A 461 56.88 -18.96 -20.50
CA GLN A 461 58.33 -18.87 -20.49
C GLN A 461 58.90 -19.24 -19.13
N LYS A 462 58.25 -18.81 -18.06
CA LYS A 462 58.68 -19.19 -16.72
C LYS A 462 58.65 -20.70 -16.52
N TYR A 463 57.71 -21.38 -17.19
CA TYR A 463 57.67 -22.84 -17.11
C TYR A 463 58.72 -23.47 -18.01
N LEU A 464 58.98 -22.89 -19.19
CA LEU A 464 59.94 -23.48 -20.11
C LEU A 464 61.37 -23.34 -19.58
N LYS A 465 61.67 -22.22 -18.90
CA LYS A 465 63.00 -22.06 -18.33
C LYS A 465 63.22 -22.98 -17.14
N SER A 466 62.15 -23.49 -16.53
CA SER A 466 62.27 -24.48 -15.46
C SER A 466 62.49 -25.89 -15.97
N LYS A 467 62.29 -26.12 -17.28
CA LYS A 467 62.49 -27.43 -17.89
C LYS A 467 63.77 -27.50 -18.71
N GLU A 468 64.66 -26.52 -18.59
CA GLU A 468 65.91 -26.56 -19.33
C GLU A 468 66.79 -27.72 -18.86
N SER A 469 66.82 -27.99 -17.56
CA SER A 469 67.61 -29.10 -17.04
C SER A 469 67.06 -30.44 -17.51
N VAL A 470 65.73 -30.56 -17.67
CA VAL A 470 65.15 -31.79 -18.18
C VAL A 470 65.48 -31.95 -19.66
N SER A 471 65.48 -30.84 -20.41
CA SER A 471 65.82 -30.92 -21.83
C SER A 471 67.30 -31.20 -22.03
N HIS A 472 68.16 -30.64 -21.19
CA HIS A 472 69.58 -30.93 -21.27
C HIS A 472 69.88 -32.38 -20.92
N ALA A 473 69.07 -32.99 -20.05
CA ALA A 473 69.30 -34.36 -19.66
C ALA A 473 68.89 -35.34 -20.76
N ILE A 474 67.80 -35.02 -21.48
CA ILE A 474 67.39 -35.88 -22.59
C ILE A 474 68.42 -35.82 -23.71
N LEU A 475 69.01 -34.64 -23.94
CA LEU A 475 70.06 -34.52 -24.96
C LEU A 475 71.29 -35.33 -24.59
N GLN A 476 71.64 -35.35 -23.29
CA GLN A 476 72.76 -36.17 -22.84
C GLN A 476 72.47 -37.66 -23.06
N THR A 477 71.25 -38.10 -22.76
CA THR A 477 70.90 -39.49 -22.94
C THR A 477 70.76 -39.85 -24.41
N ASP A 478 70.19 -38.93 -25.21
CA ASP A 478 70.05 -39.19 -26.64
C ASP A 478 71.39 -39.28 -27.33
N GLN A 479 72.36 -38.45 -26.92
CA GLN A 479 73.69 -38.50 -27.50
C GLN A 479 74.54 -39.63 -26.91
N ALA A 480 74.15 -40.19 -25.78
CA ALA A 480 74.92 -41.27 -25.18
C ALA A 480 74.63 -42.62 -25.84
N LEU A 481 73.41 -42.82 -26.33
CA LEU A 481 73.05 -44.07 -26.96
C LEU A 481 73.31 -44.09 -28.46
N THR A 482 73.47 -42.92 -29.09
CA THR A 482 73.79 -42.89 -30.52
C THR A 482 75.21 -43.33 -30.78
N GLU A 483 76.11 -43.14 -29.80
CA GLU A 483 77.49 -43.58 -29.95
C GLU A 483 77.66 -45.08 -29.73
N THR A 484 76.75 -45.70 -28.98
CA THR A 484 76.82 -47.14 -28.72
C THR A 484 76.14 -47.93 -29.83
N MET B 2 -1.17 -4.88 14.31
CA MET B 2 -1.12 -3.97 13.18
C MET B 2 -0.98 -4.74 11.87
N ALA B 3 -1.49 -4.17 10.78
CA ALA B 3 -1.43 -4.77 9.45
C ALA B 3 -0.94 -3.70 8.48
N LEU B 4 0.37 -3.71 8.23
CA LEU B 4 0.99 -2.77 7.30
C LEU B 4 0.94 -3.34 5.89
N GLU B 5 0.22 -2.68 4.99
CA GLU B 5 0.09 -3.09 3.60
C GLU B 5 0.98 -2.21 2.74
N ILE B 6 1.89 -2.85 1.99
CA ILE B 6 2.83 -2.13 1.15
C ILE B 6 2.80 -2.70 -0.25
N HIS B 7 3.08 -1.84 -1.23
CA HIS B 7 3.25 -2.26 -2.62
C HIS B 7 4.49 -1.57 -3.18
N MET B 8 5.34 -2.34 -3.85
CA MET B 8 6.60 -1.84 -4.39
C MET B 8 6.44 -1.42 -5.84
N SER B 9 7.11 -0.33 -6.21
CA SER B 9 7.04 0.16 -7.59
C SER B 9 7.88 -0.70 -8.53
N ASP B 10 9.08 -1.08 -8.10
CA ASP B 10 10.04 -1.80 -8.93
C ASP B 10 10.70 -2.87 -8.08
N PRO B 11 11.24 -3.92 -8.71
CA PRO B 11 11.89 -4.98 -7.93
C PRO B 11 13.20 -4.50 -7.32
N MET B 12 13.52 -5.08 -6.16
CA MET B 12 14.76 -4.79 -5.45
C MET B 12 15.67 -6.01 -5.46
N CYS B 13 16.96 -5.74 -5.24
CA CYS B 13 17.94 -6.81 -5.11
C CYS B 13 17.89 -7.34 -3.68
N LEU B 14 17.69 -8.65 -3.53
CA LEU B 14 17.61 -9.29 -2.22
C LEU B 14 18.91 -9.93 -1.79
N ILE B 15 19.47 -10.80 -2.64
CA ILE B 15 20.73 -11.49 -2.36
C ILE B 15 21.76 -11.05 -3.40
N GLU B 16 22.98 -10.80 -2.95
CA GLU B 16 24.06 -10.35 -3.81
C GLU B 16 25.18 -11.39 -3.78
N ASN B 17 25.51 -11.93 -4.94
CA ASN B 17 26.66 -12.82 -5.09
C ASN B 17 27.78 -12.14 -5.87
N PHE B 18 27.84 -10.82 -5.82
CA PHE B 18 28.95 -10.09 -6.42
C PHE B 18 30.24 -10.45 -5.70
N ASN B 19 31.36 -10.18 -6.38
CA ASN B 19 32.67 -10.62 -5.93
C ASN B 19 32.67 -12.14 -5.79
N GLU B 20 32.44 -12.65 -4.58
CA GLU B 20 32.35 -14.09 -4.36
C GLU B 20 31.49 -14.42 -3.15
N GLN B 21 31.41 -13.49 -2.20
CA GLN B 21 30.67 -13.73 -0.95
C GLN B 21 29.20 -13.35 -1.12
N LEU B 22 28.33 -14.17 -0.54
CA LEU B 22 26.90 -13.88 -0.56
C LEU B 22 26.56 -12.85 0.50
N LYS B 23 25.85 -11.80 0.10
CA LYS B 23 25.42 -10.75 1.01
C LYS B 23 23.95 -10.43 0.77
N VAL B 24 23.27 -10.07 1.85
CA VAL B 24 21.85 -9.71 1.79
C VAL B 24 21.73 -8.20 1.79
N ASN B 25 20.66 -7.70 1.18
CA ASN B 25 20.37 -6.27 1.15
C ASN B 25 19.50 -5.94 2.35
N GLN B 26 20.05 -5.20 3.31
CA GLN B 26 19.30 -4.88 4.53
C GLN B 26 18.08 -4.03 4.24
N GLU B 27 18.14 -3.20 3.18
CA GLU B 27 16.97 -2.41 2.82
C GLU B 27 15.83 -3.27 2.29
N ALA B 28 16.16 -4.40 1.64
CA ALA B 28 15.14 -5.30 1.16
C ALA B 28 14.56 -6.17 2.27
N LEU B 29 15.37 -6.52 3.27
CA LEU B 29 14.88 -7.32 4.37
C LEU B 29 13.88 -6.55 5.23
N GLU B 30 14.16 -5.26 5.47
CA GLU B 30 13.25 -4.45 6.27
C GLU B 30 11.91 -4.27 5.57
N ILE B 31 11.93 -4.12 4.24
CA ILE B 31 10.68 -4.06 3.48
C ILE B 31 9.97 -5.41 3.54
N LEU B 32 10.74 -6.50 3.47
CA LEU B 32 10.13 -7.82 3.54
C LEU B 32 9.55 -8.11 4.92
N SER B 33 10.31 -7.80 5.98
CA SER B 33 9.84 -8.08 7.34
C SER B 33 8.62 -7.25 7.73
N ALA B 34 8.43 -6.09 7.12
CA ALA B 34 7.28 -5.26 7.46
C ALA B 34 5.97 -5.84 6.95
N ILE B 35 6.03 -6.76 5.99
CA ILE B 35 4.82 -7.35 5.44
C ILE B 35 4.24 -8.33 6.45
N THR B 36 2.99 -8.11 6.85
CA THR B 36 2.33 -8.96 7.83
C THR B 36 1.41 -10.00 7.20
N GLN B 37 1.04 -9.83 5.95
CA GLN B 37 0.16 -10.79 5.29
C GLN B 37 0.93 -12.07 4.95
N PRO B 38 0.22 -13.19 4.80
CA PRO B 38 0.87 -14.41 4.31
C PRO B 38 1.35 -14.22 2.87
N VAL B 39 2.48 -14.84 2.56
CA VAL B 39 3.18 -14.58 1.31
C VAL B 39 3.07 -15.79 0.39
N VAL B 40 3.00 -15.52 -0.91
CA VAL B 40 3.07 -16.52 -1.96
C VAL B 40 4.34 -16.23 -2.75
N VAL B 41 5.33 -17.10 -2.64
CA VAL B 41 6.65 -16.89 -3.21
C VAL B 41 6.75 -17.66 -4.52
N VAL B 42 6.92 -16.92 -5.62
CA VAL B 42 7.09 -17.50 -6.94
C VAL B 42 8.51 -17.16 -7.39
N ALA B 43 9.41 -18.13 -7.31
CA ALA B 43 10.79 -17.94 -7.74
C ALA B 43 10.91 -18.21 -9.23
N ILE B 44 11.58 -17.30 -9.93
CA ILE B 44 11.77 -17.39 -11.38
C ILE B 44 13.26 -17.48 -11.65
N VAL B 45 13.71 -18.59 -12.22
CA VAL B 45 15.09 -18.78 -12.61
C VAL B 45 15.17 -18.82 -14.13
N GLY B 46 16.11 -18.04 -14.68
CA GLY B 46 16.31 -18.01 -16.12
C GLY B 46 17.63 -18.63 -16.52
N LEU B 47 17.58 -19.82 -17.10
CA LEU B 47 18.80 -20.57 -17.43
C LEU B 47 19.62 -19.86 -18.49
N TYR B 48 19.18 -19.93 -19.74
CA TYR B 48 19.92 -19.40 -20.86
C TYR B 48 19.31 -18.09 -21.34
N ARG B 49 20.12 -17.33 -22.10
CA ARG B 49 19.74 -16.01 -22.60
C ARG B 49 19.38 -15.06 -21.45
N THR B 50 18.77 -13.92 -21.79
CA THR B 50 18.34 -12.94 -20.79
C THR B 50 16.84 -12.70 -20.98
N GLY B 51 16.04 -13.22 -20.05
CA GLY B 51 14.60 -13.05 -20.14
C GLY B 51 14.14 -11.62 -19.95
N LYS B 52 15.01 -10.75 -19.44
CA LYS B 52 14.70 -9.34 -19.23
C LYS B 52 13.49 -9.14 -18.32
N SER B 53 13.28 -10.10 -17.41
CA SER B 53 12.24 -10.00 -16.38
C SER B 53 10.85 -9.86 -16.99
N TYR B 54 10.63 -10.53 -18.13
CA TYR B 54 9.33 -10.44 -18.78
C TYR B 54 8.26 -11.19 -18.00
N LEU B 55 8.57 -12.43 -17.60
CA LEU B 55 7.60 -13.19 -16.79
C LEU B 55 7.41 -12.57 -15.42
N MET B 56 8.45 -11.93 -14.88
CA MET B 56 8.31 -11.28 -13.58
C MET B 56 7.44 -10.03 -13.68
N ASN B 57 7.55 -9.30 -14.79
CA ASN B 57 6.76 -8.09 -14.96
C ASN B 57 5.29 -8.41 -15.22
N LYS B 58 4.99 -9.55 -15.83
CA LYS B 58 3.60 -9.93 -16.06
C LYS B 58 2.95 -10.47 -14.79
N LEU B 59 3.72 -11.12 -13.92
CA LEU B 59 3.16 -11.58 -12.64
C LEU B 59 2.91 -10.42 -11.69
N ALA B 60 3.71 -9.36 -11.79
CA ALA B 60 3.54 -8.19 -10.93
C ALA B 60 2.34 -7.35 -11.32
N GLY B 61 1.84 -7.49 -12.55
CA GLY B 61 0.66 -6.78 -12.97
C GLY B 61 0.90 -5.40 -13.53
N LYS B 62 2.06 -5.16 -14.14
CA LYS B 62 2.37 -3.88 -14.74
C LYS B 62 2.65 -4.05 -16.22
N ASN B 63 2.47 -2.96 -16.97
CA ASN B 63 2.67 -2.98 -18.41
C ASN B 63 3.76 -2.00 -18.84
N SER B 74 20.93 -8.22 -16.09
CA SER B 74 20.47 -7.32 -15.04
C SER B 74 20.23 -8.07 -13.73
N HIS B 75 19.71 -9.29 -13.83
CA HIS B 75 19.46 -10.13 -12.65
C HIS B 75 20.26 -11.42 -12.74
N THR B 76 21.58 -11.32 -12.85
CA THR B 76 22.41 -12.48 -13.14
C THR B 76 23.06 -13.08 -11.90
N LYS B 77 23.68 -12.26 -11.04
CA LYS B 77 24.45 -12.79 -9.93
C LYS B 77 23.77 -12.52 -8.59
N GLY B 78 22.52 -12.93 -8.45
CA GLY B 78 21.82 -12.76 -7.19
C GLY B 78 20.33 -12.87 -7.37
N ILE B 79 19.63 -12.81 -6.24
CA ILE B 79 18.17 -12.89 -6.20
C ILE B 79 17.61 -11.47 -6.19
N TRP B 80 16.53 -11.26 -6.95
CA TRP B 80 15.83 -9.99 -6.99
C TRP B 80 14.39 -10.20 -6.55
N ILE B 81 13.93 -9.38 -5.61
CA ILE B 81 12.64 -9.57 -4.97
C ILE B 81 11.69 -8.45 -5.38
N TRP B 82 10.40 -8.80 -5.51
CA TRP B 82 9.37 -7.83 -5.82
C TRP B 82 8.07 -8.30 -5.17
N CYS B 83 7.49 -7.46 -4.32
CA CYS B 83 6.30 -7.80 -3.55
C CYS B 83 5.13 -6.99 -4.07
N VAL B 84 4.05 -7.68 -4.46
CA VAL B 84 2.83 -7.03 -4.92
C VAL B 84 1.63 -7.73 -4.31
N PRO B 85 0.52 -6.99 -4.16
CA PRO B 85 -0.70 -7.64 -3.67
C PRO B 85 -1.22 -8.66 -4.66
N HIS B 86 -1.67 -9.80 -4.13
CA HIS B 86 -2.15 -10.87 -4.98
C HIS B 86 -3.40 -10.41 -5.73
N PRO B 87 -3.47 -10.60 -7.05
CA PRO B 87 -4.61 -10.06 -7.81
C PRO B 87 -5.92 -10.76 -7.50
N ASN B 88 -5.90 -12.07 -7.21
CA ASN B 88 -7.12 -12.82 -6.96
C ASN B 88 -7.37 -13.10 -5.48
N TRP B 89 -6.31 -13.13 -4.66
CA TRP B 89 -6.42 -13.51 -3.26
C TRP B 89 -6.32 -12.28 -2.38
N PRO B 90 -7.42 -11.84 -1.76
CA PRO B 90 -7.33 -10.67 -0.86
C PRO B 90 -6.53 -10.99 0.39
N ASN B 91 -5.91 -9.96 0.94
CA ASN B 91 -5.09 -10.05 2.15
C ASN B 91 -3.93 -11.03 1.97
N HIS B 92 -3.41 -11.13 0.75
CA HIS B 92 -2.25 -11.97 0.45
C HIS B 92 -1.24 -11.18 -0.35
N THR B 93 0.02 -11.28 0.03
CA THR B 93 1.12 -10.63 -0.67
C THR B 93 1.79 -11.62 -1.61
N LEU B 94 1.97 -11.23 -2.87
CA LEU B 94 2.65 -12.05 -3.86
C LEU B 94 4.11 -11.62 -3.91
N VAL B 95 5.01 -12.52 -3.53
CA VAL B 95 6.44 -12.24 -3.52
C VAL B 95 7.06 -12.92 -4.73
N LEU B 96 7.73 -12.14 -5.57
CA LEU B 96 8.34 -12.63 -6.80
C LEU B 96 9.85 -12.60 -6.66
N LEU B 97 10.51 -13.70 -7.04
CA LEU B 97 11.96 -13.81 -6.99
C LEU B 97 12.47 -14.10 -8.39
N ASP B 98 13.38 -13.26 -8.88
CA ASP B 98 13.92 -13.38 -10.22
C ASP B 98 15.43 -13.57 -10.16
N THR B 99 15.95 -14.46 -11.00
CA THR B 99 17.39 -14.73 -11.06
C THR B 99 17.69 -15.39 -12.40
N GLU B 100 18.84 -15.07 -12.97
CA GLU B 100 19.30 -15.66 -14.21
C GLU B 100 20.68 -16.28 -14.01
N GLY B 101 21.20 -16.91 -15.05
CA GLY B 101 22.50 -17.56 -14.99
C GLY B 101 22.94 -18.12 -16.32
N ASP B 109 31.76 -24.92 -14.60
CA ASP B 109 31.88 -24.85 -13.14
C ASP B 109 31.29 -23.56 -12.61
N ASN B 110 30.03 -23.61 -12.19
CA ASN B 110 29.33 -22.46 -11.61
C ASN B 110 28.66 -22.88 -10.30
N LYS B 111 29.49 -23.29 -9.33
CA LYS B 111 28.98 -23.71 -8.04
C LYS B 111 28.30 -22.55 -7.31
N ASN B 112 28.76 -21.32 -7.53
CA ASN B 112 28.19 -20.17 -6.83
C ASN B 112 26.77 -19.89 -7.29
N ASP B 113 26.48 -20.09 -8.58
CA ASP B 113 25.13 -19.84 -9.09
C ASP B 113 24.17 -20.95 -8.72
N ILE B 114 24.67 -22.17 -8.51
CA ILE B 114 23.78 -23.25 -8.08
C ILE B 114 23.32 -23.01 -6.65
N GLN B 115 24.18 -22.46 -5.80
CA GLN B 115 23.77 -22.08 -4.45
C GLN B 115 22.70 -21.00 -4.49
N ILE B 116 22.76 -20.11 -5.48
CA ILE B 116 21.75 -19.06 -5.60
C ILE B 116 20.42 -19.64 -6.07
N PHE B 117 20.47 -20.55 -7.06
CA PHE B 117 19.24 -21.16 -7.55
C PHE B 117 18.61 -22.05 -6.48
N ALA B 118 19.42 -22.80 -5.75
CA ALA B 118 18.89 -23.66 -4.69
C ALA B 118 18.31 -22.83 -3.55
N LEU B 119 18.90 -21.67 -3.26
CA LEU B 119 18.36 -20.81 -2.22
C LEU B 119 17.02 -20.22 -2.61
N ALA B 120 16.83 -19.95 -3.91
CA ALA B 120 15.51 -19.53 -4.38
C ALA B 120 14.50 -20.66 -4.30
N LEU B 121 14.96 -21.91 -4.46
CA LEU B 121 14.09 -23.06 -4.29
C LEU B 121 13.60 -23.17 -2.85
N LEU B 122 14.50 -22.93 -1.88
CA LEU B 122 14.14 -23.07 -0.48
C LEU B 122 13.16 -21.99 -0.03
N LEU B 123 13.19 -20.82 -0.67
CA LEU B 123 12.36 -19.70 -0.27
C LEU B 123 11.04 -19.63 -1.03
N SER B 124 10.77 -20.57 -1.92
CA SER B 124 9.65 -20.47 -2.84
C SER B 124 8.56 -21.47 -2.50
N SER B 125 7.33 -21.12 -2.88
CA SER B 125 6.22 -22.07 -2.93
C SER B 125 5.91 -22.51 -4.36
N THR B 126 6.49 -21.85 -5.35
CA THR B 126 6.37 -22.24 -6.75
C THR B 126 7.68 -21.93 -7.46
N PHE B 127 8.30 -22.94 -8.04
CA PHE B 127 9.61 -22.81 -8.69
C PHE B 127 9.40 -22.81 -10.19
N VAL B 128 9.61 -21.66 -10.83
CA VAL B 128 9.41 -21.51 -12.26
C VAL B 128 10.75 -21.73 -12.94
N TYR B 129 10.92 -22.90 -13.55
CA TYR B 129 12.13 -23.25 -14.28
C TYR B 129 11.95 -22.83 -15.73
N ASN B 130 12.71 -21.80 -16.15
CA ASN B 130 12.53 -21.17 -17.45
C ASN B 130 13.79 -21.38 -18.30
N THR B 131 13.69 -22.30 -19.26
CA THR B 131 14.77 -22.59 -20.19
C THR B 131 14.36 -22.16 -21.60
N VAL B 132 15.00 -22.77 -22.60
CA VAL B 132 14.75 -22.40 -24.00
C VAL B 132 15.16 -23.58 -24.87
N ASN B 133 14.48 -23.72 -26.02
CA ASN B 133 14.80 -24.73 -27.03
C ASN B 133 14.76 -26.14 -26.46
N LYS B 134 13.55 -26.69 -26.31
CA LYS B 134 13.34 -28.05 -25.84
C LYS B 134 13.98 -28.28 -24.47
N ILE B 135 14.12 -29.54 -24.08
CA ILE B 135 14.66 -29.91 -22.77
C ILE B 135 16.01 -30.56 -22.99
N ASP B 136 17.06 -29.87 -22.58
CA ASP B 136 18.41 -30.42 -22.66
C ASP B 136 18.68 -31.33 -21.47
N GLN B 137 19.44 -32.39 -21.71
CA GLN B 137 19.83 -33.27 -20.61
C GLN B 137 20.77 -32.54 -19.64
N GLY B 138 21.52 -31.56 -20.13
CA GLY B 138 22.34 -30.75 -19.24
C GLY B 138 21.52 -29.80 -18.39
N ALA B 139 20.38 -29.35 -18.90
CA ALA B 139 19.48 -28.55 -18.08
C ALA B 139 18.86 -29.37 -16.97
N ILE B 140 18.64 -30.66 -17.21
CA ILE B 140 18.14 -31.54 -16.16
C ILE B 140 19.20 -31.76 -15.09
N ASP B 141 20.48 -31.76 -15.47
CA ASP B 141 21.55 -32.02 -14.51
C ASP B 141 21.66 -30.90 -13.49
N LEU B 142 21.60 -29.64 -13.93
CA LEU B 142 21.75 -28.54 -13.00
C LEU B 142 20.48 -28.34 -12.16
N LEU B 143 19.31 -28.65 -12.72
CA LEU B 143 18.11 -28.71 -11.89
C LEU B 143 18.18 -29.86 -10.90
N HIS B 144 18.83 -30.95 -11.28
CA HIS B 144 19.13 -32.02 -10.33
C HIS B 144 20.16 -31.57 -9.30
N ASN B 145 21.04 -30.63 -9.68
CA ASN B 145 22.08 -30.18 -8.75
C ASN B 145 21.54 -29.21 -7.70
N VAL B 146 20.59 -28.35 -8.08
CA VAL B 146 20.05 -27.40 -7.12
C VAL B 146 19.21 -28.12 -6.07
N THR B 147 18.61 -29.25 -6.42
CA THR B 147 17.85 -30.03 -5.45
C THR B 147 18.76 -30.81 -4.50
N GLU B 148 20.01 -31.05 -4.89
CA GLU B 148 20.94 -31.72 -3.99
C GLU B 148 21.51 -30.76 -2.94
N LEU B 149 21.65 -29.49 -3.28
CA LEU B 149 22.20 -28.51 -2.35
C LEU B 149 21.23 -28.12 -1.24
N THR B 150 20.02 -28.65 -1.25
CA THR B 150 19.03 -28.36 -0.23
C THR B 150 18.74 -29.64 0.56
N ASP B 151 17.48 -29.96 0.87
CA ASP B 151 17.13 -31.13 1.67
C ASP B 151 17.01 -32.39 0.83
N LEU B 152 16.03 -33.24 1.16
CA LEU B 152 15.84 -34.51 0.47
C LEU B 152 14.82 -34.38 -0.67
N ALA B 171 4.64 -34.47 3.24
CA ALA B 171 5.59 -33.66 2.51
C ALA B 171 4.87 -32.71 1.55
N SER B 172 3.97 -31.90 2.09
CA SER B 172 3.21 -30.94 1.30
C SER B 172 3.89 -29.58 1.19
N PHE B 173 4.98 -29.36 1.92
CA PHE B 173 5.71 -28.10 1.85
C PHE B 173 6.61 -28.00 0.62
N PHE B 174 6.73 -29.07 -0.16
CA PHE B 174 7.53 -29.01 -1.37
C PHE B 174 6.83 -28.13 -2.40
N PRO B 175 7.56 -27.25 -3.08
CA PRO B 175 6.94 -26.40 -4.10
C PRO B 175 6.68 -27.15 -5.39
N ASP B 176 5.71 -26.66 -6.15
CA ASP B 176 5.41 -27.24 -7.44
C ASP B 176 6.38 -26.72 -8.48
N LEU B 177 6.49 -27.48 -9.59
CA LEU B 177 7.41 -27.16 -10.67
C LEU B 177 6.61 -26.64 -11.86
N VAL B 178 6.98 -25.47 -12.35
CA VAL B 178 6.40 -24.89 -13.56
C VAL B 178 7.54 -24.73 -14.55
N TRP B 179 7.64 -25.65 -15.50
CA TRP B 179 8.69 -25.62 -16.52
C TRP B 179 8.17 -24.88 -17.73
N THR B 180 8.88 -23.82 -18.14
CA THR B 180 8.52 -23.03 -19.30
C THR B 180 9.60 -23.15 -20.37
N LEU B 181 9.17 -23.09 -21.62
CA LEU B 181 10.05 -23.26 -22.77
C LEU B 181 9.74 -22.20 -23.82
N ARG B 182 10.76 -21.74 -24.52
CA ARG B 182 10.63 -20.80 -25.62
C ARG B 182 10.85 -21.55 -26.92
N ASP B 183 9.79 -22.17 -27.42
CA ASP B 183 9.86 -22.97 -28.64
C ASP B 183 9.14 -22.26 -29.79
N LEU B 194 -0.35 -35.14 -32.25
CA LEU B 194 0.50 -34.17 -31.55
C LEU B 194 0.39 -34.36 -30.04
N VAL B 195 1.50 -34.11 -29.34
CA VAL B 195 1.58 -34.28 -27.90
C VAL B 195 1.39 -32.92 -27.22
N THR B 196 0.60 -32.91 -26.14
CA THR B 196 0.37 -31.68 -25.40
C THR B 196 1.59 -31.33 -24.56
N PRO B 197 1.81 -30.04 -24.28
CA PRO B 197 2.99 -29.65 -23.49
C PRO B 197 3.11 -30.34 -22.14
N ASP B 198 1.98 -30.63 -21.48
CA ASP B 198 2.04 -31.31 -20.20
C ASP B 198 2.53 -32.75 -20.36
N GLU B 199 2.04 -33.45 -21.38
CA GLU B 199 2.55 -34.79 -21.65
C GLU B 199 3.97 -34.74 -22.19
N TYR B 200 4.36 -33.63 -22.82
CA TYR B 200 5.74 -33.49 -23.27
C TYR B 200 6.71 -33.45 -22.10
N LEU B 201 6.33 -32.75 -21.03
CA LEU B 201 7.15 -32.77 -19.82
C LEU B 201 7.16 -34.14 -19.18
N GLU B 202 6.01 -34.82 -19.17
CA GLU B 202 5.96 -36.19 -18.67
C GLU B 202 6.76 -37.14 -19.54
N ASN B 203 6.78 -36.92 -20.85
CA ASN B 203 7.49 -37.79 -21.77
C ASN B 203 9.01 -37.61 -21.71
N SER B 204 9.49 -36.53 -21.12
CA SER B 204 10.91 -36.23 -21.06
C SER B 204 11.59 -36.81 -19.81
N LEU B 205 10.85 -37.49 -18.95
CA LEU B 205 11.40 -38.00 -17.70
C LEU B 205 10.86 -39.39 -17.39
N ARG B 206 10.82 -40.26 -18.39
CA ARG B 206 10.23 -41.58 -18.16
C ARG B 206 11.31 -42.62 -17.84
N PRO B 207 12.31 -42.83 -18.72
CA PRO B 207 13.28 -43.87 -18.33
C PRO B 207 14.33 -43.34 -17.36
N ASN B 217 24.85 -40.13 -15.85
CA ASN B 217 23.85 -41.14 -16.15
C ASN B 217 22.54 -40.50 -16.60
N PHE B 218 21.81 -41.22 -17.44
CA PHE B 218 20.53 -40.74 -17.97
C PHE B 218 19.35 -41.08 -17.06
N ASN B 219 19.47 -42.12 -16.24
CA ASN B 219 18.34 -42.62 -15.46
C ASN B 219 18.20 -41.93 -14.10
N LEU B 220 19.32 -41.62 -13.44
CA LEU B 220 19.24 -41.14 -12.06
C LEU B 220 18.70 -39.72 -11.96
N PRO B 221 19.26 -38.72 -12.65
CA PRO B 221 18.78 -37.34 -12.40
C PRO B 221 17.35 -37.11 -12.87
N ARG B 222 16.88 -37.83 -13.89
CA ARG B 222 15.53 -37.58 -14.41
C ARG B 222 14.46 -38.08 -13.46
N LEU B 223 14.74 -39.15 -12.71
CA LEU B 223 13.79 -39.66 -11.73
C LEU B 223 13.95 -39.00 -10.36
N CYS B 224 15.05 -38.26 -10.13
CA CYS B 224 15.25 -37.62 -8.85
C CYS B 224 14.38 -36.38 -8.69
N ILE B 225 14.19 -35.61 -9.77
CA ILE B 225 13.34 -34.43 -9.69
C ILE B 225 11.86 -34.80 -9.81
N GLN B 226 11.54 -35.99 -10.31
CA GLN B 226 10.16 -36.44 -10.32
C GLN B 226 9.64 -36.64 -8.90
N LYS B 227 10.44 -37.28 -8.05
CA LYS B 227 10.09 -37.41 -6.64
C LYS B 227 10.15 -36.08 -5.90
N PHE B 228 10.94 -35.12 -6.41
CA PHE B 228 11.11 -33.87 -5.69
C PHE B 228 9.88 -32.97 -5.86
N PHE B 229 9.43 -32.78 -7.10
CA PHE B 229 8.27 -31.93 -7.37
C PHE B 229 7.04 -32.78 -7.58
N PRO B 230 6.11 -32.82 -6.62
CA PRO B 230 4.90 -33.64 -6.82
C PRO B 230 3.95 -33.06 -7.86
N LYS B 231 3.87 -31.74 -7.98
CA LYS B 231 3.00 -31.08 -8.95
C LYS B 231 3.85 -30.42 -10.03
N LYS B 232 3.54 -30.73 -11.29
CA LYS B 232 4.33 -30.26 -12.42
C LYS B 232 3.41 -29.64 -13.46
N LYS B 233 3.86 -28.52 -14.04
CA LYS B 233 3.13 -27.85 -15.10
C LYS B 233 4.13 -27.41 -16.17
N CYS B 234 3.70 -27.49 -17.43
CA CYS B 234 4.57 -27.16 -18.55
C CYS B 234 3.87 -26.18 -19.48
N PHE B 235 4.61 -25.16 -19.92
CA PHE B 235 4.15 -24.21 -20.91
C PHE B 235 5.21 -24.05 -22.00
N ILE B 236 4.77 -23.68 -23.19
CA ILE B 236 5.66 -23.44 -24.33
C ILE B 236 5.28 -22.13 -24.98
N PHE B 237 6.23 -21.23 -25.10
CA PHE B 237 6.03 -19.95 -25.77
C PHE B 237 6.62 -20.00 -27.17
N ASP B 238 6.34 -18.97 -27.96
CA ASP B 238 6.83 -18.90 -29.33
C ASP B 238 8.15 -18.14 -29.43
N LEU B 239 8.14 -16.88 -29.01
CA LEU B 239 9.36 -16.07 -29.02
C LEU B 239 9.26 -14.92 -28.02
N LEU B 257 2.37 -7.14 -30.69
CA LEU B 257 2.89 -8.40 -30.17
C LEU B 257 2.16 -9.57 -30.84
N GLU B 258 2.73 -10.77 -30.69
CA GLU B 258 2.14 -11.95 -31.32
C GLU B 258 0.79 -12.27 -30.70
N PRO B 259 -0.16 -12.77 -31.50
CA PRO B 259 -1.49 -13.08 -30.96
C PRO B 259 -1.49 -14.25 -30.00
N GLU B 260 -0.95 -15.40 -30.43
CA GLU B 260 -0.98 -16.59 -29.59
C GLU B 260 0.05 -16.54 -28.47
N PHE B 261 1.06 -15.68 -28.59
CA PHE B 261 2.07 -15.56 -27.54
C PHE B 261 1.53 -14.82 -26.31
N VAL B 262 0.63 -13.86 -26.52
CA VAL B 262 0.06 -13.13 -25.39
C VAL B 262 -0.94 -14.01 -24.64
N GLN B 263 -1.73 -14.81 -25.36
CA GLN B 263 -2.66 -15.69 -24.70
C GLN B 263 -1.96 -16.81 -23.94
N GLN B 264 -0.75 -17.19 -24.38
CA GLN B 264 -0.02 -18.24 -23.68
C GLN B 264 0.63 -17.71 -22.40
N VAL B 265 1.10 -16.46 -22.40
CA VAL B 265 1.65 -15.88 -21.18
C VAL B 265 0.54 -15.52 -20.21
N THR B 266 -0.69 -15.36 -20.69
CA THR B 266 -1.81 -15.15 -19.78
C THR B 266 -2.21 -16.45 -19.09
N GLU B 267 -2.18 -17.57 -19.83
CA GLU B 267 -2.44 -18.87 -19.23
C GLU B 267 -1.39 -19.19 -18.17
N PHE B 268 -0.15 -18.77 -18.38
CA PHE B 268 0.88 -18.97 -17.37
C PHE B 268 0.56 -18.17 -16.11
N CYS B 269 0.18 -16.90 -16.27
CA CYS B 269 -0.15 -16.09 -15.11
C CYS B 269 -1.45 -16.57 -14.45
N SER B 270 -2.43 -16.96 -15.26
CA SER B 270 -3.66 -17.50 -14.69
C SER B 270 -3.42 -18.80 -13.94
N TYR B 271 -2.38 -19.56 -14.33
CA TYR B 271 -2.04 -20.76 -13.59
C TYR B 271 -1.33 -20.41 -12.27
N ILE B 272 -0.44 -19.42 -12.31
CA ILE B 272 0.28 -19.03 -11.10
C ILE B 272 -0.65 -18.35 -10.12
N PHE B 273 -1.57 -17.52 -10.62
CA PHE B 273 -2.49 -16.78 -9.74
C PHE B 273 -3.54 -17.68 -9.12
N SER B 274 -3.78 -18.88 -9.68
CA SER B 274 -4.83 -19.75 -9.19
C SER B 274 -4.34 -21.02 -8.53
N HIS B 275 -3.08 -21.41 -8.73
CA HIS B 275 -2.54 -22.64 -8.17
C HIS B 275 -1.52 -22.42 -7.07
N SER B 276 -0.68 -21.38 -7.19
CA SER B 276 0.38 -21.17 -6.21
C SER B 276 -0.22 -20.89 -4.83
N MET B 277 0.31 -21.59 -3.83
CA MET B 277 -0.23 -21.55 -2.47
C MET B 277 0.67 -20.72 -1.56
N THR B 278 0.17 -20.45 -0.37
CA THR B 278 0.97 -19.80 0.65
C THR B 278 2.12 -20.71 1.07
N LYS B 279 3.31 -20.12 1.20
CA LYS B 279 4.48 -20.92 1.57
C LYS B 279 4.32 -21.46 2.98
N THR B 280 4.68 -22.73 3.17
CA THR B 280 4.54 -23.40 4.44
C THR B 280 5.86 -24.07 4.83
N LEU B 281 5.94 -24.47 6.08
CA LEU B 281 7.09 -25.16 6.65
C LEU B 281 6.65 -26.48 7.25
N PRO B 282 7.57 -27.43 7.44
CA PRO B 282 7.20 -28.71 8.04
C PRO B 282 6.56 -28.53 9.41
N GLY B 283 5.32 -28.98 9.52
CA GLY B 283 4.55 -28.84 10.75
C GLY B 283 3.30 -27.99 10.61
N GLY B 284 2.97 -27.49 9.43
CA GLY B 284 1.79 -26.67 9.24
C GLY B 284 1.98 -25.25 9.74
N ILE B 285 3.02 -24.57 9.27
CA ILE B 285 3.33 -23.21 9.66
C ILE B 285 3.21 -22.31 8.44
N MET B 286 2.36 -21.29 8.53
CA MET B 286 2.24 -20.32 7.47
C MET B 286 3.34 -19.27 7.58
N VAL B 287 3.94 -18.93 6.43
CA VAL B 287 5.05 -17.99 6.37
C VAL B 287 4.54 -16.64 5.92
N ASN B 288 4.94 -15.59 6.63
CA ASN B 288 4.62 -14.22 6.21
C ASN B 288 5.91 -13.47 5.90
N GLY B 289 5.85 -12.13 5.92
CA GLY B 289 7.03 -11.36 5.59
C GLY B 289 8.13 -11.46 6.63
N SER B 290 7.75 -11.54 7.90
CA SER B 290 8.75 -11.64 8.96
C SER B 290 9.42 -13.01 8.97
N ARG B 291 8.63 -14.08 8.88
CA ARG B 291 9.19 -15.42 8.83
C ARG B 291 10.06 -15.62 7.61
N LEU B 292 9.72 -14.98 6.48
CA LEU B 292 10.54 -15.10 5.29
C LEU B 292 11.88 -14.40 5.47
N LYS B 293 11.89 -13.28 6.20
CA LYS B 293 13.14 -12.58 6.48
C LYS B 293 14.10 -13.47 7.27
N ASN B 294 13.60 -14.10 8.33
CA ASN B 294 14.45 -14.99 9.13
C ASN B 294 14.82 -16.25 8.38
N LEU B 295 14.06 -16.63 7.35
CA LEU B 295 14.42 -17.79 6.55
C LEU B 295 15.66 -17.52 5.70
N VAL B 296 15.74 -16.31 5.10
CA VAL B 296 16.90 -16.01 4.28
C VAL B 296 18.14 -15.84 5.14
N LEU B 297 17.98 -15.37 6.39
CA LEU B 297 19.14 -15.13 7.24
C LEU B 297 19.81 -16.44 7.64
N THR B 298 19.02 -17.46 7.97
CA THR B 298 19.59 -18.75 8.33
C THR B 298 20.11 -19.51 7.12
N TYR B 299 19.51 -19.30 5.94
CA TYR B 299 19.93 -20.03 4.76
C TYR B 299 21.23 -19.46 4.17
N VAL B 300 21.35 -18.13 4.10
CA VAL B 300 22.59 -17.56 3.55
C VAL B 300 23.75 -17.79 4.50
N ASN B 301 23.49 -17.85 5.82
CA ASN B 301 24.55 -18.18 6.75
C ASN B 301 24.92 -19.65 6.69
N ALA B 302 23.98 -20.50 6.28
CA ALA B 302 24.30 -21.91 6.08
C ALA B 302 25.08 -22.11 4.79
N ILE B 303 24.91 -21.22 3.81
CA ILE B 303 25.65 -21.34 2.56
C ILE B 303 27.02 -20.69 2.68
N SER B 304 27.10 -19.52 3.30
CA SER B 304 28.37 -18.81 3.41
C SER B 304 29.35 -19.51 4.34
N SER B 305 28.86 -20.30 5.28
CA SER B 305 29.73 -21.02 6.22
C SER B 305 30.16 -22.39 5.70
N GLY B 306 29.68 -22.80 4.54
CA GLY B 306 30.04 -24.09 3.98
C GLY B 306 29.19 -25.25 4.41
N ASP B 307 28.03 -25.00 5.01
CA ASP B 307 27.13 -26.06 5.47
C ASP B 307 26.07 -26.34 4.41
N LEU B 308 25.34 -27.43 4.63
CA LEU B 308 24.21 -27.80 3.79
C LEU B 308 22.93 -27.29 4.43
N PRO B 309 22.18 -26.41 3.78
CA PRO B 309 20.99 -25.82 4.42
C PRO B 309 19.93 -26.86 4.70
N CYS B 310 19.59 -27.03 5.97
CA CYS B 310 18.55 -27.94 6.41
C CYS B 310 17.35 -27.14 6.91
N ILE B 311 16.18 -27.78 6.87
CA ILE B 311 14.94 -27.09 7.20
C ILE B 311 14.62 -27.13 8.69
N GLU B 312 15.08 -28.16 9.41
CA GLU B 312 14.71 -28.28 10.81
C GLU B 312 15.46 -27.27 11.68
N ASN B 313 16.68 -26.90 11.29
CA ASN B 313 17.41 -25.89 12.03
C ASN B 313 16.92 -24.49 11.71
N ALA B 314 16.38 -24.28 10.51
CA ALA B 314 15.78 -22.99 10.18
C ALA B 314 14.50 -22.75 10.98
N VAL B 315 13.75 -23.82 11.27
CA VAL B 315 12.53 -23.66 12.06
C VAL B 315 12.89 -23.35 13.51
N LEU B 316 13.88 -24.05 14.07
CA LEU B 316 14.29 -23.77 15.44
C LEU B 316 14.86 -22.37 15.57
N ALA B 317 15.62 -21.92 14.56
CA ALA B 317 16.14 -20.56 14.59
C ALA B 317 15.05 -19.53 14.36
N LEU B 318 14.05 -19.86 13.53
CA LEU B 318 12.91 -18.95 13.35
C LEU B 318 12.12 -18.80 14.63
N ALA B 319 11.86 -19.90 15.33
CA ALA B 319 11.20 -19.82 16.64
C ALA B 319 12.08 -19.13 17.67
N GLN B 320 13.41 -19.21 17.50
CA GLN B 320 14.31 -18.52 18.41
C GLN B 320 14.12 -17.01 18.33
N ARG B 321 14.14 -16.45 17.12
CA ARG B 321 14.03 -15.01 16.97
C ARG B 321 12.61 -14.53 17.25
N GLU B 322 11.60 -15.31 16.89
CA GLU B 322 10.22 -14.87 17.08
C GLU B 322 9.83 -14.91 18.56
N ASN B 323 10.36 -15.85 19.32
CA ASN B 323 10.10 -15.87 20.75
C ASN B 323 10.88 -14.76 21.46
N SER B 324 12.07 -14.42 20.96
CA SER B 324 12.82 -13.31 21.53
C SER B 324 12.08 -12.00 21.34
N ALA B 325 11.52 -11.78 20.16
CA ALA B 325 10.70 -10.60 19.93
C ALA B 325 9.38 -10.66 20.67
N ALA B 326 8.92 -11.87 21.03
CA ALA B 326 7.68 -11.98 21.78
C ALA B 326 7.81 -11.39 23.18
N VAL B 327 8.97 -11.57 23.82
CA VAL B 327 9.18 -10.97 25.13
C VAL B 327 9.45 -9.48 25.04
N GLN B 328 9.90 -8.98 23.88
CA GLN B 328 10.09 -7.54 23.72
C GLN B 328 8.74 -6.83 23.69
N LYS B 329 7.79 -7.34 22.89
CA LYS B 329 6.46 -6.75 22.85
C LYS B 329 5.77 -6.86 24.21
N ALA B 330 6.08 -7.90 24.97
CA ALA B 330 5.49 -8.06 26.30
C ALA B 330 6.05 -7.04 27.28
N ILE B 331 7.37 -6.85 27.28
CA ILE B 331 7.98 -5.85 28.16
C ILE B 331 7.58 -4.45 27.72
N ALA B 332 7.55 -4.20 26.41
CA ALA B 332 7.17 -2.87 25.92
C ALA B 332 5.73 -2.53 26.29
N HIS B 333 4.85 -3.54 26.30
CA HIS B 333 3.47 -3.29 26.72
C HIS B 333 3.39 -3.06 28.22
N TYR B 334 4.16 -3.81 29.00
CA TYR B 334 4.20 -3.60 30.45
C TYR B 334 4.72 -2.21 30.78
N ASP B 335 5.81 -1.80 30.12
CA ASP B 335 6.40 -0.49 30.40
C ASP B 335 5.41 0.64 30.10
N GLN B 336 4.66 0.52 29.00
CA GLN B 336 3.71 1.57 28.65
C GLN B 336 2.60 1.66 29.69
N GLN B 337 1.97 0.53 30.03
CA GLN B 337 0.87 0.55 30.98
C GLN B 337 1.33 1.04 32.35
N MET B 338 2.52 0.62 32.78
CA MET B 338 3.04 1.11 34.05
C MET B 338 3.48 2.56 33.94
N GLY B 339 4.07 2.94 32.80
CA GLY B 339 4.59 4.29 32.67
C GLY B 339 3.52 5.36 32.70
N GLN B 340 2.28 5.00 32.36
CA GLN B 340 1.20 5.98 32.26
C GLN B 340 0.07 5.70 33.24
N LYS B 341 0.30 4.87 34.25
CA LYS B 341 -0.72 4.60 35.27
C LYS B 341 -0.25 4.85 36.69
N VAL B 342 1.03 5.04 36.94
CA VAL B 342 1.56 5.18 38.30
C VAL B 342 2.09 6.59 38.50
N GLN B 343 1.79 7.15 39.67
CA GLN B 343 2.50 8.30 40.21
C GLN B 343 3.31 7.79 41.39
N LEU B 344 4.63 7.92 41.30
CA LEU B 344 5.53 7.17 42.18
C LEU B 344 5.19 7.26 43.66
N PRO B 345 4.81 8.41 44.23
CA PRO B 345 4.29 8.40 45.62
C PRO B 345 2.89 7.82 45.70
N MET B 346 2.80 6.50 45.91
CA MET B 346 1.51 5.83 45.96
C MET B 346 0.85 5.98 47.32
N GLU B 347 -0.47 5.84 47.34
CA GLU B 347 -1.24 5.93 48.58
C GLU B 347 -0.95 4.72 49.46
N THR B 348 -1.35 3.53 48.99
CA THR B 348 -1.06 2.29 49.67
C THR B 348 -0.22 1.39 48.77
N LEU B 349 0.39 0.38 49.38
CA LEU B 349 1.20 -0.56 48.61
C LEU B 349 0.33 -1.47 47.74
N GLN B 350 -0.92 -1.69 48.13
CA GLN B 350 -1.79 -2.58 47.37
C GLN B 350 -2.15 -1.99 46.01
N GLU B 351 -2.35 -0.67 45.95
CA GLU B 351 -2.67 -0.05 44.66
C GLU B 351 -1.52 -0.20 43.67
N LEU B 352 -0.28 -0.23 44.16
CA LEU B 352 0.85 -0.45 43.25
C LEU B 352 0.91 -1.91 42.81
N LEU B 353 0.69 -2.84 43.74
CA LEU B 353 0.68 -4.25 43.38
C LEU B 353 -0.51 -4.61 42.50
N ASP B 354 -1.65 -3.92 42.68
CA ASP B 354 -2.78 -4.14 41.79
C ASP B 354 -2.47 -3.66 40.38
N LEU B 355 -1.82 -2.50 40.25
CA LEU B 355 -1.43 -2.02 38.93
C LEU B 355 -0.37 -2.91 38.29
N HIS B 356 0.53 -3.47 39.09
CA HIS B 356 1.53 -4.39 38.54
C HIS B 356 0.89 -5.68 38.07
N ALA B 357 -0.10 -6.19 38.82
CA ALA B 357 -0.75 -7.43 38.43
C ALA B 357 -1.52 -7.27 37.13
N THR B 358 -2.25 -6.16 36.97
CA THR B 358 -2.98 -5.92 35.73
C THR B 358 -2.01 -5.80 34.55
N SER B 359 -0.90 -5.10 34.74
CA SER B 359 0.04 -4.91 33.65
C SER B 359 0.78 -6.21 33.32
N GLU B 360 1.06 -7.05 34.31
CA GLU B 360 1.82 -8.27 34.04
C GLU B 360 0.96 -9.33 33.38
N ARG B 361 -0.36 -9.37 33.68
CA ARG B 361 -1.21 -10.35 33.01
C ARG B 361 -1.54 -9.94 31.58
N GLU B 362 -1.57 -8.63 31.30
CA GLU B 362 -1.68 -8.18 29.92
C GLU B 362 -0.42 -8.50 29.14
N ALA B 363 0.75 -8.39 29.79
CA ALA B 363 2.01 -8.71 29.12
C ALA B 363 2.14 -10.20 28.84
N ILE B 364 1.64 -11.05 29.74
CA ILE B 364 1.72 -12.50 29.51
C ILE B 364 0.88 -12.89 28.29
N GLU B 365 -0.29 -12.28 28.12
CA GLU B 365 -1.12 -12.58 26.96
C GLU B 365 -0.50 -12.09 25.67
N VAL B 366 0.23 -10.98 25.72
CA VAL B 366 0.94 -10.50 24.53
C VAL B 366 2.01 -11.52 24.12
N PHE B 367 2.67 -12.14 25.10
CA PHE B 367 3.67 -13.15 24.79
C PHE B 367 3.05 -14.39 24.15
N MET B 368 1.99 -14.92 24.77
CA MET B 368 1.39 -16.16 24.27
C MET B 368 0.78 -15.97 22.89
N LYS B 369 0.39 -14.75 22.54
CA LYS B 369 -0.13 -14.49 21.19
C LYS B 369 0.99 -14.50 20.16
N ASN B 370 2.13 -13.91 20.48
CA ASN B 370 3.23 -13.79 19.53
C ASN B 370 4.26 -14.90 19.63
N SER B 371 4.21 -15.73 20.68
CA SER B 371 5.15 -16.83 20.79
C SER B 371 4.83 -17.90 19.75
N PHE B 372 5.87 -18.64 19.35
CA PHE B 372 5.76 -19.67 18.33
C PHE B 372 6.66 -20.83 18.71
N LYS B 373 6.04 -21.95 19.12
CA LYS B 373 6.73 -23.17 19.51
C LYS B 373 7.83 -22.88 20.55
N ASP B 374 7.37 -22.41 21.72
CA ASP B 374 8.26 -22.13 22.83
C ASP B 374 8.63 -23.44 23.52
N VAL B 375 9.71 -24.06 23.05
CA VAL B 375 10.16 -25.33 23.61
C VAL B 375 10.66 -25.10 25.03
N ASP B 376 10.29 -26.01 25.94
CA ASP B 376 10.70 -26.02 27.33
C ASP B 376 10.24 -24.79 28.11
N GLN B 377 9.35 -23.98 27.54
CA GLN B 377 8.83 -22.77 28.17
C GLN B 377 9.95 -21.84 28.62
N SER B 378 11.06 -21.83 27.88
CA SER B 378 12.23 -21.06 28.30
C SER B 378 11.98 -19.56 28.21
N PHE B 379 11.37 -19.10 27.13
CA PHE B 379 11.13 -17.67 26.98
C PHE B 379 10.02 -17.18 27.91
N GLN B 380 9.07 -18.04 28.24
CA GLN B 380 8.01 -17.64 29.17
C GLN B 380 8.55 -17.49 30.58
N LYS B 381 9.35 -18.45 31.05
CA LYS B 381 9.99 -18.33 32.35
C LYS B 381 10.94 -17.14 32.39
N GLU B 382 11.59 -16.83 31.27
CA GLU B 382 12.43 -15.64 31.19
C GLU B 382 11.61 -14.37 31.35
N LEU B 383 10.45 -14.31 30.70
CA LEU B 383 9.59 -13.13 30.81
C LEU B 383 9.03 -12.99 32.22
N GLU B 384 8.65 -14.10 32.84
CA GLU B 384 8.16 -14.05 34.22
C GLU B 384 9.24 -13.59 35.20
N THR B 385 10.49 -13.94 34.93
CA THR B 385 11.59 -13.46 35.77
C THR B 385 11.80 -11.96 35.57
N LEU B 386 11.67 -11.47 34.34
CA LEU B 386 11.84 -10.05 34.08
C LEU B 386 10.73 -9.23 34.74
N LEU B 387 9.49 -9.72 34.68
CA LEU B 387 8.38 -9.00 35.27
C LEU B 387 8.46 -8.98 36.80
N ASP B 388 8.94 -10.08 37.40
CA ASP B 388 9.11 -10.10 38.84
C ASP B 388 10.23 -9.17 39.28
N ALA B 389 11.25 -8.98 38.45
CA ALA B 389 12.31 -8.03 38.77
C ALA B 389 11.81 -6.59 38.67
N LYS B 390 10.85 -6.33 37.78
CA LYS B 390 10.31 -4.98 37.66
C LYS B 390 9.37 -4.65 38.82
N GLN B 391 8.74 -5.66 39.42
CA GLN B 391 7.94 -5.42 40.61
C GLN B 391 8.81 -4.95 41.76
N ASN B 392 9.96 -5.58 41.96
CA ASN B 392 10.87 -5.16 43.02
C ASN B 392 11.47 -3.79 42.73
N ASP B 393 11.66 -3.44 41.46
CA ASP B 393 12.21 -2.13 41.12
C ASP B 393 11.18 -1.03 41.40
N ILE B 394 9.95 -1.21 40.92
CA ILE B 394 8.94 -0.17 41.11
C ILE B 394 8.56 -0.06 42.59
N CYS B 395 8.71 -1.14 43.36
CA CYS B 395 8.40 -1.08 44.78
C CYS B 395 9.48 -0.33 45.55
N LYS B 396 10.75 -0.57 45.22
CA LYS B 396 11.82 0.13 45.93
C LYS B 396 11.89 1.60 45.52
N ARG B 397 11.50 1.92 44.28
CA ARG B 397 11.45 3.33 43.88
C ARG B 397 10.23 4.03 44.46
N ASN B 398 9.15 3.27 44.73
CA ASN B 398 8.01 3.84 45.44
C ASN B 398 8.40 4.21 46.87
N LEU B 399 9.19 3.37 47.53
CA LEU B 399 9.68 3.71 48.87
C LEU B 399 10.69 4.85 48.80
N GLU B 400 11.53 4.87 47.77
CA GLU B 400 12.53 5.93 47.64
C GLU B 400 11.86 7.28 47.41
N ALA B 401 10.78 7.30 46.63
CA ALA B 401 10.03 8.54 46.44
C ALA B 401 9.24 8.92 47.70
N SER B 402 8.90 7.95 48.54
CA SER B 402 8.18 8.25 49.77
C SER B 402 9.10 8.94 50.78
N SER B 403 10.27 8.35 51.05
CA SER B 403 11.17 8.90 52.05
C SER B 403 11.72 10.25 51.63
N ASP B 404 12.01 10.42 50.32
CA ASP B 404 12.58 11.66 49.86
C ASP B 404 11.55 12.79 49.82
N TYR B 405 10.28 12.46 49.59
CA TYR B 405 9.24 13.48 49.58
C TYR B 405 8.88 13.92 50.99
N CYS B 406 8.80 12.97 51.93
CA CYS B 406 8.45 13.33 53.30
C CYS B 406 9.58 14.04 54.01
N SER B 407 10.83 13.64 53.73
CA SER B 407 11.97 14.30 54.35
C SER B 407 12.09 15.74 53.90
N ALA B 408 11.93 16.00 52.60
CA ALA B 408 11.93 17.36 52.10
C ALA B 408 10.71 18.14 52.53
N LEU B 409 9.61 17.44 52.88
CA LEU B 409 8.41 18.11 53.35
C LEU B 409 8.49 18.46 54.83
N LEU B 410 9.27 17.70 55.61
CA LEU B 410 9.48 18.06 57.01
C LEU B 410 10.22 19.40 57.14
N LYS B 411 11.16 19.66 56.23
CA LYS B 411 11.92 20.90 56.26
C LYS B 411 11.08 22.10 55.85
N ASP B 412 9.85 21.88 55.38
CA ASP B 412 8.94 22.98 55.07
C ASP B 412 7.81 23.11 56.08
N ILE B 413 7.59 22.10 56.94
CA ILE B 413 6.55 22.17 57.95
C ILE B 413 7.11 22.81 59.21
N PHE B 414 8.13 22.19 59.80
CA PHE B 414 8.81 22.75 60.97
C PHE B 414 10.29 23.00 60.70
N GLY B 415 10.65 23.25 59.44
CA GLY B 415 11.99 23.65 59.10
C GLY B 415 12.36 24.96 59.76
N PRO B 416 11.60 26.03 59.47
CA PRO B 416 11.81 27.29 60.19
C PRO B 416 11.51 27.21 61.69
N LEU B 417 10.88 26.14 62.16
CA LEU B 417 10.58 26.02 63.58
C LEU B 417 11.80 25.62 64.38
N GLU B 418 12.60 24.68 63.86
CA GLU B 418 13.82 24.29 64.57
C GLU B 418 14.84 25.41 64.64
N GLU B 419 14.75 26.41 63.77
CA GLU B 419 15.59 27.58 63.87
C GLU B 419 14.99 28.65 64.78
N ALA B 420 13.66 28.76 64.82
CA ALA B 420 12.99 29.70 65.71
C ALA B 420 13.02 29.25 67.17
N VAL B 421 13.13 27.95 67.43
CA VAL B 421 13.22 27.48 68.81
C VAL B 421 14.58 27.77 69.41
N LYS B 422 15.62 27.96 68.58
CA LYS B 422 16.94 28.32 69.06
C LYS B 422 17.24 29.81 68.93
N GLN B 423 16.54 30.51 68.03
CA GLN B 423 16.67 31.96 67.97
C GLN B 423 16.10 32.62 69.22
N GLY B 424 14.98 32.11 69.72
CA GLY B 424 14.37 32.64 70.92
C GLY B 424 14.04 31.56 71.93
N ILE B 425 13.27 31.91 72.96
CA ILE B 425 12.86 31.00 74.03
C ILE B 425 14.09 30.38 74.71
N LEU B 434 3.48 25.08 76.43
CA LEU B 434 4.55 24.09 76.38
C LEU B 434 5.07 23.89 74.97
N PHE B 435 6.32 23.41 74.86
CA PHE B 435 6.90 23.16 73.55
C PHE B 435 6.35 21.88 72.93
N ILE B 436 5.98 20.89 73.75
CA ILE B 436 5.49 19.64 73.22
C ILE B 436 4.12 19.81 72.57
N GLN B 437 3.34 20.80 73.03
CA GLN B 437 2.06 21.08 72.38
C GLN B 437 2.24 21.80 71.05
N LYS B 438 3.39 22.43 70.84
CA LYS B 438 3.68 23.01 69.53
C LYS B 438 3.93 21.93 68.49
N THR B 439 4.62 20.86 68.89
CA THR B 439 4.87 19.75 67.95
C THR B 439 3.59 18.98 67.65
N GLU B 440 2.64 18.96 68.58
CA GLU B 440 1.38 18.27 68.34
C GLU B 440 0.56 18.96 67.26
N GLU B 441 0.66 20.28 67.15
CA GLU B 441 -0.01 21.00 66.08
C GLU B 441 0.71 20.83 64.75
N LEU B 442 2.03 20.60 64.78
CA LEU B 442 2.79 20.41 63.56
C LEU B 442 2.73 18.97 63.07
N LYS B 443 2.54 18.01 63.97
CA LYS B 443 2.32 16.63 63.53
C LYS B 443 0.96 16.47 62.87
N ALA B 444 -0.03 17.27 63.28
CA ALA B 444 -1.32 17.25 62.61
C ALA B 444 -1.22 17.82 61.21
N LYS B 445 -0.40 18.86 61.03
CA LYS B 445 -0.17 19.40 59.69
C LYS B 445 0.56 18.38 58.82
N TYR B 446 1.41 17.55 59.42
CA TYR B 446 2.11 16.51 58.66
C TYR B 446 1.12 15.46 58.16
N TYR B 447 0.20 15.01 59.02
CA TYR B 447 -0.76 14.01 58.61
C TYR B 447 -1.78 14.57 57.63
N ARG B 448 -2.12 15.85 57.75
CA ARG B 448 -3.04 16.48 56.81
C ARG B 448 -2.44 16.67 55.43
N GLU B 449 -1.13 16.50 55.28
CA GLU B 449 -0.51 16.62 53.97
C GLU B 449 -0.91 15.44 53.10
N PRO B 450 -1.39 15.67 51.88
CA PRO B 450 -1.84 14.57 51.02
C PRO B 450 -0.71 13.99 50.19
N ARG B 451 -0.99 12.83 49.60
CA ARG B 451 -0.06 12.14 48.70
C ARG B 451 1.28 11.86 49.37
N LYS B 452 1.24 11.49 50.64
CA LYS B 452 2.42 10.98 51.32
C LYS B 452 2.60 9.50 51.00
N GLY B 453 3.86 9.09 50.90
CA GLY B 453 4.14 7.69 50.62
C GLY B 453 3.76 6.79 51.77
N ILE B 454 3.90 5.48 51.52
CA ILE B 454 3.57 4.49 52.53
C ILE B 454 4.56 4.47 53.68
N GLN B 455 5.70 5.13 53.53
CA GLN B 455 6.67 5.29 54.61
C GLN B 455 6.53 6.62 55.33
N ALA B 456 5.31 7.18 55.37
CA ALA B 456 5.11 8.46 56.00
C ALA B 456 5.21 8.35 57.52
N GLU B 457 4.64 7.29 58.09
CA GLU B 457 4.68 7.12 59.54
C GLU B 457 6.09 6.77 60.03
N GLU B 458 6.83 5.99 59.23
CA GLU B 458 8.16 5.56 59.64
C GLU B 458 9.16 6.70 59.55
N VAL B 459 9.03 7.56 58.54
CA VAL B 459 9.99 8.63 58.34
C VAL B 459 9.85 9.73 59.38
N LEU B 460 8.69 9.80 60.06
CA LEU B 460 8.48 10.84 61.07
C LEU B 460 8.99 10.42 62.44
N GLN B 461 8.85 9.14 62.80
CA GLN B 461 9.27 8.69 64.12
C GLN B 461 10.79 8.72 64.26
N LYS B 462 11.52 8.46 63.17
CA LYS B 462 12.98 8.60 63.22
C LYS B 462 13.40 10.06 63.34
N TYR B 463 12.56 11.00 62.92
CA TYR B 463 12.85 12.41 63.11
C TYR B 463 12.55 12.86 64.54
N LEU B 464 11.46 12.36 65.11
CA LEU B 464 11.13 12.70 66.50
C LEU B 464 12.10 12.04 67.47
N LYS B 465 12.62 10.87 67.12
CA LYS B 465 13.57 10.18 67.99
C LYS B 465 14.94 10.87 68.00
N SER B 466 15.21 11.74 67.03
CA SER B 466 16.44 12.52 67.02
C SER B 466 16.30 13.85 67.75
N LYS B 467 15.08 14.24 68.12
CA LYS B 467 14.84 15.50 68.80
C LYS B 467 14.15 15.35 70.14
N GLU B 468 13.67 14.16 70.50
CA GLU B 468 13.06 13.97 71.82
C GLU B 468 14.09 14.05 72.93
N SER B 469 15.36 13.79 72.63
CA SER B 469 16.43 13.95 73.60
C SER B 469 16.97 15.36 73.68
N VAL B 470 16.81 16.15 72.60
CA VAL B 470 17.24 17.53 72.58
C VAL B 470 16.04 18.41 72.92
N SER B 471 15.18 17.93 73.81
CA SER B 471 13.99 18.66 74.21
C SER B 471 14.17 19.29 75.59
N GLU C 5 -27.91 -12.07 19.01
CA GLU C 5 -27.09 -11.48 20.07
C GLU C 5 -25.91 -10.72 19.50
N ILE C 6 -26.22 -9.77 18.62
CA ILE C 6 -25.22 -8.89 18.00
C ILE C 6 -24.16 -9.73 17.30
N HIS C 7 -24.58 -10.56 16.36
CA HIS C 7 -23.65 -11.24 15.45
C HIS C 7 -23.59 -10.52 14.11
N MET C 8 -23.75 -9.20 14.12
CA MET C 8 -23.95 -8.38 12.94
C MET C 8 -22.67 -8.25 12.13
N SER C 9 -21.64 -9.01 12.49
CA SER C 9 -20.38 -8.96 11.75
C SER C 9 -20.58 -9.41 10.31
N ASP C 10 -21.13 -10.62 10.12
CA ASP C 10 -21.42 -11.18 8.81
C ASP C 10 -22.56 -12.16 8.94
N PRO C 11 -23.45 -12.24 7.95
CA PRO C 11 -24.45 -13.31 7.94
C PRO C 11 -23.79 -14.65 7.71
N MET C 12 -24.51 -15.72 8.08
CA MET C 12 -23.99 -17.07 7.97
C MET C 12 -24.99 -17.96 7.26
N CYS C 13 -24.48 -19.04 6.69
CA CYS C 13 -25.31 -19.98 5.95
C CYS C 13 -26.19 -20.78 6.90
N LEU C 14 -27.50 -20.77 6.64
CA LEU C 14 -28.45 -21.53 7.44
C LEU C 14 -28.70 -22.91 6.84
N ILE C 15 -29.13 -22.95 5.58
CA ILE C 15 -29.36 -24.19 4.84
C ILE C 15 -28.51 -24.14 3.59
N GLU C 16 -27.76 -25.22 3.35
CA GLU C 16 -26.85 -25.30 2.21
C GLU C 16 -27.28 -26.43 1.28
N ASN C 17 -27.12 -26.21 -0.02
CA ASN C 17 -27.44 -27.19 -1.04
C ASN C 17 -26.30 -27.30 -2.04
N PHE C 18 -25.06 -27.24 -1.55
CA PHE C 18 -23.89 -27.34 -2.42
C PHE C 18 -23.80 -28.72 -3.05
N ASN C 19 -24.00 -29.77 -2.26
CA ASN C 19 -24.06 -31.13 -2.79
C ASN C 19 -25.45 -31.40 -3.34
N GLU C 20 -25.81 -32.68 -3.49
CA GLU C 20 -27.12 -33.03 -3.98
C GLU C 20 -28.16 -33.13 -2.86
N GLN C 21 -27.74 -33.15 -1.60
CA GLN C 21 -28.64 -33.25 -0.47
C GLN C 21 -28.73 -31.91 0.25
N LEU C 22 -29.80 -31.74 1.01
CA LEU C 22 -30.00 -30.55 1.83
C LEU C 22 -29.40 -30.79 3.21
N LYS C 23 -28.47 -29.91 3.60
CA LYS C 23 -27.82 -29.99 4.90
C LYS C 23 -28.08 -28.71 5.68
N VAL C 24 -28.30 -28.86 6.98
CA VAL C 24 -28.58 -27.74 7.87
C VAL C 24 -27.33 -27.44 8.68
N ASN C 25 -26.96 -26.16 8.75
CA ASN C 25 -25.78 -25.74 9.48
C ASN C 25 -26.10 -25.73 10.97
N GLN C 26 -25.48 -26.64 11.72
CA GLN C 26 -25.78 -26.75 13.15
C GLN C 26 -25.29 -25.53 13.92
N GLU C 27 -24.14 -24.97 13.52
CA GLU C 27 -23.64 -23.78 14.19
C GLU C 27 -24.51 -22.56 13.93
N ALA C 28 -25.38 -22.61 12.91
CA ALA C 28 -26.37 -21.57 12.73
C ALA C 28 -27.61 -21.80 13.57
N LEU C 29 -27.92 -23.06 13.88
CA LEU C 29 -29.05 -23.38 14.74
C LEU C 29 -28.78 -23.07 16.19
N GLU C 30 -27.50 -23.08 16.62
CA GLU C 30 -27.16 -22.68 17.97
C GLU C 30 -27.45 -21.20 18.18
N ILE C 31 -27.15 -20.37 17.19
CA ILE C 31 -27.46 -18.94 17.27
C ILE C 31 -28.97 -18.73 17.26
N LEU C 32 -29.69 -19.56 16.49
CA LEU C 32 -31.14 -19.39 16.37
C LEU C 32 -31.85 -19.78 17.66
N SER C 33 -31.44 -20.88 18.28
CA SER C 33 -32.11 -21.34 19.50
C SER C 33 -31.89 -20.40 20.68
N ALA C 34 -30.88 -19.54 20.62
CA ALA C 34 -30.62 -18.59 21.70
C ALA C 34 -31.52 -17.36 21.63
N ILE C 35 -32.34 -17.23 20.60
CA ILE C 35 -33.24 -16.09 20.45
C ILE C 35 -34.53 -16.42 21.19
N THR C 36 -34.73 -15.80 22.35
CA THR C 36 -35.95 -15.99 23.13
C THR C 36 -37.07 -15.05 22.70
N GLN C 37 -36.74 -13.91 22.11
CA GLN C 37 -37.75 -12.96 21.68
C GLN C 37 -38.51 -13.51 20.47
N PRO C 38 -39.76 -13.08 20.28
CA PRO C 38 -40.47 -13.44 19.04
C PRO C 38 -39.77 -12.87 17.82
N VAL C 39 -39.79 -13.63 16.73
CA VAL C 39 -39.00 -13.32 15.55
C VAL C 39 -39.92 -12.85 14.42
N VAL C 40 -39.48 -11.80 13.73
CA VAL C 40 -40.08 -11.37 12.47
C VAL C 40 -39.12 -11.80 11.36
N VAL C 41 -39.58 -12.70 10.51
CA VAL C 41 -38.73 -13.32 9.49
C VAL C 41 -39.00 -12.65 8.15
N VAL C 42 -37.97 -12.06 7.56
CA VAL C 42 -38.03 -11.47 6.24
C VAL C 42 -37.06 -12.24 5.36
N ALA C 43 -37.60 -13.02 4.43
CA ALA C 43 -36.79 -13.85 3.52
C ALA C 43 -36.64 -13.13 2.19
N ILE C 44 -35.39 -12.88 1.80
CA ILE C 44 -35.07 -12.22 0.55
C ILE C 44 -34.78 -13.28 -0.50
N VAL C 45 -35.49 -13.21 -1.62
CA VAL C 45 -35.28 -14.10 -2.76
C VAL C 45 -35.01 -13.23 -3.98
N GLY C 46 -33.77 -13.20 -4.44
CA GLY C 46 -33.40 -12.38 -5.58
C GLY C 46 -33.08 -13.18 -6.82
N LEU C 47 -33.85 -12.98 -7.87
CA LEU C 47 -33.63 -13.70 -9.11
C LEU C 47 -32.56 -13.02 -9.96
N TYR C 48 -32.05 -13.78 -10.94
CA TYR C 48 -31.12 -13.27 -11.95
C TYR C 48 -29.86 -12.66 -11.33
N ARG C 49 -29.53 -13.08 -10.11
CA ARG C 49 -28.32 -12.64 -9.41
C ARG C 49 -28.24 -11.13 -9.29
N THR C 50 -28.98 -10.57 -8.34
CA THR C 50 -28.97 -9.13 -8.10
C THR C 50 -27.72 -8.73 -7.31
N GLY C 51 -27.78 -7.60 -6.62
CA GLY C 51 -26.64 -7.16 -5.84
C GLY C 51 -26.35 -8.11 -4.68
N LYS C 52 -25.05 -8.26 -4.38
CA LYS C 52 -24.61 -9.15 -3.32
C LYS C 52 -25.13 -8.68 -1.97
N SER C 53 -26.29 -9.20 -1.56
CA SER C 53 -26.86 -8.94 -0.24
C SER C 53 -27.07 -7.46 0.00
N TYR C 54 -27.47 -6.73 -1.05
CA TYR C 54 -27.66 -5.28 -0.91
C TYR C 54 -28.87 -4.97 -0.03
N LEU C 55 -30.03 -5.56 -0.35
CA LEU C 55 -31.21 -5.32 0.45
C LEU C 55 -31.08 -5.91 1.86
N MET C 56 -30.27 -6.97 2.00
CA MET C 56 -30.09 -7.57 3.32
C MET C 56 -29.22 -6.70 4.21
N ASN C 57 -28.25 -5.99 3.63
CA ASN C 57 -27.36 -5.16 4.44
C ASN C 57 -28.08 -3.95 5.01
N LYS C 58 -28.90 -3.28 4.19
CA LYS C 58 -29.60 -2.09 4.66
C LYS C 58 -30.78 -2.42 5.55
N LEU C 59 -31.30 -3.65 5.48
CA LEU C 59 -32.30 -4.08 6.46
C LEU C 59 -31.68 -4.41 7.80
N ALA C 60 -30.37 -4.65 7.84
CA ALA C 60 -29.66 -4.96 9.07
C ALA C 60 -28.97 -3.75 9.69
N GLY C 61 -28.81 -2.66 8.95
CA GLY C 61 -28.16 -1.48 9.45
C GLY C 61 -26.68 -1.37 9.16
N LYS C 62 -26.14 -2.23 8.30
CA LYS C 62 -24.72 -2.20 7.95
C LYS C 62 -24.53 -2.33 6.43
N SER C 74 -23.19 -13.78 -2.50
CA SER C 74 -22.63 -15.10 -2.29
C SER C 74 -23.68 -16.08 -1.78
N HIS C 75 -24.94 -15.66 -1.84
CA HIS C 75 -26.07 -16.45 -1.33
C HIS C 75 -26.84 -17.03 -2.51
N THR C 76 -26.25 -18.02 -3.16
CA THR C 76 -26.81 -18.56 -4.39
C THR C 76 -27.25 -20.02 -4.27
N LYS C 77 -26.54 -20.84 -3.50
CA LYS C 77 -26.84 -22.26 -3.41
C LYS C 77 -27.42 -22.65 -2.05
N GLY C 78 -28.12 -21.72 -1.40
CA GLY C 78 -28.71 -22.02 -0.11
C GLY C 78 -29.37 -20.79 0.47
N ILE C 79 -29.57 -20.82 1.79
CA ILE C 79 -30.20 -19.73 2.53
C ILE C 79 -29.22 -19.25 3.58
N TRP C 80 -29.01 -17.93 3.63
CA TRP C 80 -28.16 -17.29 4.61
C TRP C 80 -29.01 -16.54 5.63
N ILE C 81 -28.66 -16.66 6.90
CA ILE C 81 -29.44 -16.11 8.01
C ILE C 81 -28.66 -14.98 8.66
N TRP C 82 -29.37 -13.92 9.03
CA TRP C 82 -28.77 -12.77 9.70
C TRP C 82 -29.79 -12.22 10.67
N CYS C 83 -29.48 -12.31 11.98
CA CYS C 83 -30.40 -11.90 13.03
C CYS C 83 -29.96 -10.55 13.59
N VAL C 84 -30.84 -9.57 13.51
CA VAL C 84 -30.57 -8.21 14.00
C VAL C 84 -31.74 -7.78 14.87
N PRO C 85 -31.50 -7.16 16.03
CA PRO C 85 -32.62 -6.66 16.83
C PRO C 85 -33.44 -5.65 16.06
N HIS C 86 -34.76 -5.75 16.20
CA HIS C 86 -35.66 -4.89 15.44
C HIS C 86 -35.45 -3.43 15.83
N PRO C 87 -35.21 -2.53 14.88
CA PRO C 87 -34.94 -1.13 15.25
C PRO C 87 -36.16 -0.39 15.77
N ASN C 88 -37.36 -0.74 15.32
CA ASN C 88 -38.58 -0.07 15.76
C ASN C 88 -39.36 -0.84 16.82
N TRP C 89 -39.31 -2.17 16.79
CA TRP C 89 -40.11 -3.00 17.67
C TRP C 89 -39.26 -3.48 18.84
N PRO C 90 -39.45 -2.96 20.05
CA PRO C 90 -38.64 -3.43 21.17
C PRO C 90 -38.97 -4.87 21.54
N ASN C 91 -37.97 -5.56 22.10
CA ASN C 91 -38.08 -6.96 22.49
C ASN C 91 -38.49 -7.84 21.31
N HIS C 92 -38.04 -7.49 20.11
CA HIS C 92 -38.30 -8.26 18.90
C HIS C 92 -37.01 -8.45 18.12
N THR C 93 -36.85 -9.61 17.51
CA THR C 93 -35.66 -9.95 16.74
C THR C 93 -36.02 -10.05 15.26
N LEU C 94 -35.29 -9.31 14.42
CA LEU C 94 -35.49 -9.32 12.98
C LEU C 94 -34.49 -10.30 12.37
N VAL C 95 -34.97 -11.50 12.08
CA VAL C 95 -34.13 -12.53 11.44
C VAL C 95 -34.31 -12.43 9.94
N LEU C 96 -33.22 -12.20 9.22
CA LEU C 96 -33.26 -12.02 7.77
C LEU C 96 -32.77 -13.30 7.08
N LEU C 97 -33.45 -13.65 6.00
CA LEU C 97 -33.06 -14.77 5.16
C LEU C 97 -32.81 -14.26 3.74
N ASP C 98 -31.73 -14.74 3.12
CA ASP C 98 -31.34 -14.27 1.80
C ASP C 98 -30.95 -15.45 0.93
N THR C 99 -31.30 -15.38 -0.35
CA THR C 99 -30.95 -16.42 -1.31
C THR C 99 -31.13 -15.88 -2.72
N GLU C 100 -30.31 -16.39 -3.64
CA GLU C 100 -30.37 -16.03 -5.05
C GLU C 100 -30.48 -17.29 -5.89
N GLY C 101 -30.97 -17.15 -7.11
CA GLY C 101 -31.21 -18.29 -7.98
C GLY C 101 -31.02 -17.95 -9.44
N LEU C 102 -31.92 -18.46 -10.28
CA LEU C 102 -31.82 -18.30 -11.73
C LEU C 102 -31.84 -16.84 -12.16
N ASN C 110 -31.60 -26.29 -11.76
CA ASN C 110 -32.85 -25.74 -12.29
C ASN C 110 -33.99 -25.90 -11.30
N LYS C 111 -34.34 -27.15 -11.01
CA LYS C 111 -35.43 -27.46 -10.09
C LYS C 111 -34.98 -27.56 -8.64
N ASN C 112 -33.69 -27.40 -8.36
CA ASN C 112 -33.19 -27.47 -7.00
C ASN C 112 -33.29 -26.14 -6.25
N ASP C 113 -33.31 -25.02 -6.96
CA ASP C 113 -33.50 -23.72 -6.32
C ASP C 113 -34.96 -23.41 -6.05
N ILE C 114 -35.89 -24.21 -6.57
CA ILE C 114 -37.31 -23.96 -6.33
C ILE C 114 -37.69 -24.34 -4.91
N GLN C 115 -37.09 -25.42 -4.38
CA GLN C 115 -37.43 -25.88 -3.04
C GLN C 115 -36.78 -25.02 -1.96
N ILE C 116 -35.60 -24.45 -2.21
CA ILE C 116 -34.99 -23.58 -1.22
C ILE C 116 -35.72 -22.24 -1.18
N PHE C 117 -36.27 -21.80 -2.32
CA PHE C 117 -37.15 -20.64 -2.31
C PHE C 117 -38.44 -20.94 -1.56
N ALA C 118 -38.94 -22.17 -1.69
CA ALA C 118 -40.12 -22.58 -0.96
C ALA C 118 -39.84 -22.67 0.54
N LEU C 119 -38.65 -23.17 0.90
CA LEU C 119 -38.26 -23.24 2.30
C LEU C 119 -38.20 -21.85 2.92
N ALA C 120 -37.67 -20.88 2.18
CA ALA C 120 -37.63 -19.51 2.67
C ALA C 120 -39.04 -18.94 2.81
N LEU C 121 -39.94 -19.29 1.88
CA LEU C 121 -41.31 -18.81 1.96
C LEU C 121 -42.04 -19.41 3.15
N LEU C 122 -41.77 -20.68 3.46
CA LEU C 122 -42.40 -21.32 4.61
C LEU C 122 -41.97 -20.68 5.92
N LEU C 123 -40.68 -20.38 6.05
CA LEU C 123 -40.14 -19.84 7.30
C LEU C 123 -40.35 -18.34 7.45
N SER C 124 -40.77 -17.65 6.40
CA SER C 124 -40.86 -16.20 6.44
C SER C 124 -42.26 -15.73 6.83
N SER C 125 -42.30 -14.58 7.48
CA SER C 125 -43.54 -13.82 7.63
C SER C 125 -43.70 -12.75 6.56
N THR C 126 -42.60 -12.29 5.97
CA THR C 126 -42.62 -11.36 4.86
C THR C 126 -41.71 -11.90 3.77
N PHE C 127 -42.25 -12.11 2.58
CA PHE C 127 -41.52 -12.70 1.46
C PHE C 127 -41.33 -11.64 0.38
N VAL C 128 -40.12 -11.12 0.28
CA VAL C 128 -39.81 -10.09 -0.70
C VAL C 128 -39.27 -10.75 -1.96
N TYR C 129 -39.90 -10.45 -3.09
CA TYR C 129 -39.53 -10.98 -4.39
C TYR C 129 -38.69 -9.95 -5.12
N ASN C 130 -37.47 -10.31 -5.49
CA ASN C 130 -36.51 -9.38 -6.09
C ASN C 130 -36.17 -9.87 -7.50
N THR C 131 -36.79 -9.24 -8.51
CA THR C 131 -36.58 -9.55 -9.91
C THR C 131 -35.90 -8.37 -10.59
N VAL C 132 -36.10 -8.21 -11.90
CA VAL C 132 -35.48 -7.14 -12.67
C VAL C 132 -36.35 -6.85 -13.89
N ASN C 133 -36.15 -5.66 -14.46
CA ASN C 133 -36.91 -5.18 -15.62
C ASN C 133 -38.39 -5.19 -15.27
N LYS C 134 -39.27 -5.40 -16.25
CA LYS C 134 -40.68 -5.59 -15.95
C LYS C 134 -40.92 -7.03 -15.49
N ILE C 135 -42.15 -7.30 -15.08
CA ILE C 135 -42.51 -8.62 -14.58
C ILE C 135 -43.15 -9.41 -15.72
N ASP C 136 -42.42 -10.38 -16.23
CA ASP C 136 -42.87 -11.22 -17.33
C ASP C 136 -43.56 -12.48 -16.77
N GLN C 137 -44.02 -13.34 -17.68
CA GLN C 137 -44.65 -14.58 -17.25
C GLN C 137 -43.63 -15.54 -16.64
N GLY C 138 -42.37 -15.43 -17.03
CA GLY C 138 -41.35 -16.29 -16.46
C GLY C 138 -41.17 -16.08 -14.97
N ALA C 139 -41.23 -14.82 -14.52
CA ALA C 139 -41.16 -14.54 -13.09
C ALA C 139 -42.45 -14.93 -12.39
N ILE C 140 -43.59 -14.80 -13.07
CA ILE C 140 -44.87 -15.18 -12.47
C ILE C 140 -44.97 -16.69 -12.38
N ASP C 141 -44.55 -17.41 -13.42
CA ASP C 141 -44.56 -18.87 -13.36
C ASP C 141 -43.58 -19.39 -12.31
N LEU C 142 -42.48 -18.67 -12.08
CA LEU C 142 -41.51 -19.11 -11.08
C LEU C 142 -42.07 -18.93 -9.67
N LEU C 143 -42.68 -17.78 -9.39
CA LEU C 143 -43.31 -17.58 -8.10
C LEU C 143 -44.47 -18.54 -7.89
N HIS C 144 -45.15 -18.92 -8.97
CA HIS C 144 -46.24 -19.88 -8.87
C HIS C 144 -45.74 -21.25 -8.41
N ASN C 145 -44.61 -21.70 -8.96
CA ASN C 145 -44.07 -23.00 -8.56
C ASN C 145 -43.57 -22.99 -7.13
N VAL C 146 -43.12 -21.83 -6.64
CA VAL C 146 -42.69 -21.74 -5.25
C VAL C 146 -43.88 -21.91 -4.30
N THR C 147 -45.02 -21.30 -4.64
CA THR C 147 -46.21 -21.46 -3.81
C THR C 147 -46.75 -22.89 -3.86
N GLU C 148 -46.47 -23.61 -4.95
CA GLU C 148 -46.95 -24.99 -5.05
C GLU C 148 -46.19 -25.91 -4.11
N LEU C 149 -44.87 -25.75 -4.03
CA LEU C 149 -44.06 -26.61 -3.17
C LEU C 149 -44.37 -26.41 -1.69
N THR C 150 -44.89 -25.24 -1.32
CA THR C 150 -45.36 -25.01 0.05
C THR C 150 -46.83 -25.40 0.09
N ASP C 151 -47.09 -26.68 0.37
CA ASP C 151 -48.45 -27.19 0.31
C ASP C 151 -49.26 -26.78 1.53
N LEU C 152 -49.17 -25.51 1.91
CA LEU C 152 -49.99 -24.96 2.98
C LEU C 152 -51.36 -24.49 2.51
N LEU C 153 -51.55 -24.35 1.21
CA LEU C 153 -52.82 -23.94 0.63
C LEU C 153 -53.79 -25.09 0.46
N LYS C 154 -53.45 -26.27 0.95
CA LYS C 154 -54.32 -27.45 0.88
C LYS C 154 -55.55 -27.28 1.76
N SER C 172 -54.71 -16.36 7.94
CA SER C 172 -54.09 -15.15 8.45
C SER C 172 -52.60 -15.36 8.72
N PHE C 173 -52.16 -16.61 8.64
CA PHE C 173 -50.76 -16.96 8.81
C PHE C 173 -49.96 -16.92 7.51
N PHE C 174 -50.62 -16.65 6.39
CA PHE C 174 -49.92 -16.55 5.12
C PHE C 174 -49.05 -15.30 5.11
N PRO C 175 -47.84 -15.38 4.56
CA PRO C 175 -46.97 -14.20 4.50
C PRO C 175 -47.44 -13.23 3.42
N ASP C 176 -46.94 -12.00 3.52
CA ASP C 176 -47.24 -10.97 2.54
C ASP C 176 -46.10 -10.88 1.52
N LEU C 177 -46.43 -10.29 0.37
CA LEU C 177 -45.52 -10.24 -0.76
C LEU C 177 -45.01 -8.80 -0.96
N VAL C 178 -43.71 -8.68 -1.23
CA VAL C 178 -43.08 -7.39 -1.50
C VAL C 178 -42.29 -7.58 -2.80
N TRP C 179 -42.90 -7.27 -3.93
CA TRP C 179 -42.29 -7.46 -5.23
C TRP C 179 -41.52 -6.20 -5.61
N THR C 180 -40.21 -6.35 -5.78
CA THR C 180 -39.33 -5.22 -6.06
C THR C 180 -38.74 -5.34 -7.47
N LEU C 181 -38.68 -4.21 -8.16
CA LEU C 181 -38.06 -4.12 -9.49
C LEU C 181 -36.86 -3.18 -9.38
N ARG C 182 -35.72 -3.62 -9.93
CA ARG C 182 -34.45 -2.95 -9.68
C ARG C 182 -33.95 -2.15 -10.88
N ASP C 183 -34.82 -1.87 -11.86
CA ASP C 183 -34.43 -1.08 -13.01
C ASP C 183 -35.59 -0.21 -13.48
N PHE C 184 -35.25 0.78 -14.30
CA PHE C 184 -36.22 1.80 -14.70
C PHE C 184 -37.27 1.23 -15.62
N CYS C 185 -38.48 1.77 -15.53
CA CYS C 185 -39.59 1.39 -16.38
C CYS C 185 -40.36 2.64 -16.78
N LEU C 186 -41.27 2.48 -17.74
CA LEU C 186 -42.05 3.63 -18.21
C LEU C 186 -43.00 4.14 -17.13
N GLY C 187 -43.52 3.26 -16.29
CA GLY C 187 -44.42 3.66 -15.22
C GLY C 187 -43.70 4.25 -14.02
N VAL C 195 -48.97 5.93 -13.41
CA VAL C 195 -49.34 4.69 -12.73
C VAL C 195 -48.34 4.39 -11.61
N THR C 196 -48.86 4.20 -10.41
CA THR C 196 -48.00 3.92 -9.25
C THR C 196 -47.49 2.49 -9.29
N PRO C 197 -46.35 2.23 -8.63
CA PRO C 197 -45.84 0.84 -8.59
C PRO C 197 -46.84 -0.15 -8.00
N ASP C 198 -47.61 0.27 -7.00
CA ASP C 198 -48.64 -0.61 -6.45
C ASP C 198 -49.75 -0.86 -7.45
N GLU C 199 -50.08 0.14 -8.28
CA GLU C 199 -51.09 -0.03 -9.32
C GLU C 199 -50.57 -0.79 -10.53
N TYR C 200 -49.26 -1.02 -10.62
CA TYR C 200 -48.69 -1.80 -11.71
C TYR C 200 -48.69 -3.30 -11.42
N LEU C 201 -48.69 -3.70 -10.16
CA LEU C 201 -48.60 -5.11 -9.81
C LEU C 201 -49.92 -5.82 -10.11
N GLU C 202 -51.01 -5.40 -9.45
CA GLU C 202 -52.30 -6.05 -9.65
C GLU C 202 -52.82 -5.87 -11.07
N ASN C 203 -52.36 -4.84 -11.78
CA ASN C 203 -52.71 -4.72 -13.19
C ASN C 203 -51.96 -5.75 -14.04
N SER C 204 -50.78 -6.16 -13.58
CA SER C 204 -50.06 -7.24 -14.25
C SER C 204 -50.57 -8.60 -13.83
N LEU C 205 -51.09 -8.73 -12.60
CA LEU C 205 -51.72 -9.95 -12.13
C LEU C 205 -53.21 -9.99 -12.45
N ARG C 206 -53.67 -9.14 -13.34
CA ARG C 206 -55.10 -9.09 -13.66
C ARG C 206 -55.48 -10.31 -14.49
N PRO C 207 -56.62 -10.93 -14.21
CA PRO C 207 -57.04 -12.10 -14.99
C PRO C 207 -57.57 -11.69 -16.36
N LYS C 208 -57.54 -12.64 -17.28
CA LYS C 208 -57.86 -12.40 -18.68
C LYS C 208 -59.00 -13.31 -19.10
N GLN C 209 -60.14 -12.69 -19.47
CA GLN C 209 -61.31 -13.40 -19.97
C GLN C 209 -61.76 -14.55 -19.06
N VAL C 215 -59.79 -20.49 -24.73
CA VAL C 215 -59.07 -21.23 -23.70
C VAL C 215 -57.60 -21.37 -24.12
N GLN C 216 -57.24 -20.70 -25.22
CA GLN C 216 -55.87 -20.72 -25.69
C GLN C 216 -54.91 -20.19 -24.62
N ASN C 217 -55.14 -18.97 -24.18
CA ASN C 217 -54.34 -18.41 -23.10
C ASN C 217 -54.71 -19.03 -21.77
N PHE C 218 -53.81 -18.89 -20.79
CA PHE C 218 -54.06 -19.43 -19.45
C PHE C 218 -53.16 -18.68 -18.47
N ASN C 219 -53.70 -17.65 -17.84
CA ASN C 219 -53.02 -16.96 -16.75
C ASN C 219 -53.36 -17.60 -15.40
N LEU C 220 -53.19 -18.91 -15.33
CA LEU C 220 -53.43 -19.63 -14.09
C LEU C 220 -52.60 -19.14 -12.92
N PRO C 221 -51.30 -18.86 -13.06
CA PRO C 221 -50.55 -18.36 -11.90
C PRO C 221 -51.02 -16.99 -11.41
N ARG C 222 -51.52 -16.13 -12.30
CA ARG C 222 -51.93 -14.80 -11.89
C ARG C 222 -53.07 -14.85 -10.88
N LEU C 223 -54.01 -15.78 -11.06
CA LEU C 223 -55.03 -16.00 -10.05
C LEU C 223 -54.48 -16.73 -8.83
N CYS C 224 -53.42 -17.52 -9.02
CA CYS C 224 -52.82 -18.23 -7.90
C CYS C 224 -51.97 -17.31 -7.03
N ILE C 225 -51.37 -16.28 -7.62
CA ILE C 225 -50.61 -15.30 -6.85
C ILE C 225 -51.51 -14.20 -6.29
N GLN C 226 -52.68 -13.98 -6.89
CA GLN C 226 -53.60 -12.97 -6.36
C GLN C 226 -54.10 -13.37 -4.97
N LYS C 227 -54.52 -14.62 -4.95
CA LYS C 227 -54.84 -15.37 -3.74
C LYS C 227 -53.50 -16.00 -3.29
N PHE C 228 -53.39 -16.25 -1.99
CA PHE C 228 -52.21 -16.84 -1.35
C PHE C 228 -51.25 -15.81 -0.80
N PHE C 229 -51.41 -14.58 -1.28
CA PHE C 229 -50.60 -13.43 -0.93
C PHE C 229 -51.61 -12.31 -0.75
N PRO C 230 -52.29 -12.30 0.37
CA PRO C 230 -53.32 -11.30 0.62
C PRO C 230 -52.80 -9.88 0.64
N LYS C 231 -51.63 -9.64 1.20
CA LYS C 231 -51.11 -8.29 1.23
C LYS C 231 -49.99 -8.19 0.24
N LYS C 232 -50.03 -7.18 -0.62
CA LYS C 232 -49.00 -7.04 -1.63
C LYS C 232 -48.49 -5.60 -1.64
N LYS C 233 -47.19 -5.46 -1.94
CA LYS C 233 -46.56 -4.15 -2.02
C LYS C 233 -45.50 -4.21 -3.10
N CYS C 234 -45.40 -3.13 -3.89
CA CYS C 234 -44.46 -3.07 -5.01
C CYS C 234 -43.62 -1.81 -4.89
N PHE C 235 -42.30 -1.98 -4.95
CA PHE C 235 -41.35 -0.88 -4.98
C PHE C 235 -40.50 -0.98 -6.24
N ILE C 236 -40.20 0.16 -6.83
CA ILE C 236 -39.42 0.24 -8.07
C ILE C 236 -38.17 1.06 -7.80
N PHE C 237 -37.02 0.54 -8.20
CA PHE C 237 -35.74 1.22 -8.05
C PHE C 237 -35.21 1.64 -9.41
N ASP C 238 -34.13 2.42 -9.40
CA ASP C 238 -33.53 2.92 -10.62
C ASP C 238 -32.07 2.48 -10.75
N LEU C 257 -23.40 8.11 -4.40
CA LEU C 257 -24.52 7.27 -4.84
C LEU C 257 -25.63 8.13 -5.41
N GLU C 258 -26.58 7.50 -6.11
CA GLU C 258 -27.68 8.23 -6.72
C GLU C 258 -28.63 8.71 -5.64
N PRO C 259 -29.06 9.99 -5.67
CA PRO C 259 -29.93 10.50 -4.60
C PRO C 259 -31.31 9.87 -4.59
N GLU C 260 -31.99 9.87 -5.74
CA GLU C 260 -33.34 9.32 -5.80
C GLU C 260 -33.38 7.82 -5.62
N PHE C 261 -32.23 7.14 -5.75
CA PHE C 261 -32.21 5.69 -5.58
C PHE C 261 -32.21 5.30 -4.10
N VAL C 262 -31.44 5.99 -3.28
CA VAL C 262 -31.39 5.65 -1.86
C VAL C 262 -32.62 6.14 -1.11
N GLN C 263 -33.39 7.07 -1.68
CA GLN C 263 -34.62 7.49 -1.04
C GLN C 263 -35.68 6.39 -1.09
N GLN C 264 -35.79 5.70 -2.22
CA GLN C 264 -36.78 4.63 -2.36
C GLN C 264 -36.29 3.31 -1.79
N VAL C 265 -34.98 3.14 -1.59
CA VAL C 265 -34.49 1.95 -0.90
C VAL C 265 -34.66 2.07 0.60
N THR C 266 -34.76 3.30 1.12
CA THR C 266 -35.07 3.51 2.53
C THR C 266 -36.57 3.52 2.78
N GLU C 267 -37.38 3.92 1.79
CA GLU C 267 -38.82 3.75 1.90
C GLU C 267 -39.21 2.28 1.85
N PHE C 268 -38.39 1.45 1.22
CA PHE C 268 -38.62 0.01 1.26
C PHE C 268 -38.33 -0.54 2.65
N CYS C 269 -37.33 0.01 3.33
CA CYS C 269 -37.01 -0.44 4.69
C CYS C 269 -38.04 0.08 5.69
N SER C 270 -38.53 1.30 5.48
CA SER C 270 -39.58 1.83 6.36
C SER C 270 -40.88 1.05 6.24
N TYR C 271 -41.08 0.35 5.12
CA TYR C 271 -42.26 -0.51 5.00
C TYR C 271 -42.05 -1.82 5.75
N ILE C 272 -40.88 -2.44 5.60
CA ILE C 272 -40.62 -3.71 6.26
C ILE C 272 -40.59 -3.53 7.78
N PHE C 273 -39.94 -2.48 8.26
CA PHE C 273 -39.86 -2.25 9.69
C PHE C 273 -41.21 -1.91 10.32
N SER C 274 -42.16 -1.42 9.52
CA SER C 274 -43.45 -0.98 10.05
C SER C 274 -44.60 -1.92 9.74
N HIS C 275 -44.49 -2.76 8.71
CA HIS C 275 -45.58 -3.65 8.31
C HIS C 275 -45.34 -5.11 8.66
N SER C 276 -44.11 -5.59 8.60
CA SER C 276 -43.84 -7.00 8.83
C SER C 276 -44.25 -7.41 10.24
N MET C 277 -45.08 -8.45 10.33
CA MET C 277 -45.60 -8.95 11.58
C MET C 277 -44.78 -10.16 12.06
N THR C 278 -45.08 -10.60 13.28
CA THR C 278 -44.41 -11.75 13.86
C THR C 278 -44.80 -13.02 13.12
N LYS C 279 -43.81 -13.90 12.91
CA LYS C 279 -44.08 -15.20 12.30
C LYS C 279 -45.05 -16.00 13.16
N THR C 280 -46.16 -16.43 12.56
CA THR C 280 -47.18 -17.17 13.28
C THR C 280 -47.48 -18.47 12.58
N LEU C 281 -48.04 -19.41 13.34
CA LEU C 281 -48.51 -20.70 12.85
C LEU C 281 -50.04 -20.76 12.93
N PRO C 282 -50.67 -21.67 12.20
CA PRO C 282 -52.13 -21.79 12.26
C PRO C 282 -52.62 -22.02 13.68
N GLY C 283 -53.39 -21.05 14.19
CA GLY C 283 -53.94 -21.14 15.53
C GLY C 283 -53.48 -20.03 16.45
N GLY C 284 -52.90 -18.97 15.88
CA GLY C 284 -52.40 -17.87 16.67
C GLY C 284 -51.24 -18.27 17.57
N ILE C 285 -50.22 -18.86 16.96
CA ILE C 285 -49.07 -19.39 17.69
C ILE C 285 -47.85 -18.56 17.29
N MET C 286 -47.37 -17.73 18.21
CA MET C 286 -46.19 -16.92 17.93
C MET C 286 -44.92 -17.77 17.91
N VAL C 287 -44.07 -17.52 16.93
CA VAL C 287 -42.83 -18.26 16.74
C VAL C 287 -41.66 -17.40 17.19
N ASN C 288 -40.75 -18.01 17.94
CA ASN C 288 -39.50 -17.38 18.34
C ASN C 288 -38.33 -18.18 17.79
N GLY C 289 -37.12 -17.82 18.20
CA GLY C 289 -35.93 -18.48 17.69
C GLY C 289 -35.87 -19.96 18.03
N SER C 290 -36.42 -20.35 19.19
CA SER C 290 -36.43 -21.75 19.56
C SER C 290 -37.39 -22.55 18.67
N ARG C 291 -38.55 -21.97 18.35
CA ARG C 291 -39.52 -22.67 17.52
C ARG C 291 -39.15 -22.62 16.04
N LEU C 292 -38.50 -21.54 15.59
CA LEU C 292 -38.05 -21.47 14.21
C LEU C 292 -36.97 -22.51 13.92
N LYS C 293 -36.13 -22.82 14.91
CA LYS C 293 -35.12 -23.86 14.74
C LYS C 293 -35.78 -25.21 14.49
N ASN C 294 -36.73 -25.59 15.34
CA ASN C 294 -37.45 -26.84 15.14
C ASN C 294 -38.29 -26.80 13.87
N LEU C 295 -38.78 -25.62 13.49
CA LEU C 295 -39.56 -25.50 12.26
C LEU C 295 -38.69 -25.71 11.03
N VAL C 296 -37.43 -25.29 11.09
CA VAL C 296 -36.51 -25.54 9.98
C VAL C 296 -36.27 -27.05 9.83
N LEU C 297 -35.96 -27.72 10.94
CA LEU C 297 -35.63 -29.14 10.89
C LEU C 297 -36.80 -29.97 10.38
N THR C 298 -38.03 -29.60 10.75
CA THR C 298 -39.19 -30.35 10.29
C THR C 298 -39.38 -30.21 8.78
N TYR C 299 -39.18 -28.99 8.26
CA TYR C 299 -39.39 -28.77 6.83
C TYR C 299 -38.28 -29.40 5.99
N VAL C 300 -37.02 -29.27 6.43
CA VAL C 300 -35.92 -29.76 5.62
C VAL C 300 -35.87 -31.28 5.65
N ASN C 301 -36.15 -31.90 6.80
CA ASN C 301 -36.21 -33.35 6.86
C ASN C 301 -37.38 -33.90 6.08
N ALA C 302 -38.40 -33.08 5.82
CA ALA C 302 -39.47 -33.48 4.91
C ALA C 302 -39.02 -33.38 3.46
N ILE C 303 -38.48 -32.22 3.07
CA ILE C 303 -38.10 -32.00 1.67
C ILE C 303 -37.00 -32.96 1.26
N SER C 304 -36.00 -33.16 2.10
CA SER C 304 -34.91 -34.07 1.77
C SER C 304 -35.34 -35.53 1.75
N SER C 305 -36.55 -35.84 2.22
CA SER C 305 -37.06 -37.20 2.23
C SER C 305 -38.20 -37.40 1.23
N GLY C 306 -38.34 -36.49 0.27
CA GLY C 306 -39.45 -36.53 -0.67
C GLY C 306 -40.68 -35.85 -0.12
N ASP C 307 -41.84 -36.38 -0.43
CA ASP C 307 -43.12 -35.93 0.12
C ASP C 307 -43.29 -34.43 -0.16
N LEU C 308 -44.05 -33.73 0.69
CA LEU C 308 -44.27 -32.30 0.61
C LEU C 308 -44.23 -31.75 2.03
N PRO C 309 -43.67 -30.55 2.22
CA PRO C 309 -43.67 -29.94 3.56
C PRO C 309 -45.09 -29.60 3.99
N CYS C 310 -45.47 -30.07 5.17
CA CYS C 310 -46.82 -29.90 5.71
C CYS C 310 -46.74 -29.09 6.99
N ILE C 311 -47.42 -27.94 7.01
CA ILE C 311 -47.45 -27.13 8.22
C ILE C 311 -48.23 -27.84 9.33
N GLU C 312 -49.29 -28.56 8.95
CA GLU C 312 -50.08 -29.27 9.95
C GLU C 312 -49.25 -30.32 10.68
N ASN C 313 -48.32 -30.97 9.98
CA ASN C 313 -47.42 -31.91 10.64
C ASN C 313 -46.30 -31.18 11.36
N ALA C 314 -45.94 -29.98 10.92
CA ALA C 314 -44.86 -29.25 11.56
C ALA C 314 -45.26 -28.69 12.91
N VAL C 315 -46.53 -28.31 13.07
CA VAL C 315 -46.97 -27.72 14.34
C VAL C 315 -47.09 -28.79 15.42
N LEU C 316 -47.61 -29.96 15.07
CA LEU C 316 -47.71 -31.04 16.06
C LEU C 316 -46.36 -31.67 16.35
N ALA C 317 -45.44 -31.64 15.38
CA ALA C 317 -44.08 -32.05 15.67
C ALA C 317 -43.39 -31.04 16.58
N LEU C 318 -43.76 -29.77 16.48
CA LEU C 318 -43.22 -28.75 17.39
C LEU C 318 -43.78 -28.94 18.80
N ALA C 319 -45.05 -29.33 18.91
CA ALA C 319 -45.64 -29.58 20.22
C ALA C 319 -45.01 -30.79 20.90
N GLN C 320 -44.64 -31.81 20.12
CA GLN C 320 -44.01 -33.00 20.71
C GLN C 320 -42.67 -32.66 21.35
N ARG C 321 -41.92 -31.73 20.75
CA ARG C 321 -40.62 -31.37 21.30
C ARG C 321 -40.75 -30.45 22.51
N GLU C 322 -41.68 -29.49 22.45
CA GLU C 322 -41.82 -28.55 23.56
C GLU C 322 -42.43 -29.23 24.78
N ASN C 323 -43.39 -30.14 24.57
CA ASN C 323 -43.97 -30.86 25.69
C ASN C 323 -42.96 -31.80 26.33
N SER C 324 -42.05 -32.38 25.54
CA SER C 324 -41.01 -33.23 26.11
C SER C 324 -40.02 -32.42 26.92
N ALA C 325 -39.73 -31.19 26.49
CA ALA C 325 -38.84 -30.32 27.25
C ALA C 325 -39.47 -29.87 28.57
N ALA C 326 -40.80 -29.89 28.67
CA ALA C 326 -41.46 -29.49 29.90
C ALA C 326 -41.38 -30.59 30.95
N VAL C 327 -41.60 -31.85 30.56
CA VAL C 327 -41.55 -32.94 31.52
C VAL C 327 -40.12 -33.17 32.00
N GLN C 328 -39.12 -32.81 31.19
CA GLN C 328 -37.73 -32.94 31.62
C GLN C 328 -37.35 -31.81 32.57
N LYS C 329 -37.69 -30.57 32.23
CA LYS C 329 -37.41 -29.44 33.10
C LYS C 329 -38.20 -29.50 34.39
N ALA C 330 -39.33 -30.21 34.40
CA ALA C 330 -40.08 -30.41 35.64
C ALA C 330 -39.36 -31.41 36.54
N ILE C 331 -38.90 -32.52 35.98
CA ILE C 331 -38.13 -33.49 36.75
C ILE C 331 -36.82 -32.88 37.22
N ALA C 332 -36.20 -32.06 36.37
CA ALA C 332 -34.96 -31.38 36.75
C ALA C 332 -35.20 -30.45 37.94
N HIS C 333 -36.36 -29.80 37.99
CA HIS C 333 -36.69 -28.96 39.14
C HIS C 333 -36.98 -29.80 40.37
N TYR C 334 -37.67 -30.92 40.20
CA TYR C 334 -37.97 -31.80 41.32
C TYR C 334 -36.69 -32.37 41.92
N ASP C 335 -35.79 -32.89 41.07
CA ASP C 335 -34.56 -33.49 41.57
C ASP C 335 -33.66 -32.46 42.23
N GLN C 336 -33.68 -31.21 41.77
CA GLN C 336 -32.86 -30.19 42.40
C GLN C 336 -33.36 -29.85 43.79
N GLN C 337 -34.67 -29.60 43.92
CA GLN C 337 -35.22 -29.25 45.24
C GLN C 337 -35.09 -30.41 46.21
N MET C 338 -35.44 -31.63 45.76
CA MET C 338 -35.31 -32.79 46.64
C MET C 338 -33.85 -33.10 46.96
N GLY C 339 -32.95 -32.84 46.00
CA GLY C 339 -31.54 -33.09 46.26
C GLY C 339 -30.92 -32.12 47.25
N GLN C 340 -31.44 -30.90 47.31
CA GLN C 340 -30.87 -29.87 48.18
C GLN C 340 -31.61 -29.72 49.50
N LYS C 341 -32.81 -30.28 49.63
CA LYS C 341 -33.59 -30.15 50.86
C LYS C 341 -33.59 -31.42 51.71
N VAL C 342 -33.46 -32.59 51.10
CA VAL C 342 -33.54 -33.86 51.81
C VAL C 342 -32.15 -34.23 52.33
N GLN C 343 -32.08 -34.64 53.60
CA GLN C 343 -30.82 -35.03 54.21
C GLN C 343 -30.69 -36.55 54.31
N PRO C 345 -31.44 -39.60 56.57
CA PRO C 345 -32.42 -39.87 57.61
C PRO C 345 -33.23 -38.62 57.98
N MET C 346 -34.55 -38.68 57.83
CA MET C 346 -35.41 -37.52 58.05
C MET C 346 -35.98 -37.46 59.46
N GLU C 347 -35.85 -38.53 60.25
CA GLU C 347 -36.28 -38.56 61.65
C GLU C 347 -37.80 -38.46 61.78
N THR C 348 -38.50 -38.19 60.69
CA THR C 348 -39.96 -38.13 60.68
C THR C 348 -40.45 -38.32 59.25
N LEU C 349 -41.38 -39.26 59.07
CA LEU C 349 -41.84 -39.59 57.73
C LEU C 349 -42.68 -38.47 57.13
N GLN C 350 -43.43 -37.73 57.94
CA GLN C 350 -44.30 -36.70 57.41
C GLN C 350 -43.49 -35.55 56.79
N GLU C 351 -42.36 -35.20 57.39
CA GLU C 351 -41.53 -34.14 56.83
C GLU C 351 -40.97 -34.54 55.47
N LEU C 352 -40.63 -35.82 55.31
CA LEU C 352 -40.19 -36.30 54.00
C LEU C 352 -41.30 -36.21 52.97
N LEU C 353 -42.54 -36.55 53.38
CA LEU C 353 -43.68 -36.41 52.48
C LEU C 353 -43.99 -34.94 52.20
N ASP C 354 -43.74 -34.05 53.17
CA ASP C 354 -43.96 -32.63 52.94
C ASP C 354 -42.97 -32.07 51.93
N LEU C 355 -41.69 -32.45 52.05
CA LEU C 355 -40.70 -32.00 51.07
C LEU C 355 -41.03 -32.52 49.67
N HIS C 356 -41.48 -33.77 49.58
CA HIS C 356 -41.92 -34.29 48.28
C HIS C 356 -43.16 -33.57 47.79
N ALA C 357 -44.06 -33.17 48.69
CA ALA C 357 -45.29 -32.50 48.28
C ALA C 357 -45.00 -31.12 47.71
N THR C 358 -44.11 -30.36 48.36
CA THR C 358 -43.78 -29.04 47.84
C THR C 358 -43.00 -29.12 46.53
N SER C 359 -42.16 -30.14 46.38
CA SER C 359 -41.40 -30.28 45.15
C SER C 359 -42.26 -30.78 44.00
N GLU C 360 -43.24 -31.63 44.29
CA GLU C 360 -44.12 -32.14 43.25
C GLU C 360 -45.00 -31.03 42.68
N ARG C 361 -45.61 -30.22 43.55
CA ARG C 361 -46.47 -29.14 43.09
C ARG C 361 -45.68 -28.08 42.33
N GLU C 362 -44.40 -27.91 42.64
CA GLU C 362 -43.56 -27.01 41.86
C GLU C 362 -43.22 -27.62 40.51
N ALA C 363 -42.96 -28.93 40.48
CA ALA C 363 -42.64 -29.60 39.22
C ALA C 363 -43.84 -29.61 38.28
N ILE C 364 -45.03 -29.91 38.80
CA ILE C 364 -46.22 -29.90 37.96
C ILE C 364 -46.48 -28.49 37.43
N GLU C 365 -46.18 -27.47 38.24
CA GLU C 365 -46.46 -26.10 37.81
C GLU C 365 -45.50 -25.65 36.71
N VAL C 366 -44.21 -25.95 36.85
CA VAL C 366 -43.26 -25.56 35.82
C VAL C 366 -43.47 -26.37 34.55
N PHE C 367 -44.17 -27.51 34.63
CA PHE C 367 -44.54 -28.23 33.43
C PHE C 367 -45.68 -27.53 32.70
N MET C 368 -46.72 -27.12 33.45
CA MET C 368 -47.87 -26.47 32.83
C MET C 368 -47.49 -25.12 32.23
N LYS C 369 -46.53 -24.42 32.83
CA LYS C 369 -46.08 -23.14 32.28
C LYS C 369 -45.18 -23.31 31.06
N ASN C 370 -44.74 -24.53 30.74
CA ASN C 370 -43.93 -24.79 29.57
C ASN C 370 -44.55 -25.78 28.60
N SER C 371 -45.67 -26.40 28.94
CA SER C 371 -46.36 -27.26 28.00
C SER C 371 -47.02 -26.44 26.90
N PHE C 372 -47.34 -27.10 25.79
CA PHE C 372 -47.89 -26.40 24.62
C PHE C 372 -48.69 -27.40 23.80
N LYS C 373 -50.00 -27.19 23.74
CA LYS C 373 -50.91 -28.03 22.96
C LYS C 373 -50.78 -29.50 23.35
N ASP C 374 -50.95 -29.76 24.63
CA ASP C 374 -50.84 -31.11 25.19
C ASP C 374 -52.19 -31.80 25.03
N VAL C 375 -52.28 -32.68 24.03
CA VAL C 375 -53.51 -33.42 23.77
C VAL C 375 -53.60 -34.62 24.71
N ASP C 376 -54.80 -34.84 25.26
CA ASP C 376 -55.08 -35.95 26.17
C ASP C 376 -54.31 -35.83 27.49
N GLN C 377 -53.42 -34.84 27.59
CA GLN C 377 -52.58 -34.65 28.77
C GLN C 377 -51.82 -35.92 29.15
N SER C 378 -51.41 -36.66 28.12
CA SER C 378 -50.64 -37.88 28.37
C SER C 378 -49.23 -37.57 28.84
N PHE C 379 -48.68 -36.42 28.44
CA PHE C 379 -47.40 -36.00 28.97
C PHE C 379 -47.49 -35.63 30.44
N GLN C 380 -48.66 -35.17 30.89
CA GLN C 380 -48.84 -34.84 32.31
C GLN C 380 -49.03 -36.10 33.14
N LYS C 381 -49.88 -37.02 32.68
CA LYS C 381 -50.09 -38.26 33.41
C LYS C 381 -48.83 -39.12 33.44
N GLU C 382 -47.96 -38.97 32.43
CA GLU C 382 -46.67 -39.64 32.47
C GLU C 382 -45.77 -39.02 33.53
N LEU C 383 -45.77 -37.69 33.64
CA LEU C 383 -44.98 -37.02 34.66
C LEU C 383 -45.47 -37.36 36.06
N GLU C 384 -46.78 -37.59 36.23
CA GLU C 384 -47.32 -37.94 37.54
C GLU C 384 -46.83 -39.30 37.99
N THR C 385 -46.89 -40.29 37.10
CA THR C 385 -46.44 -41.63 37.45
C THR C 385 -44.93 -41.69 37.71
N LEU C 386 -44.17 -40.82 37.04
CA LEU C 386 -42.73 -40.77 37.28
C LEU C 386 -42.43 -40.18 38.65
N LEU C 387 -43.22 -39.19 39.09
CA LEU C 387 -43.02 -38.63 40.42
C LEU C 387 -43.50 -39.57 41.50
N ASP C 388 -44.53 -40.38 41.21
CA ASP C 388 -44.95 -41.40 42.17
C ASP C 388 -43.86 -42.45 42.38
N ALA C 389 -43.13 -42.79 41.30
CA ALA C 389 -41.98 -43.68 41.44
C ALA C 389 -40.87 -43.01 42.23
N LYS C 390 -40.70 -41.69 42.06
CA LYS C 390 -39.70 -40.98 42.85
C LYS C 390 -40.04 -41.00 44.33
N GLN C 391 -41.33 -40.94 44.66
CA GLN C 391 -41.75 -41.01 46.05
C GLN C 391 -41.49 -42.39 46.64
N ASN C 392 -41.84 -43.44 45.92
CA ASN C 392 -41.61 -44.80 46.42
C ASN C 392 -40.13 -45.12 46.52
N ASP C 393 -39.29 -44.50 45.68
CA ASP C 393 -37.86 -44.76 45.73
C ASP C 393 -37.20 -44.06 46.91
N ILE C 394 -37.57 -42.81 47.17
CA ILE C 394 -36.96 -42.08 48.28
C ILE C 394 -37.43 -42.64 49.62
N CYS C 395 -38.62 -43.25 49.65
CA CYS C 395 -39.10 -43.83 50.90
C CYS C 395 -38.27 -45.05 51.29
N LYS C 396 -37.89 -45.88 50.32
CA LYS C 396 -37.07 -47.05 50.62
C LYS C 396 -35.64 -46.66 50.97
N ARG C 397 -35.10 -45.64 50.29
CA ARG C 397 -33.76 -45.17 50.61
C ARG C 397 -33.72 -44.44 51.94
N ASN C 398 -34.86 -43.94 52.42
CA ASN C 398 -34.90 -43.34 53.75
C ASN C 398 -34.87 -44.42 54.84
N LEU C 399 -35.63 -45.50 54.64
CA LEU C 399 -35.61 -46.60 55.59
C LEU C 399 -34.24 -47.27 55.61
N GLU C 400 -33.63 -47.44 54.44
CA GLU C 400 -32.29 -48.03 54.36
C GLU C 400 -31.28 -47.18 55.11
N ALA C 401 -31.38 -45.86 55.01
CA ALA C 401 -30.47 -44.98 55.73
C ALA C 401 -30.69 -45.06 57.23
N SER C 402 -31.93 -45.32 57.67
CA SER C 402 -32.22 -45.41 59.09
C SER C 402 -31.73 -46.73 59.68
N SER C 403 -32.02 -47.84 58.98
CA SER C 403 -31.65 -49.16 59.50
C SER C 403 -30.14 -49.35 59.52
N ASP C 404 -29.44 -48.86 58.49
CA ASP C 404 -28.00 -49.03 58.44
C ASP C 404 -27.29 -48.21 59.52
N TYR C 405 -27.86 -47.05 59.89
CA TYR C 405 -27.24 -46.22 60.91
C TYR C 405 -27.53 -46.74 62.31
N CYS C 406 -28.77 -47.19 62.55
CA CYS C 406 -29.10 -47.72 63.87
C CYS C 406 -28.37 -49.03 64.15
N SER C 407 -28.21 -49.86 63.11
CA SER C 407 -27.46 -51.10 63.29
C SER C 407 -25.98 -50.82 63.58
N ALA C 408 -25.46 -49.70 63.07
CA ALA C 408 -24.07 -49.35 63.36
C ALA C 408 -23.93 -48.80 64.77
N LEU C 409 -24.99 -48.22 65.33
CA LEU C 409 -24.94 -47.72 66.71
C LEU C 409 -24.99 -48.86 67.72
N LEU C 410 -25.77 -49.90 67.43
CA LEU C 410 -25.88 -51.02 68.37
C LEU C 410 -24.58 -51.80 68.48
N LYS C 411 -23.82 -51.89 67.37
CA LYS C 411 -22.55 -52.60 67.41
C LYS C 411 -21.47 -51.82 68.16
N ASP C 412 -21.68 -50.52 68.39
CA ASP C 412 -20.73 -49.70 69.14
C ASP C 412 -21.18 -49.42 70.57
N ILE C 413 -22.50 -49.31 70.80
CA ILE C 413 -22.99 -49.09 72.15
C ILE C 413 -23.02 -50.40 72.94
N PHE C 414 -23.60 -51.44 72.36
CA PHE C 414 -23.67 -52.75 72.98
C PHE C 414 -22.48 -53.64 72.63
N GLY C 415 -21.52 -53.13 71.86
CA GLY C 415 -20.33 -53.88 71.50
C GLY C 415 -19.54 -54.35 72.70
N PRO C 416 -19.08 -53.41 73.54
CA PRO C 416 -18.35 -53.82 74.76
C PRO C 416 -19.16 -54.71 75.69
N LEU C 417 -20.49 -54.58 75.68
CA LEU C 417 -21.31 -55.43 76.55
C LEU C 417 -21.41 -56.85 76.02
N GLU C 418 -21.43 -57.02 74.70
CA GLU C 418 -21.50 -58.36 74.13
C GLU C 418 -20.26 -59.17 74.45
N GLU C 419 -19.10 -58.53 74.53
CA GLU C 419 -17.86 -59.22 74.87
C GLU C 419 -17.62 -59.31 76.37
N ALA C 420 -18.34 -58.52 77.16
CA ALA C 420 -18.18 -58.59 78.62
C ALA C 420 -18.84 -59.84 79.18
N VAL C 421 -20.06 -60.15 78.73
CA VAL C 421 -20.71 -61.38 79.17
C VAL C 421 -19.98 -62.60 78.64
N LYS C 422 -19.34 -62.48 77.47
CA LYS C 422 -18.54 -63.57 76.93
C LYS C 422 -17.26 -63.77 77.74
N GLN C 423 -16.69 -62.68 78.27
CA GLN C 423 -15.43 -62.79 79.01
C GLN C 423 -15.63 -63.53 80.33
N GLY C 424 -16.77 -63.31 81.00
CA GLY C 424 -17.05 -64.02 82.23
C GLY C 424 -17.80 -63.21 83.27
N ILE C 425 -18.04 -61.93 82.98
CA ILE C 425 -18.74 -61.09 83.94
C ILE C 425 -20.20 -61.54 84.05
N TYR C 426 -20.85 -61.11 85.14
CA TYR C 426 -22.22 -61.43 85.49
C TYR C 426 -22.43 -62.91 85.78
N SER C 427 -21.36 -63.68 85.91
CA SER C 427 -21.44 -65.08 86.35
C SER C 427 -21.23 -65.19 87.85
N LYS C 428 -21.85 -64.29 88.62
CA LYS C 428 -21.70 -64.24 90.06
C LYS C 428 -23.08 -63.95 90.69
N PRO C 429 -23.25 -64.12 92.00
CA PRO C 429 -24.57 -63.84 92.59
C PRO C 429 -24.98 -62.40 92.39
N GLY C 430 -26.25 -62.20 92.02
CA GLY C 430 -26.75 -60.89 91.68
C GLY C 430 -26.30 -60.35 90.34
N GLY C 431 -25.66 -61.18 89.51
CA GLY C 431 -25.15 -60.70 88.25
C GLY C 431 -26.24 -60.41 87.23
N HIS C 432 -27.34 -61.14 87.28
CA HIS C 432 -28.43 -60.90 86.34
C HIS C 432 -29.08 -59.54 86.58
N ASN C 433 -29.18 -59.13 87.83
CA ASN C 433 -29.75 -57.81 88.14
C ASN C 433 -28.78 -56.69 87.76
N LEU C 434 -27.49 -56.96 87.71
CA LEU C 434 -26.53 -55.97 87.23
C LEU C 434 -26.51 -55.89 85.72
N PHE C 435 -26.76 -57.01 85.04
CA PHE C 435 -26.80 -57.00 83.57
C PHE C 435 -28.03 -56.26 83.07
N ILE C 436 -29.20 -56.54 83.65
CA ILE C 436 -30.42 -55.89 83.21
C ILE C 436 -30.43 -54.40 83.54
N GLN C 437 -29.62 -53.98 84.51
CA GLN C 437 -29.55 -52.55 84.84
C GLN C 437 -28.57 -51.80 83.95
N LYS C 438 -27.61 -52.50 83.34
CA LYS C 438 -26.71 -51.84 82.40
C LYS C 438 -27.31 -51.74 81.01
N THR C 439 -28.13 -52.72 80.61
CA THR C 439 -28.78 -52.64 79.30
C THR C 439 -29.75 -51.48 79.24
N GLU C 440 -30.41 -51.18 80.37
CA GLU C 440 -31.31 -50.03 80.40
C GLU C 440 -30.55 -48.72 80.27
N GLU C 441 -29.32 -48.66 80.77
CA GLU C 441 -28.50 -47.46 80.60
C GLU C 441 -27.97 -47.35 79.18
N LEU C 442 -27.65 -48.48 78.55
CA LEU C 442 -27.23 -48.45 77.16
C LEU C 442 -28.38 -48.15 76.22
N LYS C 443 -29.60 -48.56 76.59
CA LYS C 443 -30.77 -48.16 75.81
C LYS C 443 -31.06 -46.67 75.96
N ALA C 444 -30.64 -46.08 77.08
CA ALA C 444 -30.77 -44.63 77.25
C ALA C 444 -29.79 -43.89 76.34
N LYS C 445 -28.53 -44.34 76.31
CA LYS C 445 -27.56 -43.74 75.41
C LYS C 445 -27.93 -43.95 73.96
N TYR C 446 -28.62 -45.06 73.66
CA TYR C 446 -29.10 -45.30 72.30
C TYR C 446 -30.16 -44.28 71.91
N TYR C 447 -31.08 -43.96 72.83
CA TYR C 447 -32.11 -42.98 72.56
C TYR C 447 -31.58 -41.56 72.61
N ARG C 448 -30.52 -41.31 73.38
CA ARG C 448 -29.95 -39.97 73.42
C ARG C 448 -29.16 -39.63 72.16
N GLU C 449 -28.76 -40.64 71.39
CA GLU C 449 -28.04 -40.37 70.16
C GLU C 449 -28.94 -39.63 69.18
N PRO C 450 -28.41 -38.61 68.49
CA PRO C 450 -29.26 -37.83 67.57
C PRO C 450 -29.30 -38.42 66.16
N ARG C 451 -30.07 -37.78 65.29
CA ARG C 451 -30.21 -38.08 63.86
C ARG C 451 -30.71 -39.49 63.59
N LYS C 452 -31.09 -40.25 64.61
CA LYS C 452 -31.63 -41.58 64.39
C LYS C 452 -32.88 -41.52 63.52
N GLY C 453 -32.98 -42.46 62.58
CA GLY C 453 -34.08 -42.46 61.65
C GLY C 453 -35.38 -42.90 62.29
N ILE C 454 -36.39 -43.10 61.43
CA ILE C 454 -37.70 -43.51 61.90
C ILE C 454 -37.77 -44.99 62.24
N GLN C 455 -36.75 -45.77 61.89
CA GLN C 455 -36.70 -47.19 62.19
C GLN C 455 -35.89 -47.48 63.45
N ALA C 456 -35.82 -46.53 64.38
CA ALA C 456 -35.00 -46.71 65.58
C ALA C 456 -35.62 -47.70 66.55
N GLU C 457 -36.96 -47.75 66.62
CA GLU C 457 -37.61 -48.64 67.57
C GLU C 457 -37.59 -50.09 67.08
N GLU C 458 -37.75 -50.31 65.78
CA GLU C 458 -37.78 -51.68 65.26
C GLU C 458 -36.41 -52.34 65.35
N VAL C 459 -35.34 -51.61 65.02
CA VAL C 459 -34.01 -52.18 65.06
C VAL C 459 -33.60 -52.51 66.49
N LEU C 460 -34.00 -51.68 67.46
CA LEU C 460 -33.63 -51.92 68.85
C LEU C 460 -34.36 -53.12 69.41
N GLN C 461 -35.68 -53.17 69.26
CA GLN C 461 -36.45 -54.29 69.78
C GLN C 461 -36.08 -55.59 69.10
N LYS C 462 -35.71 -55.54 67.82
CA LYS C 462 -35.23 -56.74 67.14
C LYS C 462 -33.90 -57.21 67.71
N TYR C 463 -33.05 -56.27 68.13
CA TYR C 463 -31.78 -56.66 68.75
C TYR C 463 -32.00 -57.23 70.15
N LEU C 464 -32.91 -56.64 70.92
CA LEU C 464 -33.17 -57.13 72.27
C LEU C 464 -33.76 -58.54 72.26
N LYS C 465 -34.55 -58.86 71.23
CA LYS C 465 -35.11 -60.20 71.13
C LYS C 465 -34.02 -61.24 70.86
N SER C 466 -32.95 -60.85 70.17
CA SER C 466 -31.82 -61.75 69.95
C SER C 466 -30.98 -61.93 71.20
N LYS C 467 -31.17 -61.12 72.22
CA LYS C 467 -30.40 -61.21 73.46
C LYS C 467 -31.24 -61.75 74.62
N GLU C 468 -32.44 -62.25 74.35
CA GLU C 468 -33.23 -62.87 75.40
C GLU C 468 -32.62 -64.20 75.85
N SER C 469 -31.99 -64.92 74.92
CA SER C 469 -31.36 -66.20 75.27
C SER C 469 -30.12 -65.97 76.13
N VAL C 470 -29.37 -64.90 75.85
CA VAL C 470 -28.20 -64.60 76.66
C VAL C 470 -28.61 -64.07 78.03
N SER C 471 -29.75 -63.37 78.10
CA SER C 471 -30.25 -62.87 79.38
C SER C 471 -30.61 -64.01 80.32
N HIS C 472 -31.01 -65.16 79.77
CA HIS C 472 -31.35 -66.31 80.61
C HIS C 472 -30.12 -67.08 81.04
N ALA C 473 -29.09 -67.13 80.18
CA ALA C 473 -27.90 -67.92 80.50
C ALA C 473 -27.19 -67.37 81.74
N ILE C 474 -27.19 -66.04 81.90
CA ILE C 474 -26.55 -65.45 83.08
C ILE C 474 -27.50 -65.49 84.27
N LEU C 475 -28.81 -65.39 84.03
CA LEU C 475 -29.77 -65.55 85.13
C LEU C 475 -29.75 -66.96 85.68
N GLN C 476 -29.69 -67.96 84.80
CA GLN C 476 -29.53 -69.33 85.26
C GLN C 476 -28.19 -69.55 85.92
N THR C 477 -27.13 -68.94 85.39
CA THR C 477 -25.83 -68.99 86.05
C THR C 477 -25.86 -68.24 87.38
N ASP C 478 -26.60 -67.14 87.44
CA ASP C 478 -26.75 -66.40 88.70
C ASP C 478 -27.45 -67.26 89.75
N GLN C 479 -28.69 -67.67 89.46
CA GLN C 479 -29.46 -68.45 90.42
C GLN C 479 -28.81 -69.79 90.74
N ALA C 480 -27.88 -70.26 89.90
CA ALA C 480 -27.19 -71.51 90.20
C ALA C 480 -26.24 -71.35 91.38
N LEU C 481 -25.42 -70.30 91.37
CA LEU C 481 -24.41 -70.11 92.40
C LEU C 481 -24.78 -68.99 93.38
N THR C 482 -26.02 -68.51 93.36
CA THR C 482 -26.52 -67.75 94.50
C THR C 482 -26.74 -68.67 95.70
N GLU C 483 -27.13 -69.92 95.43
CA GLU C 483 -27.26 -70.94 96.46
C GLU C 483 -25.91 -71.45 96.93
N THR C 484 -24.82 -71.07 96.26
CA THR C 484 -23.47 -71.50 96.60
C THR C 484 -23.34 -73.03 96.55
N ILE D 6 9.86 13.36 -26.69
CA ILE D 6 9.32 14.21 -27.74
C ILE D 6 7.90 13.78 -28.08
N HIS D 7 7.61 12.49 -27.88
CA HIS D 7 6.25 11.98 -28.07
C HIS D 7 5.36 12.49 -26.95
N MET D 8 4.29 13.20 -27.31
CA MET D 8 3.40 13.79 -26.31
C MET D 8 2.69 12.69 -25.54
N SER D 9 3.04 12.56 -24.25
CA SER D 9 2.41 11.55 -23.42
C SER D 9 0.98 11.94 -23.08
N ASP D 10 0.77 13.18 -22.65
CA ASP D 10 -0.52 13.71 -22.27
C ASP D 10 -0.78 15.01 -23.01
N PRO D 11 -2.04 15.42 -23.15
CA PRO D 11 -2.32 16.70 -23.80
C PRO D 11 -1.74 17.88 -23.03
N MET D 12 -1.49 18.96 -23.75
CA MET D 12 -0.89 20.17 -23.22
C MET D 12 -1.82 21.35 -23.47
N CYS D 13 -1.70 22.37 -22.64
CA CYS D 13 -2.52 23.57 -22.78
C CYS D 13 -1.94 24.48 -23.84
N LEU D 14 -2.75 24.86 -24.82
CA LEU D 14 -2.34 25.76 -25.89
C LEU D 14 -2.78 27.20 -25.62
N ILE D 15 -4.08 27.41 -25.45
CA ILE D 15 -4.65 28.72 -25.15
C ILE D 15 -5.12 28.71 -23.69
N GLU D 16 -4.81 29.79 -22.98
CA GLU D 16 -5.21 29.95 -21.58
C GLU D 16 -6.11 31.16 -21.47
N ASN D 17 -7.33 30.95 -20.95
CA ASN D 17 -8.27 32.04 -20.71
C ASN D 17 -8.51 32.25 -19.22
N PHE D 18 -7.52 31.89 -18.40
CA PHE D 18 -7.59 32.20 -16.98
C PHE D 18 -7.47 33.71 -16.79
N ASN D 19 -7.77 34.16 -15.57
CA ASN D 19 -7.77 35.58 -15.24
C ASN D 19 -8.74 36.33 -16.15
N GLU D 20 -8.23 37.17 -17.04
CA GLU D 20 -9.08 37.98 -17.91
C GLU D 20 -8.66 37.98 -19.37
N GLN D 21 -7.40 37.70 -19.69
CA GLN D 21 -6.88 37.87 -21.04
C GLN D 21 -6.46 36.51 -21.61
N LEU D 22 -6.45 36.43 -22.95
CA LEU D 22 -6.01 35.22 -23.63
C LEU D 22 -4.50 35.16 -23.69
N LYS D 23 -3.94 34.03 -23.24
CA LYS D 23 -2.50 33.81 -23.25
C LYS D 23 -2.18 32.52 -23.99
N VAL D 24 -1.13 32.55 -24.80
CA VAL D 24 -0.64 31.37 -25.50
C VAL D 24 0.50 30.76 -24.71
N ASN D 25 0.57 29.43 -24.72
CA ASN D 25 1.63 28.71 -24.02
C ASN D 25 2.81 28.54 -24.98
N GLN D 26 3.92 29.21 -24.65
CA GLN D 26 5.11 29.11 -25.49
C GLN D 26 5.66 27.69 -25.54
N GLU D 27 5.53 26.95 -24.43
CA GLU D 27 5.96 25.56 -24.44
C GLU D 27 5.11 24.71 -25.38
N ALA D 28 3.85 25.10 -25.59
CA ALA D 28 3.01 24.39 -26.55
C ALA D 28 3.33 24.79 -27.97
N LEU D 29 3.76 26.04 -28.19
CA LEU D 29 4.12 26.47 -29.54
C LEU D 29 5.45 25.89 -29.97
N GLU D 30 6.35 25.62 -29.01
CA GLU D 30 7.62 24.97 -29.35
C GLU D 30 7.38 23.56 -29.91
N ILE D 31 6.36 22.87 -29.39
CA ILE D 31 6.01 21.57 -29.92
C ILE D 31 5.37 21.72 -31.30
N LEU D 32 4.56 22.77 -31.49
CA LEU D 32 3.85 22.93 -32.74
C LEU D 32 4.81 23.31 -33.87
N SER D 33 5.78 24.17 -33.60
CA SER D 33 6.72 24.59 -34.65
C SER D 33 7.64 23.46 -35.08
N ALA D 34 7.81 22.43 -34.25
CA ALA D 34 8.66 21.28 -34.58
C ALA D 34 7.93 20.25 -35.44
N ILE D 35 6.75 20.56 -35.93
CA ILE D 35 5.98 19.66 -36.78
C ILE D 35 6.12 20.16 -38.21
N THR D 36 6.97 19.51 -38.99
CA THR D 36 7.17 19.89 -40.38
C THR D 36 6.14 19.28 -41.31
N GLN D 37 5.44 18.24 -40.87
CA GLN D 37 4.44 17.57 -41.70
C GLN D 37 3.16 18.39 -41.76
N PRO D 38 2.37 18.21 -42.81
CA PRO D 38 1.03 18.82 -42.84
C PRO D 38 0.16 18.26 -41.72
N VAL D 39 -0.68 19.12 -41.16
CA VAL D 39 -1.44 18.79 -39.96
C VAL D 39 -2.92 18.67 -40.33
N VAL D 40 -3.59 17.71 -39.70
CA VAL D 40 -5.04 17.57 -39.74
C VAL D 40 -5.55 17.94 -38.36
N VAL D 41 -6.24 19.07 -38.26
CA VAL D 41 -6.66 19.62 -36.97
C VAL D 41 -8.11 19.25 -36.74
N VAL D 42 -8.38 18.52 -35.66
CA VAL D 42 -9.73 18.17 -35.24
C VAL D 42 -9.96 18.83 -33.87
N ALA D 43 -10.81 19.84 -33.85
CA ALA D 43 -11.14 20.53 -32.61
C ALA D 43 -12.41 19.95 -32.00
N ILE D 44 -12.32 19.54 -30.74
CA ILE D 44 -13.43 18.97 -30.00
C ILE D 44 -13.97 20.01 -29.03
N VAL D 45 -15.26 20.30 -29.12
CA VAL D 45 -15.93 21.27 -28.25
C VAL D 45 -17.06 20.53 -27.54
N GLY D 46 -16.88 20.27 -26.25
CA GLY D 46 -17.89 19.57 -25.47
C GLY D 46 -18.63 20.48 -24.51
N LEU D 47 -19.93 20.63 -24.71
CA LEU D 47 -20.72 21.50 -23.85
C LEU D 47 -21.17 20.76 -22.59
N TYR D 48 -21.62 21.54 -21.60
CA TYR D 48 -22.21 21.03 -20.37
C TYR D 48 -21.28 20.10 -19.61
N ARG D 49 -19.97 20.24 -19.82
CA ARG D 49 -18.97 19.36 -19.20
C ARG D 49 -19.28 17.89 -19.50
N THR D 50 -19.28 17.57 -20.80
CA THR D 50 -19.72 16.26 -21.26
C THR D 50 -18.72 15.17 -20.91
N GLY D 51 -17.64 15.06 -21.67
CA GLY D 51 -16.67 13.98 -21.51
C GLY D 51 -15.34 14.50 -21.01
N LYS D 52 -14.70 13.73 -20.14
CA LYS D 52 -13.38 14.07 -19.60
C LYS D 52 -12.30 13.75 -20.63
N SER D 53 -12.34 14.51 -21.72
CA SER D 53 -11.44 14.31 -22.86
C SER D 53 -11.49 12.86 -23.36
N TYR D 54 -12.68 12.27 -23.30
CA TYR D 54 -12.82 10.87 -23.70
C TYR D 54 -12.65 10.69 -25.20
N LEU D 55 -13.24 11.59 -25.99
CA LEU D 55 -13.05 11.51 -27.44
C LEU D 55 -11.62 11.87 -27.83
N MET D 56 -10.94 12.69 -27.04
CA MET D 56 -9.57 13.08 -27.36
C MET D 56 -8.61 11.92 -27.09
N ASN D 57 -8.85 11.15 -26.04
CA ASN D 57 -7.93 10.09 -25.67
C ASN D 57 -7.95 8.94 -26.69
N LYS D 58 -9.09 8.67 -27.30
CA LYS D 58 -9.18 7.58 -28.25
C LYS D 58 -8.70 7.99 -29.64
N LEU D 59 -8.87 9.26 -30.01
CA LEU D 59 -8.29 9.75 -31.25
C LEU D 59 -6.77 9.81 -31.19
N ALA D 60 -6.20 9.80 -29.98
CA ALA D 60 -4.75 9.75 -29.81
C ALA D 60 -4.21 8.33 -29.67
N GLY D 61 -5.07 7.37 -29.37
CA GLY D 61 -4.64 5.99 -29.26
C GLY D 61 -3.95 5.64 -27.96
N LYS D 62 -4.30 6.34 -26.87
CA LYS D 62 -3.68 6.07 -25.57
C LYS D 62 -4.73 6.01 -24.47
N GLN D 73 -6.90 18.33 -15.03
CA GLN D 73 -7.18 17.35 -16.07
C GLN D 73 -8.44 17.72 -16.84
N SER D 74 -9.02 18.86 -16.51
CA SER D 74 -10.22 19.37 -17.19
C SER D 74 -9.82 20.46 -18.18
N HIS D 75 -10.57 20.51 -19.29
CA HIS D 75 -10.28 21.46 -20.36
C HIS D 75 -11.42 22.47 -20.48
N THR D 76 -11.64 23.27 -19.43
CA THR D 76 -12.83 24.10 -19.35
C THR D 76 -12.61 25.51 -19.89
N LYS D 77 -11.51 26.16 -19.52
CA LYS D 77 -11.32 27.55 -19.90
C LYS D 77 -10.07 27.73 -20.75
N GLY D 78 -10.04 27.10 -21.91
CA GLY D 78 -8.91 27.24 -22.81
C GLY D 78 -8.85 26.09 -23.80
N ILE D 79 -7.98 26.25 -24.79
CA ILE D 79 -7.75 25.24 -25.80
C ILE D 79 -6.57 24.38 -25.37
N TRP D 80 -6.72 23.06 -25.51
CA TRP D 80 -5.68 22.11 -25.13
C TRP D 80 -5.23 21.33 -26.36
N ILE D 81 -3.91 21.19 -26.51
CA ILE D 81 -3.29 20.64 -27.70
C ILE D 81 -2.73 19.27 -27.40
N TRP D 82 -2.91 18.34 -28.35
CA TRP D 82 -2.30 17.02 -28.27
C TRP D 82 -1.98 16.57 -29.69
N CYS D 83 -0.71 16.28 -29.95
CA CYS D 83 -0.24 15.94 -31.29
C CYS D 83 0.20 14.48 -31.32
N VAL D 84 -0.38 13.71 -32.23
CA VAL D 84 -0.01 12.32 -32.44
C VAL D 84 0.14 12.08 -33.94
N PRO D 85 0.99 11.13 -34.36
CA PRO D 85 1.06 10.82 -35.79
C PRO D 85 -0.24 10.18 -36.27
N HIS D 86 -0.63 10.52 -37.50
CA HIS D 86 -1.88 10.02 -38.06
C HIS D 86 -1.77 8.50 -38.25
N PRO D 87 -2.75 7.73 -37.80
CA PRO D 87 -2.64 6.26 -37.92
C PRO D 87 -2.78 5.76 -39.35
N ASN D 88 -3.71 6.33 -40.12
CA ASN D 88 -3.96 5.87 -41.49
C ASN D 88 -3.11 6.61 -42.52
N TRP D 89 -2.85 7.89 -42.29
CA TRP D 89 -2.24 8.75 -43.30
C TRP D 89 -0.76 8.92 -42.99
N PRO D 90 0.15 8.31 -43.75
CA PRO D 90 1.58 8.49 -43.48
C PRO D 90 2.04 9.90 -43.82
N ASN D 91 3.14 10.30 -43.18
CA ASN D 91 3.73 11.63 -43.34
C ASN D 91 2.74 12.74 -42.99
N HIS D 92 1.80 12.44 -42.09
CA HIS D 92 0.82 13.42 -41.62
C HIS D 92 0.74 13.37 -40.10
N THR D 93 0.50 14.53 -39.51
CA THR D 93 0.40 14.69 -38.06
C THR D 93 -1.03 15.06 -37.70
N LEU D 94 -1.60 14.35 -36.75
CA LEU D 94 -2.96 14.61 -36.26
C LEU D 94 -2.86 15.57 -35.08
N VAL D 95 -3.45 16.76 -35.23
CA VAL D 95 -3.47 17.78 -34.18
C VAL D 95 -4.83 17.74 -33.51
N LEU D 96 -4.84 17.44 -32.22
CA LEU D 96 -6.07 17.35 -31.44
C LEU D 96 -6.25 18.60 -30.60
N LEU D 97 -7.40 19.24 -30.72
CA LEU D 97 -7.77 20.39 -29.90
C LEU D 97 -9.04 20.05 -29.13
N ASP D 98 -9.01 20.27 -27.81
CA ASP D 98 -10.15 19.93 -26.96
C ASP D 98 -10.43 21.08 -26.00
N THR D 99 -11.71 21.39 -25.85
CA THR D 99 -12.16 22.38 -24.89
C THR D 99 -13.57 22.01 -24.44
N GLU D 100 -13.97 22.55 -23.28
CA GLU D 100 -15.27 22.24 -22.70
C GLU D 100 -15.98 23.52 -22.29
N GLY D 101 -17.31 23.47 -22.29
CA GLY D 101 -18.15 24.56 -21.87
C GLY D 101 -18.81 24.30 -20.53
N LEU D 102 -19.54 25.31 -20.06
CA LEU D 102 -20.23 25.25 -18.78
C LEU D 102 -21.74 25.33 -18.92
N GLY D 103 -22.24 26.15 -19.84
CA GLY D 103 -23.68 26.29 -20.02
C GLY D 103 -24.19 27.65 -19.63
N ASP D 104 -24.97 28.27 -20.51
CA ASP D 104 -25.53 29.60 -20.25
C ASP D 104 -26.88 29.49 -19.57
N ASP D 109 -21.78 35.37 -18.63
CA ASP D 109 -20.35 35.29 -18.32
C ASP D 109 -19.65 34.23 -19.16
N ASN D 110 -20.43 33.51 -19.97
CA ASN D 110 -19.91 32.49 -20.87
C ASN D 110 -19.45 33.08 -22.20
N LYS D 111 -19.40 34.42 -22.32
CA LYS D 111 -18.98 35.03 -23.57
C LYS D 111 -17.51 34.74 -23.88
N ASN D 112 -16.71 34.49 -22.85
CA ASN D 112 -15.30 34.16 -23.07
C ASN D 112 -15.13 32.77 -23.65
N ASP D 113 -16.08 31.86 -23.39
CA ASP D 113 -16.04 30.55 -24.00
C ASP D 113 -16.48 30.56 -25.46
N ILE D 114 -17.22 31.58 -25.88
CA ILE D 114 -17.66 31.67 -27.26
C ILE D 114 -16.47 31.94 -28.17
N GLN D 115 -15.64 32.92 -27.80
CA GLN D 115 -14.44 33.22 -28.58
C GLN D 115 -13.39 32.11 -28.45
N ILE D 116 -13.43 31.34 -27.37
CA ILE D 116 -12.55 30.18 -27.26
C ILE D 116 -12.99 29.09 -28.24
N PHE D 117 -14.30 28.82 -28.29
CA PHE D 117 -14.82 27.85 -29.25
C PHE D 117 -14.61 28.33 -30.68
N ALA D 118 -14.79 29.63 -30.93
CA ALA D 118 -14.56 30.17 -32.26
C ALA D 118 -13.09 30.07 -32.64
N LEU D 119 -12.19 30.26 -31.67
CA LEU D 119 -10.77 30.07 -31.93
C LEU D 119 -10.47 28.63 -32.34
N ALA D 120 -11.09 27.67 -31.68
CA ALA D 120 -10.92 26.26 -32.07
C ALA D 120 -11.49 26.01 -33.45
N LEU D 121 -12.60 26.67 -33.79
CA LEU D 121 -13.20 26.51 -35.12
C LEU D 121 -12.30 27.11 -36.20
N LEU D 122 -11.60 28.20 -35.90
CA LEU D 122 -10.71 28.80 -36.89
C LEU D 122 -9.52 27.89 -37.19
N LEU D 123 -8.95 27.27 -36.15
CA LEU D 123 -7.75 26.45 -36.31
C LEU D 123 -8.05 25.05 -36.82
N SER D 124 -9.31 24.62 -36.80
CA SER D 124 -9.64 23.24 -37.10
C SER D 124 -9.93 23.05 -38.58
N SER D 125 -9.67 21.83 -39.05
CA SER D 125 -10.19 21.35 -40.32
C SER D 125 -11.43 20.47 -40.13
N THR D 126 -11.73 20.07 -38.91
CA THR D 126 -12.95 19.35 -38.56
C THR D 126 -13.39 19.78 -37.18
N PHE D 127 -14.64 20.23 -37.07
CA PHE D 127 -15.18 20.77 -35.83
C PHE D 127 -16.13 19.75 -35.22
N VAL D 128 -15.71 19.13 -34.11
CA VAL D 128 -16.51 18.12 -33.43
C VAL D 128 -17.36 18.84 -32.38
N TYR D 129 -18.67 18.80 -32.57
CA TYR D 129 -19.63 19.42 -31.65
C TYR D 129 -20.21 18.32 -30.77
N ASN D 130 -19.85 18.34 -29.49
CA ASN D 130 -20.24 17.29 -28.55
C ASN D 130 -21.20 17.90 -27.52
N THR D 131 -22.49 17.63 -27.70
CA THR D 131 -23.55 18.12 -26.83
C THR D 131 -24.08 16.96 -25.99
N VAL D 132 -25.35 17.05 -25.57
CA VAL D 132 -25.97 16.02 -24.73
C VAL D 132 -27.48 16.05 -24.97
N ASN D 133 -28.12 14.94 -24.64
CA ASN D 133 -29.59 14.76 -24.77
C ASN D 133 -29.95 14.98 -26.24
N LYS D 134 -31.01 15.72 -26.54
CA LYS D 134 -31.39 16.01 -27.91
C LYS D 134 -30.61 17.20 -28.43
N ILE D 135 -31.13 17.89 -29.43
CA ILE D 135 -30.51 19.10 -29.99
C ILE D 135 -31.51 20.22 -29.78
N ASP D 136 -31.46 20.84 -28.60
CA ASP D 136 -32.36 21.93 -28.27
C ASP D 136 -31.98 23.19 -29.03
N GLN D 137 -32.88 24.18 -28.98
CA GLN D 137 -32.61 25.47 -29.63
C GLN D 137 -31.41 26.16 -28.98
N GLY D 138 -31.15 25.88 -27.70
CA GLY D 138 -30.01 26.50 -27.04
C GLY D 138 -28.68 26.05 -27.63
N ALA D 139 -28.58 24.78 -28.02
CA ALA D 139 -27.34 24.29 -28.60
C ALA D 139 -27.17 24.79 -30.03
N ILE D 140 -28.27 24.90 -30.77
CA ILE D 140 -28.20 25.38 -32.16
C ILE D 140 -27.87 26.87 -32.18
N ASP D 141 -28.50 27.66 -31.29
CA ASP D 141 -28.18 29.07 -31.20
C ASP D 141 -26.74 29.26 -30.71
N LEU D 142 -26.23 28.34 -29.91
CA LEU D 142 -24.85 28.44 -29.45
C LEU D 142 -23.87 28.17 -30.60
N LEU D 143 -24.12 27.12 -31.38
CA LEU D 143 -23.29 26.84 -32.53
C LEU D 143 -23.41 27.95 -33.59
N HIS D 144 -24.58 28.57 -33.67
CA HIS D 144 -24.75 29.69 -34.60
C HIS D 144 -23.92 30.89 -34.16
N ASN D 145 -23.79 31.10 -32.84
CA ASN D 145 -23.07 32.27 -32.34
C ASN D 145 -21.57 32.11 -32.47
N VAL D 146 -21.04 30.88 -32.38
CA VAL D 146 -19.60 30.70 -32.51
C VAL D 146 -19.16 30.81 -33.96
N THR D 147 -20.06 30.62 -34.91
CA THR D 147 -19.71 30.82 -36.31
C THR D 147 -19.67 32.31 -36.67
N GLU D 148 -20.44 33.14 -35.96
CA GLU D 148 -20.42 34.57 -36.21
C GLU D 148 -19.08 35.18 -35.81
N LEU D 149 -18.51 34.72 -34.69
CA LEU D 149 -17.26 35.27 -34.18
C LEU D 149 -16.06 34.90 -35.04
N THR D 150 -16.23 34.01 -36.02
CA THR D 150 -15.14 33.65 -36.92
C THR D 150 -15.11 34.58 -38.12
N ASP D 151 -15.71 34.16 -39.23
CA ASP D 151 -15.75 34.97 -40.44
C ASP D 151 -17.18 35.18 -40.91
N LEU D 152 -17.38 35.29 -42.21
CA LEU D 152 -18.71 35.53 -42.78
C LEU D 152 -19.19 34.36 -43.62
N ALA D 171 -14.40 28.08 -50.65
CA ALA D 171 -15.52 27.34 -50.09
C ALA D 171 -15.08 25.98 -49.58
N SER D 172 -13.87 25.56 -49.97
CA SER D 172 -13.32 24.28 -49.58
C SER D 172 -12.49 24.33 -48.31
N PHE D 173 -12.14 25.52 -47.83
CA PHE D 173 -11.36 25.66 -46.61
C PHE D 173 -12.23 25.69 -45.36
N PHE D 174 -13.55 25.66 -45.51
CA PHE D 174 -14.43 25.58 -44.35
C PHE D 174 -14.37 24.18 -43.74
N PRO D 175 -14.25 24.05 -42.43
CA PRO D 175 -14.25 22.73 -41.81
C PRO D 175 -15.63 22.08 -41.87
N ASP D 176 -15.64 20.76 -41.67
CA ASP D 176 -16.88 20.00 -41.65
C ASP D 176 -17.34 19.78 -40.22
N LEU D 177 -18.64 19.55 -40.07
CA LEU D 177 -19.28 19.44 -38.77
C LEU D 177 -19.48 17.97 -38.41
N VAL D 178 -19.13 17.61 -37.18
CA VAL D 178 -19.34 16.28 -36.63
C VAL D 178 -20.08 16.47 -35.32
N TRP D 179 -21.41 16.30 -35.35
CA TRP D 179 -22.25 16.54 -34.18
C TRP D 179 -22.48 15.23 -33.45
N THR D 180 -21.99 15.15 -32.21
CA THR D 180 -22.18 13.99 -31.36
C THR D 180 -22.98 14.40 -30.13
N LEU D 181 -23.99 13.61 -29.80
CA LEU D 181 -24.84 13.86 -28.64
C LEU D 181 -24.85 12.62 -27.77
N ARG D 182 -24.45 12.78 -26.50
CA ARG D 182 -24.35 11.67 -25.56
C ARG D 182 -25.69 11.42 -24.88
N ASP D 183 -25.93 10.15 -24.54
CA ASP D 183 -27.11 9.74 -23.79
C ASP D 183 -28.41 10.14 -24.47
N PHE D 184 -28.82 9.38 -25.48
CA PHE D 184 -30.09 9.63 -26.15
C PHE D 184 -31.26 9.17 -25.30
N VAL D 195 -34.99 6.10 -37.54
CA VAL D 195 -34.27 7.06 -38.36
C VAL D 195 -32.78 7.06 -38.01
N THR D 196 -31.94 7.08 -39.05
CA THR D 196 -30.49 7.07 -38.83
C THR D 196 -30.03 8.43 -38.33
N PRO D 197 -28.96 8.46 -37.53
CA PRO D 197 -28.46 9.76 -37.02
C PRO D 197 -28.14 10.76 -38.11
N ASP D 198 -27.71 10.31 -39.29
CA ASP D 198 -27.39 11.24 -40.36
C ASP D 198 -28.63 11.98 -40.86
N GLU D 199 -29.70 11.24 -41.14
CA GLU D 199 -30.94 11.86 -41.61
C GLU D 199 -31.70 12.56 -40.49
N TYR D 200 -31.24 12.45 -39.25
CA TYR D 200 -31.86 13.13 -38.13
C TYR D 200 -31.30 14.54 -37.91
N LEU D 201 -30.04 14.76 -38.28
CA LEU D 201 -29.42 16.06 -38.06
C LEU D 201 -30.03 17.12 -39.00
N GLU D 202 -29.92 16.91 -40.31
CA GLU D 202 -30.42 17.90 -41.26
C GLU D 202 -31.94 18.04 -41.22
N ASN D 203 -32.65 17.02 -40.72
CA ASN D 203 -34.09 17.17 -40.52
C ASN D 203 -34.37 18.16 -39.40
N SER D 204 -33.43 18.34 -38.47
CA SER D 204 -33.57 19.32 -37.41
C SER D 204 -33.12 20.71 -37.83
N LEU D 205 -32.42 20.83 -38.96
CA LEU D 205 -32.00 22.12 -39.49
C LEU D 205 -32.92 22.62 -40.61
N ARG D 206 -34.18 22.21 -40.59
CA ARG D 206 -35.08 22.65 -41.66
C ARG D 206 -35.87 23.87 -41.23
N PRO D 207 -36.10 24.83 -42.16
CA PRO D 207 -36.91 26.02 -41.87
C PRO D 207 -38.39 25.70 -41.71
N VAL D 215 -42.74 34.00 -35.53
CA VAL D 215 -41.54 33.26 -35.17
C VAL D 215 -40.60 33.18 -36.38
N GLN D 216 -40.09 34.33 -36.79
CA GLN D 216 -39.19 34.43 -37.94
C GLN D 216 -37.73 34.22 -37.56
N ASN D 217 -37.43 34.09 -36.26
CA ASN D 217 -36.07 33.85 -35.79
C ASN D 217 -35.77 32.38 -35.58
N PHE D 218 -36.70 31.49 -35.94
CA PHE D 218 -36.48 30.06 -35.73
C PHE D 218 -35.50 29.48 -36.74
N ASN D 219 -35.63 29.87 -38.01
CA ASN D 219 -34.85 29.28 -39.09
C ASN D 219 -33.60 30.09 -39.45
N LEU D 220 -33.37 31.23 -38.80
CA LEU D 220 -32.16 31.99 -39.09
C LEU D 220 -30.91 31.27 -38.59
N PRO D 221 -30.84 30.79 -37.35
CA PRO D 221 -29.66 30.00 -36.97
C PRO D 221 -29.61 28.65 -37.65
N ARG D 222 -30.77 28.08 -38.02
CA ARG D 222 -30.78 26.80 -38.73
C ARG D 222 -30.13 26.92 -40.09
N LEU D 223 -30.57 27.88 -40.90
CA LEU D 223 -30.03 28.02 -42.25
C LEU D 223 -28.61 28.55 -42.23
N CYS D 224 -28.23 29.27 -41.18
CA CYS D 224 -26.86 29.77 -41.08
C CYS D 224 -25.88 28.62 -40.85
N ILE D 225 -26.27 27.65 -40.01
CA ILE D 225 -25.43 26.47 -39.82
C ILE D 225 -25.39 25.63 -41.09
N GLN D 226 -26.48 25.63 -41.86
CA GLN D 226 -26.51 24.86 -43.10
C GLN D 226 -25.50 25.39 -44.11
N LYS D 227 -25.39 26.72 -44.22
CA LYS D 227 -24.45 27.31 -45.16
C LYS D 227 -23.01 27.18 -44.67
N PHE D 228 -22.80 27.34 -43.37
CA PHE D 228 -21.45 27.44 -42.83
C PHE D 228 -20.73 26.09 -42.87
N PHE D 229 -21.45 25.00 -42.61
CA PHE D 229 -20.84 23.67 -42.52
C PHE D 229 -21.28 22.79 -43.68
N PRO D 230 -20.50 22.68 -44.75
CA PRO D 230 -20.72 21.59 -45.70
C PRO D 230 -20.31 20.27 -45.10
N LYS D 231 -20.95 19.20 -45.57
CA LYS D 231 -20.67 17.84 -45.10
C LYS D 231 -20.92 17.69 -43.60
N LYS D 232 -22.15 17.37 -43.22
CA LYS D 232 -22.47 17.10 -41.82
C LYS D 232 -22.37 15.61 -41.54
N LYS D 233 -22.07 15.28 -40.29
CA LYS D 233 -22.05 13.89 -39.85
C LYS D 233 -22.48 13.84 -38.40
N CYS D 234 -23.34 12.88 -38.08
CA CYS D 234 -23.91 12.76 -36.74
C CYS D 234 -23.67 11.37 -36.19
N PHE D 235 -23.31 11.30 -34.90
CA PHE D 235 -23.11 10.05 -34.19
C PHE D 235 -23.86 10.11 -32.87
N ILE D 236 -24.54 9.02 -32.53
CA ILE D 236 -25.30 8.91 -31.28
C ILE D 236 -24.65 7.85 -30.41
N PHE D 237 -24.52 8.15 -29.12
CA PHE D 237 -23.93 7.23 -28.15
C PHE D 237 -25.00 6.79 -27.15
N ASP D 238 -24.83 5.57 -26.63
CA ASP D 238 -25.77 4.98 -25.68
C ASP D 238 -25.00 4.56 -24.43
N LEU D 239 -25.52 4.94 -23.27
CA LEU D 239 -24.93 4.56 -22.00
C LEU D 239 -25.97 3.89 -21.09
N PRO D 259 -19.34 -3.48 -23.52
CA PRO D 259 -20.64 -3.27 -24.14
C PRO D 259 -20.52 -2.84 -25.61
N GLU D 260 -21.65 -2.50 -26.23
CA GLU D 260 -21.67 -2.03 -27.61
C GLU D 260 -21.29 -0.56 -27.72
N PHE D 261 -21.00 0.12 -26.61
CA PHE D 261 -20.63 1.52 -26.66
C PHE D 261 -19.27 1.73 -27.33
N VAL D 262 -18.38 0.75 -27.23
CA VAL D 262 -17.07 0.89 -27.87
C VAL D 262 -17.19 0.75 -29.37
N GLN D 263 -18.16 -0.03 -29.86
CA GLN D 263 -18.32 -0.21 -31.29
C GLN D 263 -18.81 1.07 -31.97
N GLN D 264 -19.84 1.69 -31.40
CA GLN D 264 -20.36 2.94 -31.96
C GLN D 264 -19.42 4.11 -31.75
N VAL D 265 -18.42 3.99 -30.86
CA VAL D 265 -17.47 5.06 -30.63
C VAL D 265 -16.22 4.93 -31.50
N THR D 266 -15.94 3.73 -32.02
CA THR D 266 -14.83 3.55 -32.94
C THR D 266 -15.21 3.84 -34.39
N GLU D 267 -16.50 3.74 -34.74
CA GLU D 267 -16.94 4.22 -36.04
C GLU D 267 -16.75 5.72 -36.16
N PHE D 268 -16.89 6.44 -35.04
CA PHE D 268 -16.58 7.87 -35.03
C PHE D 268 -15.08 8.11 -35.27
N CYS D 269 -14.22 7.25 -34.72
CA CYS D 269 -12.79 7.40 -34.94
C CYS D 269 -12.40 7.01 -36.36
N SER D 270 -13.00 5.94 -36.88
CA SER D 270 -12.72 5.55 -38.27
C SER D 270 -13.22 6.60 -39.25
N TYR D 271 -14.26 7.35 -38.89
CA TYR D 271 -14.72 8.44 -39.74
C TYR D 271 -13.72 9.60 -39.72
N ILE D 272 -13.27 9.99 -38.52
CA ILE D 272 -12.34 11.11 -38.41
C ILE D 272 -11.02 10.78 -39.10
N PHE D 273 -10.54 9.55 -38.95
CA PHE D 273 -9.25 9.17 -39.52
C PHE D 273 -9.29 9.12 -41.04
N SER D 274 -10.44 8.78 -41.62
CA SER D 274 -10.53 8.57 -43.06
C SER D 274 -11.15 9.75 -43.82
N HIS D 275 -11.86 10.65 -43.13
CA HIS D 275 -12.54 11.76 -43.78
C HIS D 275 -11.87 13.10 -43.57
N SER D 276 -11.38 13.38 -42.36
CA SER D 276 -10.82 14.69 -42.07
C SER D 276 -9.60 14.96 -42.94
N MET D 277 -9.58 16.13 -43.57
CA MET D 277 -8.54 16.52 -44.50
C MET D 277 -7.52 17.43 -43.83
N THR D 278 -6.43 17.68 -44.55
CA THR D 278 -5.41 18.62 -44.08
C THR D 278 -5.98 20.03 -44.02
N LYS D 279 -5.66 20.75 -42.95
CA LYS D 279 -6.15 22.11 -42.80
C LYS D 279 -5.58 22.99 -43.90
N THR D 280 -6.44 23.80 -44.51
CA THR D 280 -6.05 24.66 -45.61
C THR D 280 -6.48 26.09 -45.34
N LEU D 281 -5.87 27.01 -46.07
CA LEU D 281 -6.20 28.42 -46.06
C LEU D 281 -6.70 28.83 -47.43
N PRO D 282 -7.50 29.92 -47.51
CA PRO D 282 -8.03 30.35 -48.80
C PRO D 282 -6.96 30.57 -49.86
N GLY D 283 -6.95 29.73 -50.88
CA GLY D 283 -5.94 29.80 -51.93
C GLY D 283 -5.16 28.51 -52.07
N GLY D 284 -5.70 27.43 -51.50
CA GLY D 284 -5.04 26.13 -51.61
C GLY D 284 -3.73 26.06 -50.88
N ILE D 285 -3.64 26.66 -49.70
CA ILE D 285 -2.42 26.69 -48.91
C ILE D 285 -2.50 25.61 -47.84
N MET D 286 -1.70 24.56 -47.99
CA MET D 286 -1.63 23.53 -46.97
C MET D 286 -0.94 24.07 -45.72
N VAL D 287 -1.47 23.70 -44.56
CA VAL D 287 -0.98 24.18 -43.27
C VAL D 287 -0.23 23.06 -42.58
N ASN D 288 0.96 23.36 -42.07
CA ASN D 288 1.74 22.43 -41.27
C ASN D 288 1.86 22.98 -39.84
N GLY D 289 2.69 22.32 -39.03
CA GLY D 289 2.84 22.75 -37.65
C GLY D 289 3.37 24.15 -37.51
N SER D 290 4.28 24.55 -38.41
CA SER D 290 4.84 25.90 -38.35
C SER D 290 3.78 26.94 -38.70
N ARG D 291 3.00 26.69 -39.76
CA ARG D 291 2.01 27.68 -40.17
C ARG D 291 0.83 27.74 -39.21
N LEU D 292 0.52 26.62 -38.55
CA LEU D 292 -0.53 26.65 -37.53
C LEU D 292 -0.12 27.50 -36.34
N LYS D 293 1.18 27.54 -36.03
CA LYS D 293 1.68 28.36 -34.94
C LYS D 293 1.42 29.84 -35.20
N ASN D 294 1.61 30.28 -36.45
CA ASN D 294 1.36 31.68 -36.78
C ASN D 294 -0.13 31.99 -36.88
N LEU D 295 -0.95 31.00 -37.23
CA LEU D 295 -2.39 31.20 -37.21
C LEU D 295 -2.88 31.46 -35.80
N VAL D 296 -2.34 30.73 -34.83
CA VAL D 296 -2.73 30.92 -33.43
C VAL D 296 -2.36 32.33 -32.98
N LEU D 297 -1.12 32.74 -33.26
CA LEU D 297 -0.66 34.05 -32.78
C LEU D 297 -1.41 35.19 -33.44
N THR D 298 -1.75 35.06 -34.72
CA THR D 298 -2.49 36.13 -35.39
C THR D 298 -3.92 36.21 -34.90
N TYR D 299 -4.59 35.06 -34.75
CA TYR D 299 -5.98 35.07 -34.30
C TYR D 299 -6.08 35.50 -32.84
N VAL D 300 -5.20 35.01 -31.98
CA VAL D 300 -5.24 35.39 -30.57
C VAL D 300 -4.92 36.87 -30.41
N ASN D 301 -3.91 37.36 -31.14
CA ASN D 301 -3.60 38.78 -31.09
C ASN D 301 -4.79 39.63 -31.53
N ALA D 302 -5.47 39.21 -32.60
CA ALA D 302 -6.62 39.97 -33.08
C ALA D 302 -7.77 39.97 -32.06
N ILE D 303 -8.03 38.81 -31.45
CA ILE D 303 -9.09 38.73 -30.45
C ILE D 303 -8.72 39.53 -29.20
N SER D 304 -7.48 39.41 -28.76
CA SER D 304 -7.04 40.09 -27.54
C SER D 304 -6.76 41.56 -27.76
N SER D 305 -6.59 42.01 -29.01
CA SER D 305 -6.29 43.41 -29.25
C SER D 305 -7.47 44.31 -28.94
N GLY D 306 -8.69 43.85 -29.19
CA GLY D 306 -9.85 44.62 -28.85
C GLY D 306 -11.02 44.27 -29.77
N ASP D 307 -11.69 45.32 -30.24
CA ASP D 307 -12.95 45.15 -30.98
C ASP D 307 -12.74 44.52 -32.35
N LEU D 308 -11.52 44.51 -32.87
CA LEU D 308 -11.26 43.92 -34.18
C LEU D 308 -11.43 42.40 -34.09
N PRO D 309 -12.30 41.85 -34.93
CA PRO D 309 -12.55 40.40 -34.97
C PRO D 309 -11.54 39.71 -35.87
N CYS D 310 -11.79 38.45 -36.16
CA CYS D 310 -10.88 37.63 -36.95
C CYS D 310 -11.14 37.85 -38.43
N ILE D 311 -10.05 37.95 -39.19
CA ILE D 311 -10.13 38.21 -40.62
C ILE D 311 -8.98 37.47 -41.31
N GLU D 312 -8.95 37.52 -42.64
CA GLU D 312 -7.89 36.85 -43.41
C GLU D 312 -6.69 37.75 -43.65
N ASN D 313 -6.38 38.64 -42.71
CA ASN D 313 -5.04 39.22 -42.65
C ASN D 313 -4.03 38.23 -42.10
N ALA D 314 -4.48 37.07 -41.63
CA ALA D 314 -3.57 36.05 -41.13
C ALA D 314 -2.75 35.43 -42.26
N VAL D 315 -3.38 35.19 -43.41
CA VAL D 315 -2.64 34.66 -44.55
C VAL D 315 -1.68 35.71 -45.09
N LEU D 316 -2.00 36.99 -44.92
CA LEU D 316 -1.06 38.05 -45.30
C LEU D 316 0.08 38.14 -44.28
N ALA D 317 -0.23 37.98 -42.99
CA ALA D 317 0.80 38.00 -41.97
C ALA D 317 1.65 36.73 -42.00
N LEU D 318 1.06 35.61 -42.42
CA LEU D 318 1.84 34.39 -42.57
C LEU D 318 2.84 34.52 -43.70
N ALA D 319 2.46 35.20 -44.79
CA ALA D 319 3.39 35.43 -45.89
C ALA D 319 4.50 36.38 -45.46
N GLN D 320 4.17 37.38 -44.65
CA GLN D 320 5.18 38.31 -44.16
C GLN D 320 6.24 37.59 -43.33
N ARG D 321 5.83 36.58 -42.57
CA ARG D 321 6.78 35.87 -41.70
C ARG D 321 7.66 34.93 -42.50
N GLU D 322 7.10 34.19 -43.46
CA GLU D 322 7.89 33.24 -44.24
C GLU D 322 8.76 33.94 -45.28
N ASN D 323 8.29 35.04 -45.87
CA ASN D 323 9.11 35.75 -46.84
C ASN D 323 10.31 36.40 -46.18
N SER D 324 10.12 37.01 -45.01
CA SER D 324 11.25 37.59 -44.28
C SER D 324 12.18 36.51 -43.74
N ALA D 325 11.68 35.29 -43.53
CA ALA D 325 12.56 34.20 -43.12
C ALA D 325 13.39 33.68 -44.29
N ALA D 326 12.84 33.75 -45.51
CA ALA D 326 13.59 33.28 -46.67
C ALA D 326 14.79 34.18 -46.97
N VAL D 327 14.62 35.50 -46.85
CA VAL D 327 15.73 36.40 -47.09
C VAL D 327 16.81 36.25 -46.02
N GLN D 328 16.46 35.75 -44.84
CA GLN D 328 17.46 35.51 -43.81
C GLN D 328 18.18 34.19 -44.04
N LYS D 329 17.46 33.17 -44.51
CA LYS D 329 18.13 31.93 -44.89
C LYS D 329 19.00 32.12 -46.12
N ALA D 330 18.67 33.09 -46.97
CA ALA D 330 19.50 33.37 -48.14
C ALA D 330 20.79 34.07 -47.75
N ILE D 331 20.69 35.10 -46.90
CA ILE D 331 21.89 35.80 -46.43
C ILE D 331 22.77 34.86 -45.62
N ALA D 332 22.16 33.98 -44.83
CA ALA D 332 22.94 33.03 -44.05
C ALA D 332 23.70 32.07 -44.96
N HIS D 333 23.08 31.64 -46.05
CA HIS D 333 23.78 30.75 -46.98
C HIS D 333 24.91 31.50 -47.70
N TYR D 334 24.65 32.73 -48.12
CA TYR D 334 25.69 33.52 -48.77
C TYR D 334 26.86 33.78 -47.83
N ASP D 335 26.57 34.13 -46.58
CA ASP D 335 27.64 34.43 -45.63
C ASP D 335 28.49 33.20 -45.32
N GLN D 336 27.89 32.02 -45.28
CA GLN D 336 28.65 30.81 -44.99
C GLN D 336 29.61 30.48 -46.13
N GLN D 337 29.12 30.50 -47.37
CA GLN D 337 29.96 30.16 -48.51
C GLN D 337 31.06 31.21 -48.70
N MET D 338 30.67 32.49 -48.72
CA MET D 338 31.67 33.55 -48.85
C MET D 338 32.60 33.63 -47.64
N GLY D 339 32.17 33.12 -46.49
CA GLY D 339 33.00 33.13 -45.31
C GLY D 339 34.06 32.05 -45.32
N GLN D 340 33.70 30.87 -45.85
CA GLN D 340 34.59 29.72 -45.82
C GLN D 340 35.42 29.55 -47.09
N LYS D 341 35.08 30.26 -48.17
CA LYS D 341 35.76 30.06 -49.45
C LYS D 341 36.83 31.12 -49.76
N VAL D 342 36.66 32.34 -49.27
CA VAL D 342 37.59 33.42 -49.59
C VAL D 342 38.63 33.53 -48.49
N GLN D 343 39.75 34.18 -48.81
CA GLN D 343 40.81 34.40 -47.84
C GLN D 343 41.50 35.75 -48.08
N PRO D 345 43.25 38.42 -48.74
CA PRO D 345 43.94 38.84 -49.97
C PRO D 345 43.80 37.80 -51.08
N MET D 346 42.92 38.05 -52.05
CA MET D 346 42.69 37.13 -53.15
C MET D 346 43.76 37.28 -54.22
N GLU D 347 43.95 36.20 -54.99
CA GLU D 347 44.93 36.21 -56.07
C GLU D 347 44.55 37.25 -57.13
N THR D 348 43.36 37.11 -57.71
CA THR D 348 42.87 38.02 -58.73
C THR D 348 41.47 38.52 -58.34
N LEU D 349 41.13 39.69 -58.87
CA LEU D 349 39.80 40.23 -58.62
C LEU D 349 38.71 39.37 -59.23
N GLN D 350 39.01 38.69 -60.33
CA GLN D 350 37.99 37.88 -61.01
C GLN D 350 37.61 36.67 -60.16
N GLU D 351 38.58 36.04 -59.50
CA GLU D 351 38.27 34.89 -58.67
C GLU D 351 37.37 35.27 -57.50
N LEU D 352 37.53 36.48 -56.96
CA LEU D 352 36.63 36.96 -55.92
C LEU D 352 35.24 37.21 -56.47
N LEU D 353 35.15 37.74 -57.69
CA LEU D 353 33.85 37.97 -58.31
C LEU D 353 33.17 36.66 -58.70
N ASP D 354 33.96 35.65 -59.09
CA ASP D 354 33.38 34.35 -59.42
C ASP D 354 32.80 33.67 -58.17
N LEU D 355 33.48 33.82 -57.04
CA LEU D 355 32.95 33.26 -55.79
C LEU D 355 31.67 33.98 -55.36
N HIS D 356 31.63 35.30 -55.52
CA HIS D 356 30.42 36.04 -55.20
C HIS D 356 29.27 35.63 -56.11
N ALA D 357 29.56 35.45 -57.40
CA ALA D 357 28.52 35.06 -58.35
C ALA D 357 27.94 33.69 -58.01
N THR D 358 28.81 32.73 -57.65
CA THR D 358 28.34 31.40 -57.30
C THR D 358 27.49 31.45 -56.03
N SER D 359 27.97 32.16 -55.01
CA SER D 359 27.22 32.26 -53.77
C SER D 359 25.94 33.07 -53.93
N GLU D 360 25.92 34.00 -54.90
CA GLU D 360 24.73 34.82 -55.10
C GLU D 360 23.59 34.01 -55.69
N ARG D 361 23.87 33.24 -56.76
CA ARG D 361 22.81 32.46 -57.39
C ARG D 361 22.30 31.36 -56.47
N GLU D 362 23.17 30.79 -55.64
CA GLU D 362 22.71 29.80 -54.66
C GLU D 362 21.84 30.46 -53.59
N ALA D 363 22.19 31.69 -53.19
CA ALA D 363 21.37 32.39 -52.20
C ALA D 363 20.03 32.82 -52.77
N ILE D 364 19.98 33.19 -54.05
CA ILE D 364 18.70 33.55 -54.65
C ILE D 364 17.79 32.33 -54.75
N GLU D 365 18.37 31.16 -55.00
CA GLU D 365 17.56 29.95 -55.12
C GLU D 365 16.92 29.57 -53.79
N VAL D 366 17.70 29.56 -52.70
CA VAL D 366 17.15 29.20 -51.41
C VAL D 366 16.09 30.20 -50.95
N PHE D 367 16.08 31.39 -51.53
CA PHE D 367 14.99 32.33 -51.26
C PHE D 367 13.73 31.94 -52.00
N MET D 368 13.85 31.67 -53.32
CA MET D 368 12.67 31.32 -54.11
C MET D 368 12.08 29.98 -53.69
N LYS D 369 12.90 29.07 -53.17
CA LYS D 369 12.40 27.80 -52.67
C LYS D 369 11.73 27.94 -51.31
N ASN D 370 11.94 29.05 -50.60
CA ASN D 370 11.35 29.27 -49.29
C ASN D 370 10.34 30.41 -49.26
N SER D 371 10.31 31.26 -50.27
CA SER D 371 9.30 32.32 -50.32
C SER D 371 7.92 31.73 -50.55
N PHE D 372 6.90 32.46 -50.12
CA PHE D 372 5.52 32.00 -50.20
C PHE D 372 4.63 33.18 -50.60
N LYS D 373 4.16 33.16 -51.84
CA LYS D 373 3.27 34.18 -52.39
C LYS D 373 3.85 35.58 -52.16
N ASP D 374 4.96 35.83 -52.83
CA ASP D 374 5.67 37.10 -52.73
C ASP D 374 5.05 38.09 -53.70
N VAL D 375 4.18 38.96 -53.19
CA VAL D 375 3.56 39.99 -54.01
C VAL D 375 4.52 41.16 -54.18
N ASP D 376 4.52 41.74 -55.38
CA ASP D 376 5.35 42.90 -55.72
C ASP D 376 6.84 42.58 -55.72
N GLN D 377 7.20 41.36 -55.30
CA GLN D 377 8.60 40.92 -55.23
C GLN D 377 9.45 41.89 -54.41
N SER D 378 8.84 42.51 -53.41
CA SER D 378 9.56 43.48 -52.59
C SER D 378 10.64 42.83 -51.75
N PHE D 379 10.45 41.54 -51.41
CA PHE D 379 11.45 40.85 -50.61
C PHE D 379 12.67 40.43 -51.44
N GLN D 380 12.47 40.11 -52.72
CA GLN D 380 13.60 39.75 -53.56
C GLN D 380 14.42 40.98 -53.95
N LYS D 381 13.75 42.09 -54.29
CA LYS D 381 14.47 43.28 -54.70
C LYS D 381 15.26 43.89 -53.54
N GLU D 382 14.84 43.65 -52.29
CA GLU D 382 15.64 44.07 -51.16
C GLU D 382 16.73 43.08 -50.82
N LEU D 383 16.56 41.81 -51.21
CA LEU D 383 17.64 40.84 -51.08
C LEU D 383 18.71 41.05 -52.15
N GLU D 384 18.31 41.49 -53.35
CA GLU D 384 19.28 41.78 -54.39
C GLU D 384 20.16 42.96 -54.02
N THR D 385 19.55 43.99 -53.41
CA THR D 385 20.33 45.17 -53.01
C THR D 385 21.25 44.85 -51.84
N LEU D 386 20.85 43.93 -50.96
CA LEU D 386 21.73 43.54 -49.86
C LEU D 386 22.92 42.74 -50.36
N LEU D 387 22.71 41.88 -51.36
CA LEU D 387 23.81 41.13 -51.95
C LEU D 387 24.71 42.04 -52.77
N ASP D 388 24.15 43.07 -53.41
CA ASP D 388 24.98 44.02 -54.13
C ASP D 388 25.86 44.81 -53.17
N ALA D 389 25.35 45.11 -51.97
CA ALA D 389 26.17 45.76 -50.96
C ALA D 389 27.26 44.82 -50.46
N LYS D 390 26.96 43.53 -50.35
CA LYS D 390 27.97 42.56 -49.92
C LYS D 390 29.12 42.49 -50.92
N GLN D 391 28.81 42.61 -52.22
CA GLN D 391 29.86 42.56 -53.24
C GLN D 391 30.80 43.74 -53.10
N ASN D 392 30.25 44.96 -53.04
CA ASN D 392 31.09 46.16 -52.93
C ASN D 392 31.83 46.22 -51.61
N ASP D 393 31.35 45.54 -50.57
CA ASP D 393 32.02 45.58 -49.28
C ASP D 393 33.25 44.69 -49.27
N ILE D 394 33.12 43.46 -49.77
CA ILE D 394 34.26 42.54 -49.73
C ILE D 394 35.33 42.95 -50.74
N CYS D 395 34.93 43.63 -51.82
CA CYS D 395 35.93 44.16 -52.75
C CYS D 395 36.73 45.29 -52.11
N LYS D 396 36.09 46.09 -51.27
CA LYS D 396 36.82 47.12 -50.54
C LYS D 396 37.71 46.51 -49.47
N ARG D 397 37.22 45.47 -48.78
CA ARG D 397 38.04 44.82 -47.76
C ARG D 397 39.17 44.01 -48.39
N ASN D 398 38.99 43.56 -49.64
CA ASN D 398 40.06 42.86 -50.33
C ASN D 398 41.16 43.81 -50.78
N LEU D 399 40.78 44.99 -51.29
CA LEU D 399 41.79 45.99 -51.67
C LEU D 399 42.54 46.49 -50.45
N GLU D 400 41.83 46.75 -49.35
CA GLU D 400 42.49 47.21 -48.14
C GLU D 400 43.38 46.13 -47.54
N ALA D 401 43.03 44.85 -47.75
CA ALA D 401 43.88 43.78 -47.24
C ALA D 401 45.14 43.63 -48.07
N SER D 402 45.08 43.97 -49.36
CA SER D 402 46.26 43.88 -50.22
C SER D 402 47.23 45.01 -49.94
N SER D 403 46.72 46.25 -49.87
CA SER D 403 47.60 47.40 -49.67
C SER D 403 48.22 47.40 -48.27
N ASP D 404 47.54 46.80 -47.28
CA ASP D 404 48.11 46.74 -45.94
C ASP D 404 49.22 45.70 -45.84
N TYR D 405 49.14 44.63 -46.63
CA TYR D 405 50.16 43.60 -46.61
C TYR D 405 51.38 44.00 -47.43
N CYS D 406 51.15 44.65 -48.58
CA CYS D 406 52.27 45.07 -49.41
C CYS D 406 53.06 46.20 -48.77
N SER D 407 52.36 47.11 -48.07
CA SER D 407 53.05 48.19 -47.37
C SER D 407 53.92 47.63 -46.24
N ALA D 408 53.51 46.53 -45.61
CA ALA D 408 54.33 45.91 -44.60
C ALA D 408 55.55 45.21 -45.19
N LEU D 409 55.42 44.70 -46.42
CA LEU D 409 56.57 44.07 -47.07
C LEU D 409 57.62 45.11 -47.46
N LEU D 410 57.18 46.30 -47.90
CA LEU D 410 58.13 47.33 -48.29
C LEU D 410 58.92 47.86 -47.10
N LYS D 411 58.26 47.97 -45.94
CA LYS D 411 58.95 48.43 -44.75
C LYS D 411 59.97 47.42 -44.23
N ASP D 412 59.87 46.17 -44.65
CA ASP D 412 60.81 45.13 -44.23
C ASP D 412 61.81 44.76 -45.31
N ILE D 413 61.45 44.86 -46.59
CA ILE D 413 62.38 44.55 -47.66
C ILE D 413 63.28 45.74 -47.95
N PHE D 414 62.68 46.92 -48.11
CA PHE D 414 63.43 48.16 -48.34
C PHE D 414 63.83 48.86 -47.05
N GLY D 415 63.45 48.32 -45.90
CA GLY D 415 63.81 48.89 -44.62
C GLY D 415 65.31 49.01 -44.42
N PRO D 416 66.04 47.91 -44.54
CA PRO D 416 67.51 47.99 -44.42
C PRO D 416 68.16 48.90 -45.44
N LEU D 417 67.58 49.03 -46.63
CA LEU D 417 68.21 49.85 -47.66
C LEU D 417 68.04 51.33 -47.37
N GLU D 418 66.82 51.75 -46.98
CA GLU D 418 66.60 53.16 -46.69
C GLU D 418 67.30 53.60 -45.41
N GLU D 419 67.55 52.67 -44.49
CA GLU D 419 68.34 52.98 -43.31
C GLU D 419 69.83 52.90 -43.56
N ALA D 420 70.24 52.19 -44.61
CA ALA D 420 71.66 52.17 -44.98
C ALA D 420 72.08 53.50 -45.59
N VAL D 421 71.28 54.01 -46.53
CA VAL D 421 71.61 55.27 -47.20
C VAL D 421 71.58 56.45 -46.24
N LYS D 422 70.83 56.34 -45.13
CA LYS D 422 70.87 57.40 -44.13
C LYS D 422 72.23 57.46 -43.43
N GLN D 423 72.98 56.36 -43.45
CA GLN D 423 74.36 56.34 -42.99
C GLN D 423 75.30 56.51 -44.16
N GLY D 424 76.57 56.78 -43.85
CA GLY D 424 77.57 57.02 -44.88
C GLY D 424 77.79 55.83 -45.79
N ILE D 425 77.13 55.83 -46.95
CA ILE D 425 77.26 54.73 -47.91
C ILE D 425 76.78 55.25 -49.26
N TYR D 426 77.11 54.50 -50.32
CA TYR D 426 76.77 54.86 -51.69
C TYR D 426 77.28 56.25 -52.04
N SER D 427 78.55 56.49 -51.72
CA SER D 427 79.20 57.77 -52.00
C SER D 427 80.47 57.59 -52.82
N LYS D 428 80.63 56.45 -53.47
CA LYS D 428 81.82 56.18 -54.28
C LYS D 428 81.62 56.63 -55.72
N GLY D 431 78.52 55.88 -55.92
CA GLY D 431 78.01 54.56 -56.22
C GLY D 431 76.52 54.55 -56.53
N HIS D 432 76.10 55.46 -57.42
CA HIS D 432 74.69 55.52 -57.81
C HIS D 432 74.30 54.30 -58.63
N ASN D 433 75.17 53.90 -59.59
CA ASN D 433 74.90 52.69 -60.35
C ASN D 433 74.93 51.45 -59.47
N LEU D 434 75.59 51.51 -58.32
CA LEU D 434 75.53 50.41 -57.36
C LEU D 434 74.25 50.47 -56.53
N PHE D 435 73.68 51.66 -56.35
CA PHE D 435 72.45 51.80 -55.58
C PHE D 435 71.25 51.31 -56.39
N ILE D 436 71.21 51.61 -57.68
CA ILE D 436 70.08 51.17 -58.49
C ILE D 436 70.10 49.66 -58.68
N GLN D 437 71.28 49.04 -58.67
CA GLN D 437 71.36 47.58 -58.74
C GLN D 437 70.83 46.94 -57.47
N LYS D 438 71.00 47.60 -56.32
CA LYS D 438 70.46 47.07 -55.08
C LYS D 438 68.95 47.20 -55.02
N THR D 439 68.39 48.25 -55.61
CA THR D 439 66.95 48.41 -55.64
C THR D 439 66.28 47.36 -56.52
N GLU D 440 66.89 47.06 -57.67
CA GLU D 440 66.32 46.06 -58.57
C GLU D 440 66.30 44.67 -57.95
N GLU D 441 67.28 44.37 -57.09
CA GLU D 441 67.30 43.07 -56.42
C GLU D 441 66.22 43.01 -55.33
N LEU D 442 66.01 44.11 -54.62
CA LEU D 442 64.96 44.13 -53.61
C LEU D 442 63.58 44.14 -54.25
N LYS D 443 63.44 44.75 -55.44
CA LYS D 443 62.19 44.63 -56.17
C LYS D 443 61.95 43.22 -56.66
N ALA D 444 63.02 42.46 -56.91
CA ALA D 444 62.87 41.05 -57.26
C ALA D 444 62.39 40.24 -56.06
N LYS D 445 62.91 40.54 -54.87
CA LYS D 445 62.45 39.86 -53.67
C LYS D 445 61.01 40.25 -53.33
N TYR D 446 60.63 41.49 -53.62
CA TYR D 446 59.25 41.91 -53.40
C TYR D 446 58.29 41.21 -54.36
N TYR D 447 58.73 41.00 -55.61
CA TYR D 447 57.87 40.31 -56.58
C TYR D 447 57.83 38.82 -56.32
N ARG D 448 58.88 38.27 -55.70
CA ARG D 448 58.92 36.83 -55.42
C ARG D 448 58.17 36.47 -54.15
N GLU D 449 57.71 37.45 -53.38
CA GLU D 449 56.94 37.14 -52.18
C GLU D 449 55.60 36.53 -52.56
N PRO D 450 55.15 35.50 -51.85
CA PRO D 450 53.88 34.85 -52.19
C PRO D 450 52.69 35.48 -51.47
N ARG D 451 51.52 35.29 -52.09
CA ARG D 451 50.24 35.68 -51.49
C ARG D 451 50.16 37.18 -51.22
N LYS D 452 50.56 37.97 -52.21
CA LYS D 452 50.35 39.41 -52.19
C LYS D 452 49.20 39.76 -53.12
N GLY D 453 48.35 40.67 -52.68
CA GLY D 453 47.09 40.95 -53.35
C GLY D 453 47.27 41.62 -54.71
N ILE D 454 46.13 42.05 -55.25
CA ILE D 454 46.12 42.64 -56.59
C ILE D 454 46.62 44.08 -56.62
N GLN D 455 46.85 44.69 -55.44
CA GLN D 455 47.37 46.04 -55.36
C GLN D 455 48.90 46.07 -55.23
N ALA D 456 49.57 44.96 -55.55
CA ALA D 456 51.02 44.88 -55.34
C ALA D 456 51.77 45.82 -56.27
N GLU D 457 51.35 45.92 -57.53
CA GLU D 457 52.06 46.76 -58.49
C GLU D 457 51.90 48.25 -58.17
N GLU D 458 50.74 48.64 -57.62
CA GLU D 458 50.52 50.05 -57.34
C GLU D 458 51.30 50.51 -56.11
N VAL D 459 51.33 49.68 -55.05
CA VAL D 459 52.01 50.07 -53.83
C VAL D 459 53.51 50.22 -54.06
N LEU D 460 54.09 49.36 -54.91
CA LEU D 460 55.52 49.44 -55.20
C LEU D 460 55.86 50.72 -55.95
N GLN D 461 55.13 50.99 -57.04
CA GLN D 461 55.41 52.20 -57.82
C GLN D 461 55.12 53.46 -57.01
N LYS D 462 54.12 53.42 -56.13
CA LYS D 462 53.87 54.55 -55.25
C LYS D 462 55.02 54.78 -54.29
N TYR D 463 55.66 53.70 -53.82
CA TYR D 463 56.79 53.83 -52.93
C TYR D 463 58.05 54.27 -53.69
N LEU D 464 58.24 53.76 -54.91
CA LEU D 464 59.45 54.09 -55.67
C LEU D 464 59.47 55.55 -56.07
N LYS D 465 58.31 56.13 -56.42
CA LYS D 465 58.27 57.53 -56.81
C LYS D 465 58.59 58.45 -55.64
N SER D 466 58.35 57.99 -54.41
CA SER D 466 58.71 58.75 -53.22
C SER D 466 60.19 58.65 -52.90
N LYS D 467 60.92 57.76 -53.57
CA LYS D 467 62.36 57.61 -53.36
C LYS D 467 63.18 58.19 -54.50
N GLU D 468 62.53 58.89 -55.44
CA GLU D 468 63.29 59.54 -56.50
C GLU D 468 64.17 60.66 -55.97
N SER D 469 63.77 61.28 -54.85
CA SER D 469 64.56 62.36 -54.29
C SER D 469 65.91 61.86 -53.79
N VAL D 470 65.91 60.77 -53.01
CA VAL D 470 67.17 60.23 -52.54
C VAL D 470 67.94 59.56 -53.68
N SER D 471 67.24 59.09 -54.70
CA SER D 471 67.91 58.53 -55.86
C SER D 471 68.68 59.59 -56.63
N HIS D 472 68.12 60.80 -56.72
CA HIS D 472 68.83 61.90 -57.36
C HIS D 472 69.93 62.45 -56.46
N ALA D 473 69.76 62.36 -55.14
CA ALA D 473 70.79 62.85 -54.23
C ALA D 473 72.02 61.97 -54.29
N ILE D 474 71.85 60.65 -54.36
CA ILE D 474 72.99 59.76 -54.48
C ILE D 474 73.71 59.99 -55.80
N LEU D 475 72.97 60.27 -56.87
CA LEU D 475 73.59 60.52 -58.17
C LEU D 475 74.38 61.82 -58.16
N GLN D 476 73.83 62.87 -57.55
CA GLN D 476 74.53 64.15 -57.51
C GLN D 476 75.80 64.07 -56.68
N THR D 477 75.78 63.31 -55.58
CA THR D 477 76.97 63.15 -54.77
C THR D 477 77.99 62.25 -55.46
N ASP D 478 77.53 61.17 -56.09
CA ASP D 478 78.44 60.29 -56.82
C ASP D 478 79.15 61.04 -57.94
N GLN D 479 78.42 61.91 -58.64
CA GLN D 479 79.05 62.76 -59.65
C GLN D 479 79.87 63.87 -59.02
N ALA D 480 79.59 64.24 -57.77
CA ALA D 480 80.38 65.29 -57.12
C ALA D 480 81.76 64.79 -56.76
N LEU D 481 81.90 63.50 -56.43
CA LEU D 481 83.21 62.91 -56.15
C LEU D 481 83.96 62.53 -57.43
N THR D 482 83.54 63.05 -58.58
CA THR D 482 84.18 62.78 -59.87
C THR D 482 84.31 61.29 -60.13
#